data_8GJA
#
_entry.id   8GJA
#
_cell.length_a   65.940
_cell.length_b   112.300
_cell.length_c   259.500
_cell.angle_alpha   90.00
_cell.angle_beta   90.00
_cell.angle_gamma   90.00
#
_symmetry.space_group_name_H-M   'P 21 21 21'
#
loop_
_entity.id
_entity.type
_entity.pdbx_description
1 polymer RAD51C
2 polymer XRCC3
3 non-polymer "ADENOSINE-5'-DIPHOSPHATE"
4 non-polymer 'BERYLLIUM TRIFLUORIDE ION'
5 water water
#
loop_
_entity_poly.entity_id
_entity_poly.type
_entity_poly.pdbx_seq_one_letter_code
_entity_poly.pdbx_strand_id
1 'polypeptide(L)'
;KDERSQLSIVTFSEQLDQILGGGVPLTKITEICGAPGVGKTQLSMQLSVDVQIPKCFGGVEGQAIYIDTEGSFIVDRVVD
IATATVQHCQHIASIENNAEQADSMQSLTMESILEGIHYFRCHDYVQLLALVHTLPDFLKQHPQICLIVVDSIAFPFRHH
FEDYALRTRLLNGLAQSFIKLAVDFKLAVLLTNQMTTKISASQQETSHLIPALGESWGHSSTIRLILYWQEKSRYALLYK
SPSHKQISVPFQITTAGIRDVCPTSGDLISMDVGQEQAEHHHHHHHH
;
A,C,E
2 'polypeptide(L)'
;MDELDLNPRIIYSIKKAHLHDYGTILSLSAADIQRMTRLSASDVHQLQKTVAERIRRTPHTTAFHLHRRSGPAELNRDHL
TTGCQQLDSFLRGGILTRTLTEIAGESASGKTQLCMQLCLTVQLPEQMGGLGGGAVYICTEDVFPNKRLVQMISQLKQRA
HDVKVKDICFTDNIFIEHAAELDDLHYCVSKKVPVLLAQRHVKLIIIDSIAALFRCEHDSQSLQERARLMQLIASKLLQL
ANQFNVPAICVNQVSDVVEQHPSLLHQRKVIPTLGISWANHVTVRLMLMRTNYKLPVQQKNIEGDVIGSLDVQIRTMEVL
FAPHLPNSLCRFIVDQDGVKGLPAKLN
;
B,D,F
#
loop_
_chem_comp.id
_chem_comp.type
_chem_comp.name
_chem_comp.formula
ADP non-polymer ADENOSINE-5'-DIPHOSPHATE 'C10 H15 N5 O10 P2'
BEF non-polymer 'BERYLLIUM TRIFLUORIDE ION' 'Be F3 -1'
#
# COMPACT_ATOMS: atom_id res chain seq x y z
N LYS A 1 50.18 -29.89 43.83
CA LYS A 1 50.92 -29.57 45.04
C LYS A 1 50.41 -28.30 45.68
N ASP A 2 50.58 -27.19 44.96
CA ASP A 2 50.08 -25.90 45.43
C ASP A 2 48.56 -25.86 45.29
N GLU A 3 47.97 -24.75 45.73
CA GLU A 3 46.52 -24.62 45.72
C GLU A 3 45.99 -24.20 44.35
N ARG A 4 46.84 -23.66 43.47
CA ARG A 4 46.38 -23.26 42.15
C ARG A 4 46.20 -24.45 41.22
N SER A 5 47.03 -25.48 41.35
CA SER A 5 46.98 -26.64 40.47
C SER A 5 45.72 -27.48 40.65
N GLN A 6 44.92 -27.24 41.69
CA GLN A 6 43.70 -28.01 41.89
C GLN A 6 42.43 -27.18 41.71
N LEU A 7 42.56 -25.93 41.28
CA LEU A 7 41.37 -25.12 41.07
C LEU A 7 40.66 -25.54 39.79
N SER A 8 39.40 -25.12 39.67
CA SER A 8 38.60 -25.45 38.51
C SER A 8 37.83 -24.21 38.08
N ILE A 9 37.52 -24.13 36.79
CA ILE A 9 36.80 -23.00 36.21
C ILE A 9 35.35 -23.39 36.06
N VAL A 10 34.46 -22.62 36.69
CA VAL A 10 33.04 -22.93 36.64
C VAL A 10 32.50 -22.67 35.24
N THR A 11 31.44 -23.39 34.88
CA THR A 11 30.79 -23.24 33.59
C THR A 11 29.47 -22.49 33.68
N PHE A 12 29.06 -22.09 34.89
CA PHE A 12 27.76 -21.50 35.20
C PHE A 12 26.63 -22.51 35.09
N SER A 13 26.94 -23.77 34.80
CA SER A 13 26.01 -24.88 34.92
C SER A 13 26.53 -25.81 35.98
N GLU A 14 25.81 -25.91 37.10
CA GLU A 14 26.26 -26.77 38.19
C GLU A 14 26.21 -28.25 37.80
N GLN A 15 25.19 -28.65 37.04
CA GLN A 15 25.15 -30.02 36.51
C GLN A 15 26.41 -30.31 35.71
N LEU A 16 26.85 -29.35 34.91
CA LEU A 16 28.08 -29.49 34.15
C LEU A 16 29.29 -29.55 35.09
N ASP A 17 29.31 -28.72 36.12
CA ASP A 17 30.42 -28.71 37.06
C ASP A 17 30.52 -30.04 37.81
N GLN A 18 29.39 -30.73 38.04
CA GLN A 18 29.43 -32.04 38.66
C GLN A 18 30.30 -33.01 37.86
N ILE A 19 29.89 -33.32 36.63
CA ILE A 19 30.57 -34.33 35.84
C ILE A 19 32.01 -33.92 35.53
N LEU A 20 32.31 -32.63 35.55
CA LEU A 20 33.68 -32.15 35.37
C LEU A 20 34.51 -32.24 36.64
N GLY A 21 33.88 -32.53 37.78
CA GLY A 21 34.60 -32.55 39.03
C GLY A 21 34.74 -31.20 39.71
N GLY A 22 33.79 -30.30 39.49
CA GLY A 22 33.83 -28.97 40.05
C GLY A 22 34.05 -27.86 39.03
N GLY A 23 34.43 -28.21 37.81
CA GLY A 23 34.72 -27.22 36.80
C GLY A 23 35.75 -27.77 35.84
N VAL A 24 36.19 -26.90 34.93
CA VAL A 24 37.26 -27.27 34.00
C VAL A 24 38.57 -27.18 34.76
N PRO A 25 39.27 -28.30 34.96
CA PRO A 25 40.41 -28.31 35.89
C PRO A 25 41.65 -27.66 35.28
N LEU A 26 42.36 -26.90 36.11
CA LEU A 26 43.65 -26.40 35.70
C LEU A 26 44.65 -27.55 35.66
N THR A 27 45.71 -27.36 34.88
CA THR A 27 46.80 -28.31 34.67
C THR A 27 46.39 -29.55 33.88
N LYS A 28 45.18 -29.56 33.30
CA LYS A 28 44.71 -30.69 32.52
C LYS A 28 44.26 -30.20 31.15
N ILE A 29 43.99 -31.15 30.25
CA ILE A 29 43.40 -30.87 28.94
C ILE A 29 41.95 -31.33 28.97
N THR A 30 41.03 -30.43 28.63
CA THR A 30 39.62 -30.75 28.49
C THR A 30 39.21 -30.57 27.04
N GLU A 31 38.47 -31.54 26.50
CA GLU A 31 38.11 -31.55 25.10
C GLU A 31 36.59 -31.54 24.95
N ILE A 32 36.09 -30.67 24.07
CA ILE A 32 34.66 -30.50 23.83
C ILE A 32 34.39 -30.84 22.38
N CYS A 33 33.60 -31.89 22.16
CA CYS A 33 33.25 -32.34 20.82
C CYS A 33 31.75 -32.21 20.58
N GLY A 34 31.37 -32.01 19.32
CA GLY A 34 29.97 -31.92 18.99
C GLY A 34 29.68 -31.43 17.59
N ALA A 35 28.47 -31.71 17.09
CA ALA A 35 28.01 -31.25 15.80
C ALA A 35 27.94 -29.73 15.80
N PRO A 36 27.81 -29.07 14.65
CA PRO A 36 27.72 -27.61 14.65
C PRO A 36 26.49 -27.13 15.41
N GLY A 37 26.65 -25.99 16.09
CA GLY A 37 25.57 -25.35 16.80
C GLY A 37 25.23 -25.92 18.15
N VAL A 38 26.01 -26.88 18.66
CA VAL A 38 25.65 -27.50 19.93
C VAL A 38 26.15 -26.71 21.13
N GLY A 39 27.20 -25.89 20.97
CA GLY A 39 27.63 -25.03 22.05
C GLY A 39 29.11 -25.06 22.37
N LYS A 40 29.94 -25.57 21.46
CA LYS A 40 31.38 -25.61 21.71
C LYS A 40 31.94 -24.20 21.86
N THR A 41 31.57 -23.28 20.97
CA THR A 41 32.02 -21.91 21.10
C THR A 41 31.35 -21.21 22.27
N GLN A 42 30.07 -21.52 22.52
CA GLN A 42 29.38 -20.93 23.67
C GLN A 42 30.08 -21.30 24.98
N LEU A 43 30.44 -22.56 25.14
CA LEU A 43 31.13 -22.97 26.36
C LEU A 43 32.53 -22.37 26.42
N SER A 44 33.20 -22.25 25.27
CA SER A 44 34.51 -21.61 25.24
C SER A 44 34.43 -20.15 25.67
N MET A 45 33.43 -19.42 25.17
CA MET A 45 33.26 -18.02 25.60
C MET A 45 32.92 -17.94 27.08
N GLN A 46 32.04 -18.82 27.55
CA GLN A 46 31.65 -18.81 28.97
C GLN A 46 32.87 -19.00 29.88
N LEU A 47 33.71 -19.98 29.57
CA LEU A 47 34.89 -20.23 30.39
C LEU A 47 35.88 -19.08 30.32
N SER A 48 36.04 -18.46 29.15
CA SER A 48 36.89 -17.29 29.05
C SER A 48 36.40 -16.15 29.93
N VAL A 49 35.08 -16.08 30.16
CA VAL A 49 34.54 -15.11 31.10
C VAL A 49 34.66 -15.60 32.53
N ASP A 50 34.29 -16.87 32.77
CA ASP A 50 34.17 -17.37 34.14
C ASP A 50 35.52 -17.44 34.86
N VAL A 51 36.61 -17.65 34.11
CA VAL A 51 37.93 -17.73 34.73
C VAL A 51 38.32 -16.40 35.38
N GLN A 52 37.66 -15.31 35.01
CA GLN A 52 37.95 -14.00 35.55
C GLN A 52 37.13 -13.63 36.77
N ILE A 53 36.28 -14.53 37.26
CA ILE A 53 35.47 -14.22 38.45
C ILE A 53 36.39 -14.02 39.65
N PRO A 54 36.28 -12.91 40.37
CA PRO A 54 37.21 -12.66 41.47
C PRO A 54 37.13 -13.73 42.56
N LYS A 55 38.23 -13.87 43.30
CA LYS A 55 38.33 -14.89 44.33
C LYS A 55 37.31 -14.68 45.44
N CYS A 56 36.95 -13.42 45.72
CA CYS A 56 35.94 -13.14 46.74
C CYS A 56 34.54 -13.55 46.31
N PHE A 57 34.36 -14.01 45.07
CA PHE A 57 33.13 -14.66 44.64
C PHE A 57 33.33 -16.15 44.38
N GLY A 58 34.47 -16.70 44.79
CA GLY A 58 34.77 -18.10 44.57
C GLY A 58 35.38 -18.42 43.22
N GLY A 59 35.91 -17.42 42.52
CA GLY A 59 36.47 -17.64 41.21
C GLY A 59 38.00 -17.76 41.23
N VAL A 60 38.53 -18.12 40.07
CA VAL A 60 39.98 -18.26 39.92
C VAL A 60 40.63 -16.89 39.79
N GLU A 61 39.90 -15.90 39.28
CA GLU A 61 40.40 -14.54 39.08
C GLU A 61 41.67 -14.54 38.22
N GLY A 62 41.62 -15.25 37.10
CA GLY A 62 42.66 -15.24 36.11
C GLY A 62 42.22 -14.56 34.83
N GLN A 63 43.05 -14.72 33.80
CA GLN A 63 42.75 -14.21 32.47
C GLN A 63 42.77 -15.38 31.49
N ALA A 64 42.37 -15.10 30.25
CA ALA A 64 42.17 -16.15 29.26
C ALA A 64 42.88 -15.81 27.97
N ILE A 65 43.37 -16.85 27.29
CA ILE A 65 43.82 -16.77 25.91
C ILE A 65 42.79 -17.49 25.05
N TYR A 66 42.31 -16.81 24.01
CA TYR A 66 41.35 -17.39 23.09
C TYR A 66 42.03 -17.52 21.73
N ILE A 67 42.32 -18.75 21.33
CA ILE A 67 42.90 -19.04 20.02
C ILE A 67 41.76 -19.48 19.12
N ASP A 68 41.41 -18.62 18.17
CA ASP A 68 40.26 -18.83 17.28
C ASP A 68 40.79 -19.23 15.91
N THR A 69 40.54 -20.48 15.52
CA THR A 69 40.96 -20.99 14.23
C THR A 69 39.82 -21.06 13.22
N GLU A 70 38.58 -20.87 13.66
CA GLU A 70 37.42 -20.88 12.79
C GLU A 70 36.93 -19.48 12.44
N GLY A 71 37.16 -18.51 13.31
CA GLY A 71 36.65 -17.17 13.13
C GLY A 71 35.27 -16.91 13.69
N SER A 72 34.75 -17.82 14.53
CA SER A 72 33.41 -17.70 15.07
C SER A 72 33.36 -16.91 16.38
N PHE A 73 34.42 -16.21 16.74
CA PHE A 73 34.46 -15.41 17.96
C PHE A 73 33.89 -14.02 17.64
N ILE A 74 32.59 -13.87 17.84
CA ILE A 74 31.93 -12.58 17.68
C ILE A 74 31.87 -11.92 19.05
N VAL A 75 32.55 -10.78 19.18
CA VAL A 75 32.70 -10.13 20.49
C VAL A 75 31.36 -9.67 21.04
N ASP A 76 30.42 -9.30 20.17
CA ASP A 76 29.08 -8.91 20.64
C ASP A 76 28.44 -10.02 21.46
N ARG A 77 28.71 -11.28 21.13
CA ARG A 77 28.18 -12.38 21.93
C ARG A 77 28.87 -12.47 23.29
N VAL A 78 30.18 -12.26 23.33
CA VAL A 78 30.90 -12.28 24.60
C VAL A 78 30.38 -11.18 25.52
N VAL A 79 29.96 -10.05 24.96
CA VAL A 79 29.41 -8.97 25.78
C VAL A 79 28.15 -9.43 26.50
N ASP A 80 27.31 -10.22 25.82
CA ASP A 80 26.15 -10.82 26.46
C ASP A 80 26.58 -11.60 27.71
N ILE A 81 27.51 -12.53 27.53
CA ILE A 81 27.93 -13.41 28.62
C ILE A 81 28.65 -12.62 29.70
N ALA A 82 29.50 -11.67 29.30
CA ALA A 82 30.22 -10.85 30.28
C ALA A 82 29.24 -10.03 31.12
N THR A 83 28.26 -9.40 30.48
CA THR A 83 27.25 -8.64 31.20
C THR A 83 26.55 -9.51 32.24
N ALA A 84 26.13 -10.71 31.84
CA ALA A 84 25.40 -11.60 32.75
C ALA A 84 26.28 -12.04 33.92
N THR A 85 27.56 -12.29 33.68
CA THR A 85 28.45 -12.72 34.75
C THR A 85 28.64 -11.60 35.78
N VAL A 86 28.83 -10.36 35.31
CA VAL A 86 28.93 -9.23 36.22
C VAL A 86 27.66 -9.06 37.01
N GLN A 87 26.50 -9.17 36.35
CA GLN A 87 25.23 -9.05 37.05
C GLN A 87 25.08 -10.13 38.11
N HIS A 88 25.58 -11.33 37.84
CA HIS A 88 25.51 -12.40 38.83
C HIS A 88 26.39 -12.10 40.04
N CYS A 89 27.61 -11.60 39.80
CA CYS A 89 28.50 -11.24 40.90
C CYS A 89 27.94 -10.06 41.68
N GLN A 90 27.41 -9.05 40.99
CA GLN A 90 26.76 -7.93 41.66
C GLN A 90 25.63 -8.42 42.56
N HIS A 91 24.86 -9.41 42.11
CA HIS A 91 23.80 -9.96 42.94
C HIS A 91 24.38 -10.60 44.21
N ILE A 92 25.42 -11.42 44.06
CA ILE A 92 26.06 -12.06 45.22
C ILE A 92 26.52 -11.00 46.21
N ALA A 93 27.22 -9.98 45.72
CA ALA A 93 27.70 -8.92 46.60
C ALA A 93 26.56 -8.25 47.35
N SER A 94 25.39 -8.14 46.72
CA SER A 94 24.25 -7.50 47.38
C SER A 94 23.60 -8.43 48.39
N ILE A 95 23.54 -9.72 48.11
CA ILE A 95 22.95 -10.67 49.05
C ILE A 95 23.89 -10.91 50.23
N GLU A 96 25.17 -11.16 49.95
CA GLU A 96 26.11 -11.49 51.01
C GLU A 96 26.56 -10.27 51.80
N ASN A 97 26.55 -9.09 51.20
CA ASN A 97 26.79 -7.81 51.88
C ASN A 97 28.22 -7.66 52.37
N ASN A 98 29.18 -8.38 51.78
CA ASN A 98 30.57 -8.28 52.18
C ASN A 98 31.24 -7.07 51.56
N ALA A 99 32.11 -6.43 52.34
CA ALA A 99 32.74 -5.19 51.90
C ALA A 99 33.74 -5.46 50.78
N GLU A 100 34.44 -6.59 50.83
CA GLU A 100 35.40 -6.90 49.78
C GLU A 100 34.71 -7.14 48.45
N GLN A 101 33.54 -7.79 48.48
CA GLN A 101 32.77 -8.00 47.25
C GLN A 101 32.31 -6.67 46.67
N ALA A 102 31.80 -5.78 47.53
CA ALA A 102 31.42 -4.46 47.05
C ALA A 102 32.60 -3.71 46.47
N ASP A 103 33.80 -3.98 47.00
CA ASP A 103 35.01 -3.36 46.45
C ASP A 103 35.38 -3.98 45.11
N SER A 104 35.20 -5.29 44.97
CA SER A 104 35.50 -5.94 43.70
C SER A 104 34.59 -5.43 42.59
N MET A 105 33.31 -5.20 42.91
CA MET A 105 32.37 -4.72 41.90
C MET A 105 32.73 -3.33 41.39
N GLN A 106 33.55 -2.58 42.13
CA GLN A 106 34.00 -1.29 41.63
C GLN A 106 34.83 -1.45 40.37
N SER A 107 35.67 -2.48 40.31
CA SER A 107 36.53 -2.73 39.17
C SER A 107 36.06 -3.89 38.30
N LEU A 108 35.01 -4.62 38.71
CA LEU A 108 34.51 -5.75 37.94
C LEU A 108 33.44 -5.23 36.99
N THR A 109 33.85 -4.95 35.76
CA THR A 109 32.96 -4.43 34.73
C THR A 109 33.01 -5.32 33.51
N MET A 110 31.98 -5.20 32.66
CA MET A 110 31.96 -5.93 31.40
C MET A 110 33.22 -5.64 30.58
N GLU A 111 33.68 -4.39 30.61
CA GLU A 111 34.86 -4.03 29.82
C GLU A 111 36.12 -4.68 30.39
N SER A 112 36.26 -4.74 31.71
CA SER A 112 37.44 -5.38 32.30
C SER A 112 37.47 -6.86 31.96
N ILE A 113 36.31 -7.51 31.92
CA ILE A 113 36.24 -8.90 31.52
C ILE A 113 36.71 -9.06 30.08
N LEU A 114 36.27 -8.17 29.18
CA LEU A 114 36.75 -8.21 27.81
C LEU A 114 38.26 -8.00 27.74
N GLU A 115 38.79 -7.15 28.61
CA GLU A 115 40.24 -6.91 28.63
C GLU A 115 41.02 -8.12 29.13
N GLY A 116 40.38 -9.00 29.91
CA GLY A 116 41.02 -10.21 30.37
C GLY A 116 41.01 -11.36 29.38
N ILE A 117 40.47 -11.15 28.19
CA ILE A 117 40.41 -12.18 27.16
C ILE A 117 41.45 -11.81 26.10
N HIS A 118 42.58 -12.51 26.13
CA HIS A 118 43.61 -12.31 25.11
C HIS A 118 43.27 -13.13 23.88
N TYR A 119 43.21 -12.47 22.72
CA TYR A 119 42.63 -13.06 21.52
C TYR A 119 43.70 -13.27 20.46
N PHE A 120 43.81 -14.50 19.97
CA PHE A 120 44.69 -14.86 18.86
C PHE A 120 43.87 -15.48 17.74
N ARG A 121 44.14 -15.06 16.51
CA ARG A 121 43.45 -15.57 15.32
C ARG A 121 44.44 -16.33 14.46
N CYS A 122 44.22 -17.63 14.31
CA CYS A 122 45.01 -18.48 13.41
C CYS A 122 44.19 -18.87 12.20
N HIS A 123 44.80 -18.77 11.02
CA HIS A 123 44.11 -19.10 9.76
C HIS A 123 44.49 -20.47 9.20
N ASP A 124 45.70 -20.95 9.46
CA ASP A 124 46.10 -22.27 9.02
C ASP A 124 46.86 -22.97 10.14
N TYR A 125 47.06 -24.28 9.98
CA TYR A 125 47.70 -25.07 11.02
C TYR A 125 49.14 -24.65 11.28
N VAL A 126 49.79 -24.02 10.30
CA VAL A 126 51.17 -23.59 10.49
C VAL A 126 51.22 -22.39 11.44
N GLN A 127 50.25 -21.49 11.34
CA GLN A 127 50.16 -20.39 12.30
C GLN A 127 49.88 -20.89 13.71
N LEU A 128 49.21 -22.03 13.85
CA LEU A 128 48.93 -22.57 15.17
C LEU A 128 50.19 -23.10 15.84
N LEU A 129 51.03 -23.83 15.11
CA LEU A 129 52.30 -24.28 15.67
C LEU A 129 53.20 -23.10 16.03
N ALA A 130 53.23 -22.08 15.17
CA ALA A 130 54.06 -20.91 15.44
C ALA A 130 53.59 -20.20 16.70
N LEU A 131 52.28 -20.18 16.95
CA LEU A 131 51.76 -19.53 18.15
C LEU A 131 52.01 -20.37 19.40
N VAL A 132 51.78 -21.68 19.32
CA VAL A 132 52.01 -22.55 20.47
C VAL A 132 53.47 -22.49 20.91
N HIS A 133 54.38 -22.44 19.94
CA HIS A 133 55.81 -22.42 20.26
C HIS A 133 56.23 -21.11 20.90
N THR A 134 55.55 -20.00 20.58
CA THR A 134 55.86 -18.71 21.17
C THR A 134 55.02 -18.42 22.42
N LEU A 135 54.19 -19.36 22.86
CA LEU A 135 53.33 -19.14 24.01
C LEU A 135 54.11 -19.05 25.32
N PRO A 136 55.11 -19.91 25.57
CA PRO A 136 55.88 -19.76 26.82
C PRO A 136 56.44 -18.36 27.02
N ASP A 137 56.97 -17.73 25.97
CA ASP A 137 57.43 -16.36 26.11
C ASP A 137 56.29 -15.42 26.48
N PHE A 138 55.07 -15.70 26.00
CA PHE A 138 53.92 -14.87 26.31
C PHE A 138 53.37 -15.16 27.71
N LEU A 139 53.29 -16.44 28.09
CA LEU A 139 52.72 -16.80 29.38
C LEU A 139 53.61 -16.38 30.54
N LYS A 140 54.93 -16.41 30.35
CA LYS A 140 55.83 -15.91 31.40
C LYS A 140 55.57 -14.43 31.68
N GLN A 141 55.18 -13.69 30.65
CA GLN A 141 54.86 -12.27 30.79
C GLN A 141 53.45 -12.03 31.31
N HIS A 142 52.58 -13.05 31.25
CA HIS A 142 51.21 -12.96 31.75
C HIS A 142 50.93 -14.19 32.62
N PRO A 143 51.56 -14.29 33.79
CA PRO A 143 51.39 -15.49 34.61
C PRO A 143 49.99 -15.62 35.22
N GLN A 144 49.18 -14.56 35.19
CA GLN A 144 47.81 -14.61 35.67
C GLN A 144 46.87 -15.33 34.70
N ILE A 145 47.35 -15.75 33.53
CA ILE A 145 46.52 -16.48 32.59
C ILE A 145 46.29 -17.90 33.11
N CYS A 146 45.02 -18.28 33.26
CA CYS A 146 44.66 -19.59 33.78
C CYS A 146 43.89 -20.45 32.80
N LEU A 147 43.63 -19.96 31.58
CA LEU A 147 42.84 -20.71 30.61
C LEU A 147 43.36 -20.44 29.21
N ILE A 148 43.53 -21.49 28.42
CA ILE A 148 43.85 -21.39 27.00
C ILE A 148 42.79 -22.16 26.23
N VAL A 149 42.06 -21.47 25.36
CA VAL A 149 41.06 -22.08 24.49
C VAL A 149 41.62 -22.18 23.08
N VAL A 150 41.45 -23.35 22.45
CA VAL A 150 41.70 -23.52 21.04
C VAL A 150 40.37 -23.90 20.41
N ASP A 151 39.78 -22.98 19.63
CA ASP A 151 38.46 -23.16 19.06
C ASP A 151 38.60 -22.93 17.55
N SER A 152 38.78 -24.00 16.80
CA SER A 152 38.88 -25.38 17.30
C SER A 152 40.25 -25.98 16.98
N ILE A 153 40.56 -27.10 17.65
CA ILE A 153 41.78 -27.83 17.34
C ILE A 153 41.64 -28.64 16.05
N ALA A 154 40.42 -28.95 15.64
CA ALA A 154 40.21 -29.85 14.50
C ALA A 154 40.27 -29.11 13.16
N PHE A 155 39.72 -27.89 13.11
CA PHE A 155 39.53 -27.23 11.82
C PHE A 155 40.81 -27.05 11.02
N PRO A 156 41.96 -26.63 11.58
CA PRO A 156 43.16 -26.47 10.76
C PRO A 156 43.70 -27.77 10.17
N PHE A 157 43.26 -28.94 10.62
CA PHE A 157 43.82 -30.21 10.17
C PHE A 157 42.87 -31.03 9.32
N ARG A 158 41.76 -30.45 8.87
CA ARG A 158 40.83 -31.21 8.04
CA ARG A 158 40.80 -31.15 8.02
C ARG A 158 41.28 -31.29 6.59
N HIS A 159 42.37 -30.62 6.23
CA HIS A 159 42.87 -30.67 4.87
C HIS A 159 43.32 -32.09 4.51
N HIS A 160 43.60 -32.27 3.22
CA HIS A 160 44.01 -33.55 2.66
C HIS A 160 45.51 -33.78 2.86
N PHE A 161 45.89 -33.83 4.13
CA PHE A 161 47.24 -34.24 4.48
C PHE A 161 47.60 -35.51 3.73
N GLU A 162 48.62 -35.41 2.87
CA GLU A 162 49.00 -36.56 2.05
C GLU A 162 49.53 -37.68 2.92
N ASP A 163 50.24 -37.32 3.99
CA ASP A 163 50.79 -38.27 4.94
C ASP A 163 50.00 -38.13 6.24
N TYR A 164 48.98 -38.97 6.42
CA TYR A 164 48.20 -38.89 7.65
C TYR A 164 49.06 -39.20 8.87
N ALA A 165 50.14 -39.97 8.68
CA ALA A 165 51.08 -40.18 9.77
C ALA A 165 51.73 -38.86 10.17
N LEU A 166 51.96 -37.97 9.20
CA LEU A 166 52.47 -36.64 9.52
C LEU A 166 51.45 -35.85 10.32
N ARG A 167 50.17 -35.95 9.94
CA ARG A 167 49.13 -35.28 10.72
C ARG A 167 49.07 -35.83 12.14
N THR A 168 49.32 -37.13 12.29
CA THR A 168 49.25 -37.76 13.59
C THR A 168 50.30 -37.21 14.53
N ARG A 169 51.56 -37.15 14.08
CA ARG A 169 52.62 -36.61 14.91
C ARG A 169 52.51 -35.09 15.06
N LEU A 170 51.85 -34.43 14.10
CA LEU A 170 51.50 -33.02 14.30
C LEU A 170 50.54 -32.86 15.48
N LEU A 171 49.50 -33.68 15.52
CA LEU A 171 48.53 -33.60 16.61
C LEU A 171 49.14 -34.04 17.93
N ASN A 172 49.99 -35.08 17.92
CA ASN A 172 50.61 -35.53 19.15
C ASN A 172 51.67 -34.54 19.63
N GLY A 173 52.37 -33.87 18.71
CA GLY A 173 53.27 -32.81 19.11
C GLY A 173 52.54 -31.68 19.81
N LEU A 174 51.36 -31.34 19.33
CA LEU A 174 50.54 -30.32 20.00
C LEU A 174 50.00 -30.84 21.31
N ALA A 175 49.49 -32.08 21.34
CA ALA A 175 48.96 -32.64 22.57
C ALA A 175 50.01 -32.66 23.66
N GLN A 176 51.25 -33.01 23.31
CA GLN A 176 52.34 -32.95 24.28
C GLN A 176 52.66 -31.50 24.64
N SER A 177 52.56 -30.59 23.68
CA SER A 177 52.84 -29.18 23.96
C SER A 177 51.81 -28.59 24.91
N PHE A 178 50.53 -28.94 24.73
CA PHE A 178 49.50 -28.39 25.60
C PHE A 178 49.53 -29.01 26.99
N ILE A 179 49.86 -30.30 27.08
CA ILE A 179 50.06 -30.92 28.39
C ILE A 179 51.18 -30.22 29.14
N LYS A 180 52.29 -29.93 28.46
CA LYS A 180 53.41 -29.26 29.12
C LYS A 180 53.04 -27.85 29.55
N LEU A 181 52.35 -27.11 28.68
CA LEU A 181 51.88 -25.77 29.06
C LEU A 181 50.93 -25.83 30.24
N ALA A 182 50.07 -26.86 30.29
CA ALA A 182 49.08 -26.95 31.35
C ALA A 182 49.73 -27.16 32.71
N VAL A 183 50.77 -27.99 32.78
CA VAL A 183 51.44 -28.24 34.04
C VAL A 183 52.43 -27.13 34.37
N ASP A 184 53.22 -26.70 33.37
CA ASP A 184 54.29 -25.75 33.63
C ASP A 184 53.76 -24.38 34.04
N PHE A 185 52.64 -23.95 33.47
CA PHE A 185 52.06 -22.66 33.82
C PHE A 185 50.77 -22.78 34.61
N LYS A 186 50.34 -24.01 34.93
CA LYS A 186 49.19 -24.26 35.79
C LYS A 186 47.96 -23.51 35.30
N LEU A 187 47.55 -23.85 34.08
CA LEU A 187 46.36 -23.30 33.47
C LEU A 187 45.57 -24.44 32.85
N ALA A 188 44.29 -24.17 32.58
CA ALA A 188 43.44 -25.15 31.92
C ALA A 188 43.54 -24.98 30.41
N VAL A 189 43.64 -26.10 29.71
CA VAL A 189 43.66 -26.12 28.26
C VAL A 189 42.33 -26.71 27.79
N LEU A 190 41.52 -25.90 27.13
CA LEU A 190 40.25 -26.34 26.58
C LEU A 190 40.36 -26.44 25.07
N LEU A 191 40.18 -27.66 24.55
CA LEU A 191 40.22 -27.91 23.12
C LEU A 191 38.81 -28.27 22.65
N THR A 192 38.34 -27.59 21.61
CA THR A 192 37.10 -27.98 20.97
C THR A 192 37.43 -28.77 19.71
N ASN A 193 36.55 -29.69 19.37
CA ASN A 193 36.80 -30.65 18.30
C ASN A 193 35.51 -30.85 17.52
N GLN A 194 35.65 -31.05 16.22
CA GLN A 194 34.49 -31.27 15.37
C GLN A 194 34.19 -32.77 15.29
N MET A 195 33.00 -33.09 14.80
CA MET A 195 32.62 -34.46 14.56
C MET A 195 32.71 -34.77 13.07
N THR A 196 32.92 -36.05 12.76
CA THR A 196 32.94 -36.53 11.39
C THR A 196 32.29 -37.91 11.34
N THR A 197 32.13 -38.43 10.13
CA THR A 197 31.45 -39.70 9.90
C THR A 197 32.47 -40.83 9.74
N LYS A 198 31.94 -42.02 9.50
CA LYS A 198 32.75 -43.18 9.16
C LYS A 198 31.89 -44.12 8.33
N ILE A 199 32.44 -44.60 7.21
CA ILE A 199 31.71 -45.47 6.33
C ILE A 199 32.22 -46.91 6.39
N SER A 200 33.48 -47.12 6.74
CA SER A 200 34.05 -48.46 6.79
C SER A 200 35.26 -48.51 7.72
N THR A 206 23.62 -46.78 7.33
CA THR A 206 23.65 -46.08 8.60
C THR A 206 25.07 -45.63 8.95
N SER A 207 25.35 -44.35 8.72
CA SER A 207 26.63 -43.74 9.06
C SER A 207 26.46 -42.88 10.30
N HIS A 208 27.41 -42.99 11.23
CA HIS A 208 27.32 -42.34 12.53
C HIS A 208 28.51 -41.42 12.77
N LEU A 209 28.36 -40.56 13.77
CA LEU A 209 29.30 -39.48 14.04
C LEU A 209 30.31 -39.89 15.10
N ILE A 210 31.57 -39.51 14.88
CA ILE A 210 32.66 -39.74 15.83
C ILE A 210 33.50 -38.48 15.91
N PRO A 211 34.23 -38.30 17.01
CA PRO A 211 35.16 -37.16 17.10
C PRO A 211 36.18 -37.20 15.99
N ALA A 212 36.55 -36.01 15.50
CA ALA A 212 37.49 -35.92 14.39
C ALA A 212 38.91 -36.26 14.87
N LEU A 213 39.82 -36.33 13.90
CA LEU A 213 41.26 -36.52 14.04
C LEU A 213 41.65 -37.95 14.38
N GLY A 214 40.73 -38.90 14.33
CA GLY A 214 41.08 -40.31 14.36
C GLY A 214 41.38 -40.86 15.74
N GLU A 215 41.68 -42.16 15.77
CA GLU A 215 41.89 -42.86 17.04
C GLU A 215 43.20 -42.48 17.70
N SER A 216 44.16 -41.95 16.95
CA SER A 216 45.40 -41.47 17.54
C SER A 216 45.20 -40.20 18.36
N TRP A 217 44.05 -39.55 18.24
CA TRP A 217 43.78 -38.31 18.93
C TRP A 217 42.91 -38.56 20.16
N GLY A 218 43.19 -37.83 21.23
CA GLY A 218 42.38 -37.87 22.43
C GLY A 218 43.03 -38.57 23.60
N HIS A 219 44.22 -39.13 23.43
CA HIS A 219 44.87 -39.85 24.51
C HIS A 219 45.39 -38.90 25.58
N SER A 220 45.94 -37.76 25.17
CA SER A 220 46.47 -36.76 26.09
C SER A 220 45.39 -35.88 26.71
N SER A 221 44.12 -36.13 26.43
CA SER A 221 43.01 -35.35 26.99
C SER A 221 42.50 -36.03 28.25
N THR A 222 42.54 -35.29 29.37
CA THR A 222 42.02 -35.84 30.62
C THR A 222 40.50 -36.03 30.57
N ILE A 223 39.77 -34.97 30.22
CA ILE A 223 38.32 -35.02 30.11
C ILE A 223 37.94 -34.78 28.65
N ARG A 224 36.97 -35.55 28.17
CA ARG A 224 36.40 -35.36 26.83
C ARG A 224 34.89 -35.36 26.94
N LEU A 225 34.27 -34.26 26.51
CA LEU A 225 32.82 -34.12 26.49
C LEU A 225 32.30 -34.15 25.06
N ILE A 226 31.09 -34.68 24.90
CA ILE A 226 30.34 -34.59 23.65
C ILE A 226 29.05 -33.85 23.95
N LEU A 227 28.92 -32.65 23.38
CA LEU A 227 27.65 -31.92 23.43
C LEU A 227 26.75 -32.38 22.29
N TYR A 228 25.49 -32.63 22.59
CA TYR A 228 24.59 -33.17 21.59
C TYR A 228 23.16 -32.75 21.91
N TRP A 229 22.32 -32.83 20.88
CA TRP A 229 20.89 -32.58 21.03
C TRP A 229 20.16 -33.89 21.29
N GLN A 230 19.16 -33.84 22.16
CA GLN A 230 18.22 -34.93 22.36
C GLN A 230 16.85 -34.30 22.48
N GLU A 231 15.95 -34.66 21.56
CA GLU A 231 14.71 -33.90 21.31
C GLU A 231 15.15 -32.46 21.03
N LYS A 232 14.60 -31.47 21.74
CA LYS A 232 15.00 -30.08 21.61
C LYS A 232 15.82 -29.62 22.82
N SER A 233 16.62 -30.51 23.39
CA SER A 233 17.40 -30.20 24.58
C SER A 233 18.87 -30.51 24.36
N ARG A 234 19.73 -29.66 24.90
CA ARG A 234 21.16 -29.90 24.83
C ARG A 234 21.59 -30.79 25.98
N TYR A 235 22.62 -31.59 25.74
CA TYR A 235 23.14 -32.51 26.72
C TYR A 235 24.66 -32.56 26.59
N ALA A 236 25.31 -32.94 27.68
CA ALA A 236 26.76 -33.13 27.68
C ALA A 236 27.03 -34.56 28.17
N LEU A 237 27.50 -35.41 27.26
CA LEU A 237 27.86 -36.77 27.60
C LEU A 237 29.33 -36.77 28.01
N LEU A 238 29.61 -37.28 29.21
CA LEU A 238 30.98 -37.40 29.69
C LEU A 238 31.62 -38.57 28.98
N TYR A 239 32.33 -38.28 27.89
CA TYR A 239 32.91 -39.33 27.06
C TYR A 239 34.12 -39.95 27.74
N LYS A 240 35.04 -39.12 28.22
CA LYS A 240 36.22 -39.59 28.92
C LYS A 240 36.44 -38.76 30.18
N SER A 241 36.75 -39.44 31.28
CA SER A 241 37.01 -38.77 32.55
C SER A 241 37.87 -39.67 33.41
N PRO A 242 38.65 -39.12 34.35
CA PRO A 242 39.38 -39.97 35.29
C PRO A 242 38.48 -40.83 36.17
N SER A 243 37.27 -40.35 36.49
CA SER A 243 36.34 -41.17 37.27
C SER A 243 35.90 -42.41 36.51
N HIS A 244 36.03 -42.41 35.18
CA HIS A 244 35.66 -43.49 34.27
C HIS A 244 34.15 -43.65 34.16
N LYS A 245 33.37 -42.84 34.87
CA LYS A 245 31.92 -42.87 34.80
C LYS A 245 31.44 -42.24 33.49
N GLN A 246 30.30 -42.72 32.99
CA GLN A 246 29.68 -42.21 31.76
C GLN A 246 28.35 -41.56 32.10
N ILE A 247 28.32 -40.23 32.11
CA ILE A 247 27.13 -39.50 32.54
C ILE A 247 26.69 -38.53 31.43
N SER A 248 25.38 -38.32 31.34
CA SER A 248 24.80 -37.27 30.51
C SER A 248 24.04 -36.31 31.42
N VAL A 249 24.32 -35.02 31.27
CA VAL A 249 23.58 -33.99 32.01
C VAL A 249 22.96 -33.01 31.02
N PRO A 250 21.75 -32.53 31.27
CA PRO A 250 21.17 -31.48 30.44
C PRO A 250 21.66 -30.10 30.83
N PHE A 251 21.82 -29.25 29.82
CA PHE A 251 22.09 -27.84 30.02
C PHE A 251 21.34 -27.06 28.93
N GLN A 252 21.47 -25.74 28.98
CA GLN A 252 20.84 -24.90 27.98
C GLN A 252 21.73 -23.70 27.72
N ILE A 253 21.46 -23.01 26.61
CA ILE A 253 22.19 -21.81 26.23
C ILE A 253 21.19 -20.68 26.09
N THR A 254 21.32 -19.68 26.93
CA THR A 254 20.45 -18.51 26.94
C THR A 254 21.25 -17.28 26.52
N THR A 255 20.58 -16.13 26.53
CA THR A 255 21.28 -14.87 26.29
C THR A 255 22.39 -14.66 27.31
N ALA A 256 22.22 -15.18 28.53
CA ALA A 256 23.24 -15.03 29.56
C ALA A 256 24.45 -15.92 29.33
N GLY A 257 24.29 -17.04 28.62
CA GLY A 257 25.37 -17.98 28.40
C GLY A 257 24.98 -19.39 28.76
N ILE A 258 25.95 -20.18 29.23
CA ILE A 258 25.66 -21.53 29.70
C ILE A 258 24.92 -21.44 31.03
N ARG A 259 23.84 -22.20 31.15
CA ARG A 259 23.05 -22.24 32.37
C ARG A 259 22.51 -23.64 32.56
N ASP A 260 21.98 -23.89 33.75
CA ASP A 260 21.31 -25.16 33.99
C ASP A 260 19.94 -25.07 33.34
N VAL A 261 19.41 -26.22 32.93
CA VAL A 261 18.16 -26.20 32.16
C VAL A 261 16.99 -25.85 33.06
N CYS A 262 16.93 -26.44 34.24
CA CYS A 262 16.01 -26.02 35.28
C CYS A 262 16.83 -25.69 36.51
N PRO A 263 16.32 -24.84 37.40
CA PRO A 263 17.01 -24.63 38.67
C PRO A 263 16.34 -25.37 39.83
N THR A 264 16.68 -26.65 40.03
CA THR A 264 17.63 -27.48 39.30
C THR A 264 16.95 -28.76 38.79
N SER A 265 17.59 -29.45 37.83
CA SER A 265 17.02 -30.68 37.29
C SER A 265 18.06 -31.42 36.46
N GLY A 266 17.87 -32.73 36.31
CA GLY A 266 18.60 -33.53 35.35
C GLY A 266 19.64 -34.49 35.91
N ASP A 267 19.52 -35.77 35.55
CA ASP A 267 20.46 -36.80 35.98
C ASP A 267 20.20 -38.09 35.22
N LEU A 268 21.27 -38.73 34.72
CA LEU A 268 21.19 -40.10 34.24
C LEU A 268 22.39 -40.87 34.75
N ILE A 269 22.32 -42.19 34.59
CA ILE A 269 23.45 -43.09 34.84
C ILE A 269 23.73 -43.89 33.57
N SER A 270 24.98 -44.29 33.43
CA SER A 270 25.55 -45.12 32.37
C SER A 270 26.99 -45.32 32.78
N MET A 271 27.63 -46.35 32.24
CA MET A 271 28.99 -46.61 32.66
C MET A 271 29.65 -47.60 31.70
N ASP A 272 30.80 -48.13 32.13
CA ASP A 272 31.61 -49.03 31.34
C ASP A 272 32.24 -50.06 32.28
N VAL A 273 32.86 -51.07 31.69
CA VAL A 273 33.56 -52.09 32.48
C VAL A 273 34.86 -51.49 33.02
N GLY A 274 35.02 -51.49 34.33
CA GLY A 274 34.03 -52.03 35.25
C GLY A 274 34.51 -52.05 36.69
N ASP B 5 67.50 -17.59 4.45
CA ASP B 5 66.55 -17.57 5.56
C ASP B 5 67.27 -17.41 6.90
N LEU B 6 67.44 -16.15 7.32
CA LEU B 6 68.00 -15.78 8.62
C LEU B 6 69.51 -16.02 8.67
N ASN B 7 69.98 -16.78 9.68
CA ASN B 7 71.44 -16.89 9.78
C ASN B 7 71.96 -18.16 9.12
N PRO B 8 73.07 -18.08 8.38
CA PRO B 8 73.61 -19.28 7.73
C PRO B 8 74.40 -20.23 8.65
N ARG B 9 74.82 -19.81 9.86
CA ARG B 9 75.73 -20.67 10.63
C ARG B 9 75.03 -21.92 11.16
N ILE B 10 73.84 -21.74 11.76
CA ILE B 10 73.05 -22.88 12.22
C ILE B 10 72.54 -23.66 11.02
N ILE B 11 72.45 -22.98 9.87
CA ILE B 11 71.96 -23.52 8.61
C ILE B 11 72.81 -24.69 8.11
N TYR B 12 74.09 -24.76 8.49
CA TYR B 12 74.96 -25.78 7.91
C TYR B 12 74.46 -27.19 8.19
N SER B 13 73.62 -27.36 9.21
CA SER B 13 73.07 -28.66 9.55
C SER B 13 71.68 -28.91 8.98
N ILE B 14 70.81 -27.89 8.94
CA ILE B 14 69.45 -28.09 8.43
C ILE B 14 69.38 -28.06 6.90
N LYS B 15 70.25 -27.32 6.22
CA LYS B 15 70.25 -27.42 4.76
C LYS B 15 70.67 -28.81 4.32
N LYS B 16 71.67 -29.37 5.00
CA LYS B 16 72.14 -30.73 4.80
C LYS B 16 71.23 -31.79 5.40
N ALA B 17 70.27 -31.40 6.25
CA ALA B 17 69.38 -32.34 6.93
C ALA B 17 68.03 -32.57 6.25
N HIS B 18 67.86 -32.12 5.00
CA HIS B 18 66.63 -32.44 4.26
C HIS B 18 65.38 -31.88 4.96
N LEU B 19 65.45 -30.61 5.38
CA LEU B 19 64.29 -29.96 5.98
C LEU B 19 64.46 -28.43 5.90
N HIS B 20 63.96 -27.84 4.81
CA HIS B 20 64.10 -26.40 4.61
C HIS B 20 62.76 -25.68 4.45
N ASP B 21 61.64 -26.35 4.75
CA ASP B 21 60.33 -25.72 4.74
C ASP B 21 59.99 -25.30 6.16
N TYR B 22 59.62 -24.03 6.33
CA TYR B 22 59.46 -23.46 7.67
C TYR B 22 58.35 -24.14 8.46
N GLY B 23 57.27 -24.56 7.80
CA GLY B 23 56.17 -25.19 8.52
C GLY B 23 56.54 -26.55 9.11
N THR B 24 57.20 -27.39 8.31
CA THR B 24 57.58 -28.74 8.74
C THR B 24 58.48 -28.72 9.98
N ILE B 25 59.25 -27.65 10.17
CA ILE B 25 60.22 -27.59 11.26
C ILE B 25 59.52 -27.66 12.62
N LEU B 26 58.45 -26.89 12.78
CA LEU B 26 57.79 -26.72 14.08
C LEU B 26 57.06 -27.96 14.59
N SER B 27 57.05 -29.08 13.85
CA SER B 27 56.30 -30.23 14.32
C SER B 27 57.09 -31.08 15.33
N LEU B 28 58.35 -31.37 15.03
CA LEU B 28 59.10 -32.33 15.85
C LEU B 28 59.81 -31.66 17.02
N SER B 29 60.19 -32.50 17.99
CA SER B 29 60.77 -32.11 19.26
C SER B 29 62.23 -31.68 19.11
N ALA B 30 62.71 -30.94 20.12
CA ALA B 30 64.10 -30.47 20.14
C ALA B 30 65.08 -31.63 20.19
N ALA B 31 64.74 -32.69 20.92
CA ALA B 31 65.63 -33.85 20.96
C ALA B 31 65.60 -34.59 19.63
N ASP B 32 64.45 -34.55 18.94
CA ASP B 32 64.37 -35.12 17.59
C ASP B 32 65.15 -34.26 16.61
N ILE B 33 65.28 -32.96 16.89
CA ILE B 33 66.18 -32.12 16.10
C ILE B 33 67.61 -32.60 16.27
N GLN B 34 68.00 -32.86 17.51
CA GLN B 34 69.32 -33.41 17.80
C GLN B 34 69.52 -34.76 17.12
N ARG B 35 68.44 -35.53 16.96
CA ARG B 35 68.52 -36.80 16.26
C ARG B 35 68.86 -36.60 14.77
N MET B 36 68.35 -35.53 14.17
CA MET B 36 68.57 -35.36 12.73
C MET B 36 69.86 -34.61 12.41
N THR B 37 70.22 -33.63 13.21
CA THR B 37 71.48 -32.90 13.00
C THR B 37 72.32 -32.96 14.26
N ARG B 38 73.63 -32.72 14.10
CA ARG B 38 74.55 -32.71 15.21
C ARG B 38 74.54 -31.34 15.91
N LEU B 39 73.35 -30.92 16.33
CA LEU B 39 73.18 -29.64 16.99
C LEU B 39 72.66 -29.85 18.40
N SER B 40 72.89 -28.83 19.23
CA SER B 40 72.53 -28.84 20.64
C SER B 40 71.13 -28.30 20.86
N ALA B 41 70.62 -28.53 22.07
CA ALA B 41 69.35 -27.92 22.45
C ALA B 41 69.45 -26.41 22.41
N SER B 42 70.64 -25.85 22.62
CA SER B 42 70.83 -24.41 22.50
C SER B 42 70.54 -23.95 21.07
N ASP B 43 70.96 -24.75 20.08
CA ASP B 43 70.68 -24.41 18.69
C ASP B 43 69.29 -24.87 18.28
N VAL B 44 68.87 -26.05 18.77
CA VAL B 44 67.54 -26.55 18.43
C VAL B 44 66.46 -25.61 18.95
N HIS B 45 66.65 -25.07 20.15
CA HIS B 45 65.70 -24.10 20.69
C HIS B 45 65.72 -22.81 19.89
N GLN B 46 66.90 -22.30 19.56
CA GLN B 46 66.99 -21.05 18.80
C GLN B 46 66.60 -21.24 17.34
N LEU B 47 66.79 -22.43 16.77
CA LEU B 47 66.33 -22.68 15.41
C LEU B 47 64.82 -22.55 15.31
N GLN B 48 64.09 -23.29 16.14
CA GLN B 48 62.64 -23.26 16.07
C GLN B 48 62.05 -21.97 16.61
N LYS B 49 62.78 -21.24 17.46
CA LYS B 49 62.29 -19.94 17.91
C LYS B 49 62.24 -18.93 16.77
N THR B 50 63.29 -18.88 15.94
CA THR B 50 63.32 -17.93 14.84
C THR B 50 62.31 -18.30 13.77
N VAL B 51 62.11 -19.59 13.52
CA VAL B 51 61.11 -20.03 12.54
C VAL B 51 59.73 -19.59 12.98
N ALA B 52 59.36 -19.88 14.23
CA ALA B 52 58.03 -19.54 14.73
C ALA B 52 57.82 -18.03 14.74
N GLU B 53 58.87 -17.26 15.01
CA GLU B 53 58.79 -15.81 14.97
C GLU B 53 58.80 -15.26 13.55
N ARG B 54 59.30 -16.04 12.60
CA ARG B 54 59.35 -15.60 11.20
C ARG B 54 57.96 -15.62 10.58
N ILE B 55 57.15 -16.62 10.93
CA ILE B 55 55.85 -16.82 10.29
C ILE B 55 54.97 -15.61 10.58
N ARG B 56 54.55 -14.93 9.51
CA ARG B 56 53.67 -13.76 9.69
C ARG B 56 52.30 -14.24 10.13
N ARG B 57 51.75 -13.58 11.15
CA ARG B 57 50.45 -13.91 11.71
C ARG B 57 49.87 -12.65 12.33
N THR B 58 48.55 -12.56 12.33
CA THR B 58 47.90 -11.39 12.90
C THR B 58 48.28 -11.25 14.36
N PRO B 59 48.62 -10.05 14.83
CA PRO B 59 49.16 -9.89 16.17
C PRO B 59 48.12 -10.04 17.27
N HIS B 60 48.64 -10.23 18.48
CA HIS B 60 47.82 -10.34 19.69
C HIS B 60 46.92 -9.12 19.88
N THR B 61 45.77 -9.35 20.50
CA THR B 61 44.87 -8.27 20.90
C THR B 61 44.00 -8.80 22.03
N THR B 62 43.06 -7.97 22.48
CA THR B 62 42.10 -8.37 23.50
C THR B 62 40.68 -8.24 22.96
N ALA B 63 39.76 -8.96 23.60
CA ALA B 63 38.35 -8.84 23.23
C ALA B 63 37.86 -7.40 23.38
N PHE B 64 38.43 -6.66 24.33
CA PHE B 64 38.05 -5.26 24.50
C PHE B 64 38.41 -4.44 23.27
N HIS B 65 39.57 -4.72 22.66
CA HIS B 65 39.93 -4.04 21.43
C HIS B 65 38.97 -4.38 20.29
N LEU B 66 38.61 -5.67 20.16
CA LEU B 66 37.64 -6.07 19.15
C LEU B 66 36.32 -5.32 19.33
N HIS B 67 35.98 -4.98 20.57
CA HIS B 67 34.72 -4.31 20.90
C HIS B 67 34.73 -2.81 20.59
N ARG B 68 35.90 -2.22 20.35
CA ARG B 68 36.05 -0.76 20.49
C ARG B 68 35.92 0.04 19.20
N ARG B 69 36.39 -0.44 18.05
CA ARG B 69 37.11 -1.62 17.60
C ARG B 69 38.51 -1.18 17.19
N SER B 70 39.50 -1.47 18.02
CA SER B 70 40.79 -0.79 17.94
C SER B 70 41.93 -1.79 18.14
N GLY B 71 41.88 -2.89 17.38
CA GLY B 71 42.99 -3.80 17.28
C GLY B 71 43.45 -3.90 15.84
N PRO B 72 43.98 -5.05 15.46
CA PRO B 72 44.26 -5.29 14.03
C PRO B 72 43.01 -5.13 13.20
N ALA B 73 43.14 -4.40 12.09
CA ALA B 73 41.98 -4.09 11.26
C ALA B 73 41.40 -5.34 10.62
N GLU B 74 42.25 -6.33 10.30
CA GLU B 74 41.74 -7.54 9.65
C GLU B 74 40.89 -8.39 10.58
N LEU B 75 40.73 -8.00 11.85
CA LEU B 75 39.84 -8.69 12.77
C LEU B 75 38.48 -8.02 12.88
N ASN B 76 38.32 -6.83 12.32
CA ASN B 76 37.03 -6.15 12.32
C ASN B 76 36.14 -6.74 11.23
N ARG B 77 34.86 -6.84 11.54
CA ARG B 77 33.85 -7.28 10.58
C ARG B 77 32.86 -6.16 10.32
N ASP B 78 32.24 -6.20 9.16
CA ASP B 78 31.24 -5.21 8.79
C ASP B 78 29.89 -5.89 8.59
N HIS B 79 28.82 -5.13 8.82
CA HIS B 79 27.47 -5.61 8.62
C HIS B 79 26.96 -5.13 7.27
N LEU B 80 26.44 -6.06 6.47
CA LEU B 80 25.69 -5.74 5.27
C LEU B 80 24.21 -5.80 5.61
N THR B 81 23.51 -4.68 5.40
CA THR B 81 22.08 -4.65 5.68
C THR B 81 21.33 -5.56 4.71
N THR B 82 20.26 -6.16 5.21
CA THR B 82 19.33 -6.89 4.34
C THR B 82 18.40 -5.95 3.59
N GLY B 83 18.45 -4.65 3.87
CA GLY B 83 17.52 -3.70 3.32
C GLY B 83 16.29 -3.47 4.16
N CYS B 84 16.01 -4.35 5.12
CA CYS B 84 14.88 -4.21 6.02
C CYS B 84 15.40 -4.11 7.46
N GLN B 85 14.90 -3.11 8.20
CA GLN B 85 15.34 -2.91 9.57
C GLN B 85 14.95 -4.09 10.45
N GLN B 86 13.79 -4.71 10.17
CA GLN B 86 13.32 -5.82 11.00
C GLN B 86 14.22 -7.04 10.85
N LEU B 87 14.60 -7.39 9.63
CA LEU B 87 15.54 -8.50 9.46
C LEU B 87 16.92 -8.18 10.02
N ASP B 88 17.35 -6.91 9.89
CA ASP B 88 18.68 -6.54 10.39
C ASP B 88 18.79 -6.76 11.89
N SER B 89 17.77 -6.36 12.66
CA SER B 89 17.83 -6.55 14.10
C SER B 89 17.75 -8.03 14.45
N PHE B 90 16.95 -8.79 13.70
CA PHE B 90 16.89 -10.23 13.89
C PHE B 90 18.27 -10.88 13.71
N LEU B 91 19.09 -10.32 12.81
CA LEU B 91 20.44 -10.82 12.59
C LEU B 91 21.48 -10.02 13.35
N ARG B 92 21.06 -9.17 14.29
CA ARG B 92 21.95 -8.34 15.09
C ARG B 92 22.88 -7.49 14.21
N GLY B 93 22.32 -6.95 13.13
CA GLY B 93 23.08 -6.09 12.25
C GLY B 93 22.95 -6.44 10.77
N GLY B 94 22.77 -7.72 10.46
CA GLY B 94 22.70 -8.19 9.09
C GLY B 94 23.77 -9.22 8.79
N ILE B 95 24.15 -9.31 7.52
CA ILE B 95 25.11 -10.29 7.07
C ILE B 95 26.50 -9.83 7.49
N LEU B 96 27.26 -10.73 8.12
CA LEU B 96 28.60 -10.42 8.58
C LEU B 96 29.63 -10.74 7.52
N THR B 97 30.61 -9.83 7.36
CA THR B 97 31.74 -10.09 6.50
C THR B 97 32.66 -11.12 7.15
N ARG B 98 33.55 -11.69 6.34
CA ARG B 98 34.49 -12.73 6.76
C ARG B 98 33.77 -13.95 7.33
N THR B 99 32.54 -14.20 6.91
CA THR B 99 31.79 -15.36 7.36
C THR B 99 31.16 -16.06 6.16
N LEU B 100 30.86 -17.35 6.34
CA LEU B 100 30.06 -18.12 5.41
C LEU B 100 28.66 -18.27 5.99
N THR B 101 27.68 -17.62 5.37
CA THR B 101 26.28 -17.73 5.78
C THR B 101 25.58 -18.67 4.81
N GLU B 102 24.95 -19.71 5.34
CA GLU B 102 24.18 -20.64 4.54
C GLU B 102 22.70 -20.31 4.68
N ILE B 103 22.03 -20.17 3.55
CA ILE B 103 20.60 -19.93 3.51
C ILE B 103 19.94 -21.16 2.92
N ALA B 104 19.47 -22.05 3.78
CA ALA B 104 18.73 -23.22 3.34
C ALA B 104 17.23 -22.94 3.33
N GLY B 105 16.51 -23.76 2.58
CA GLY B 105 15.07 -23.67 2.57
C GLY B 105 14.41 -24.53 1.50
N GLU B 106 13.12 -24.80 1.67
CA GLU B 106 12.40 -25.57 0.68
C GLU B 106 12.24 -24.78 -0.61
N SER B 107 11.65 -25.41 -1.62
CA SER B 107 11.50 -24.76 -2.90
C SER B 107 10.53 -23.59 -2.76
N ALA B 108 10.76 -22.56 -3.58
CA ALA B 108 10.01 -21.32 -3.56
C ALA B 108 9.77 -20.80 -2.14
N SER B 109 10.84 -20.74 -1.36
CA SER B 109 10.78 -20.22 -0.01
C SER B 109 11.36 -18.81 0.09
N GLY B 110 11.97 -18.31 -0.99
CA GLY B 110 12.52 -16.97 -1.03
C GLY B 110 14.03 -16.90 -0.99
N LYS B 111 14.74 -18.02 -1.06
CA LYS B 111 16.20 -18.01 -0.99
C LYS B 111 16.80 -17.14 -2.10
N THR B 112 16.33 -17.32 -3.34
CA THR B 112 16.87 -16.54 -4.44
C THR B 112 16.50 -15.07 -4.32
N GLN B 113 15.26 -14.78 -3.91
CA GLN B 113 14.85 -13.39 -3.69
C GLN B 113 15.77 -12.69 -2.70
N LEU B 114 16.03 -13.35 -1.55
CA LEU B 114 16.89 -12.76 -0.54
C LEU B 114 18.29 -12.45 -1.09
N CYS B 115 18.86 -13.42 -1.81
CA CYS B 115 20.22 -13.23 -2.33
C CYS B 115 20.27 -12.10 -3.35
N MET B 116 19.27 -12.02 -4.23
CA MET B 116 19.20 -10.92 -5.18
C MET B 116 19.10 -9.59 -4.45
N GLN B 117 18.36 -9.55 -3.34
CA GLN B 117 18.24 -8.31 -2.58
C GLN B 117 19.58 -7.88 -2.00
N LEU B 118 20.39 -8.84 -1.57
CA LEU B 118 21.71 -8.51 -1.04
C LEU B 118 22.66 -8.05 -2.14
N CYS B 119 22.45 -8.52 -3.37
CA CYS B 119 23.21 -7.98 -4.50
C CYS B 119 22.91 -6.50 -4.71
N LEU B 120 21.75 -6.01 -4.26
CA LEU B 120 21.47 -4.59 -4.33
C LEU B 120 22.02 -3.85 -3.11
N THR B 121 21.76 -4.38 -1.90
CA THR B 121 22.17 -3.67 -0.69
C THR B 121 23.69 -3.60 -0.56
N VAL B 122 24.42 -4.56 -1.13
CA VAL B 122 25.87 -4.53 -1.04
C VAL B 122 26.45 -3.30 -1.74
N GLN B 123 25.74 -2.78 -2.72
CA GLN B 123 26.23 -1.64 -3.51
C GLN B 123 25.92 -0.30 -2.87
N LEU B 124 25.07 -0.26 -1.84
CA LEU B 124 24.80 0.98 -1.15
C LEU B 124 26.04 1.46 -0.42
N PRO B 125 26.15 2.76 -0.17
CA PRO B 125 27.25 3.27 0.63
C PRO B 125 27.15 2.76 2.07
N GLU B 126 28.30 2.78 2.75
CA GLU B 126 28.38 2.23 4.10
C GLU B 126 27.45 2.95 5.07
N GLN B 127 27.19 4.24 4.83
CA GLN B 127 26.29 4.97 5.70
C GLN B 127 24.87 4.43 5.64
N MET B 128 24.50 3.78 4.53
CA MET B 128 23.17 3.23 4.34
C MET B 128 23.11 1.73 4.63
N GLY B 129 24.20 1.13 5.10
CA GLY B 129 24.22 -0.28 5.43
C GLY B 129 24.86 -1.17 4.40
N GLY B 130 25.38 -0.61 3.31
CA GLY B 130 26.05 -1.39 2.28
C GLY B 130 27.53 -1.55 2.54
N LEU B 131 28.20 -2.14 1.55
CA LEU B 131 29.65 -2.28 1.57
C LEU B 131 30.31 -1.52 0.43
N GLY B 132 29.54 -0.78 -0.36
CA GLY B 132 30.06 0.02 -1.45
C GLY B 132 30.80 -0.78 -2.50
N GLY B 133 30.20 -1.87 -2.97
CA GLY B 133 30.84 -2.72 -3.96
C GLY B 133 29.81 -3.59 -4.64
N GLY B 134 30.28 -4.38 -5.59
CA GLY B 134 29.43 -5.24 -6.39
C GLY B 134 29.27 -6.63 -5.80
N ALA B 135 28.73 -7.51 -6.62
CA ALA B 135 28.44 -8.88 -6.20
C ALA B 135 28.66 -9.83 -7.37
N VAL B 136 29.05 -11.07 -7.04
CA VAL B 136 29.15 -12.16 -8.00
C VAL B 136 28.14 -13.22 -7.61
N TYR B 137 27.26 -13.58 -8.55
CA TYR B 137 26.21 -14.56 -8.34
C TYR B 137 26.52 -15.78 -9.18
N ILE B 138 26.93 -16.87 -8.55
CA ILE B 138 27.30 -18.10 -9.24
C ILE B 138 26.07 -19.01 -9.29
N CYS B 139 25.56 -19.23 -10.50
CA CYS B 139 24.35 -20.02 -10.71
C CYS B 139 24.72 -21.43 -11.16
N THR B 140 24.12 -22.43 -10.54
CA THR B 140 24.31 -23.81 -10.94
C THR B 140 23.03 -24.42 -11.48
N GLU B 141 21.90 -23.73 -11.33
CA GLU B 141 20.58 -24.28 -11.56
C GLU B 141 19.96 -23.52 -12.73
N ASP B 142 18.88 -22.78 -12.49
CA ASP B 142 18.12 -22.13 -13.54
C ASP B 142 18.87 -20.91 -14.08
N VAL B 143 18.27 -20.31 -15.10
CA VAL B 143 18.74 -19.03 -15.61
C VAL B 143 18.50 -17.96 -14.55
N PHE B 144 19.34 -16.94 -14.54
CA PHE B 144 19.14 -15.86 -13.60
C PHE B 144 17.83 -15.14 -13.90
N PRO B 145 17.02 -14.81 -12.90
CA PRO B 145 15.75 -14.10 -13.14
C PRO B 145 15.95 -12.60 -13.31
N ASN B 146 16.47 -12.21 -14.48
CA ASN B 146 16.82 -10.81 -14.72
C ASN B 146 15.60 -9.91 -14.69
N LYS B 147 14.45 -10.41 -15.15
CA LYS B 147 13.21 -9.63 -15.08
C LYS B 147 12.87 -9.26 -13.65
N ARG B 148 13.03 -10.21 -12.72
CA ARG B 148 12.74 -9.93 -11.32
C ARG B 148 13.75 -8.96 -10.72
N LEU B 149 15.02 -9.10 -11.09
CA LEU B 149 16.04 -8.19 -10.56
C LEU B 149 15.78 -6.75 -10.99
N VAL B 150 15.48 -6.56 -12.28
CA VAL B 150 15.22 -5.22 -12.79
C VAL B 150 14.00 -4.61 -12.11
N GLN B 151 13.01 -5.43 -11.75
CA GLN B 151 11.88 -4.92 -10.99
C GLN B 151 12.32 -4.42 -9.61
N MET B 152 13.15 -5.19 -8.92
CA MET B 152 13.61 -4.77 -7.60
C MET B 152 14.46 -3.51 -7.67
N ILE B 153 15.30 -3.40 -8.69
CA ILE B 153 16.15 -2.22 -8.84
C ILE B 153 15.29 -0.97 -9.04
N SER B 154 14.31 -1.06 -9.93
CA SER B 154 13.42 0.07 -10.17
C SER B 154 12.64 0.45 -8.91
N GLN B 155 12.11 -0.55 -8.20
CA GLN B 155 11.42 -0.27 -6.95
C GLN B 155 12.35 0.34 -5.92
N LEU B 156 13.63 -0.07 -5.91
CA LEU B 156 14.57 0.49 -4.95
C LEU B 156 14.88 1.95 -5.27
N LYS B 157 15.12 2.26 -6.55
CA LYS B 157 15.37 3.64 -6.94
C LYS B 157 14.13 4.50 -6.74
N GLN B 158 12.94 3.94 -6.95
CA GLN B 158 11.70 4.69 -6.76
C GLN B 158 11.49 5.03 -5.29
N ARG B 159 11.75 4.07 -4.39
CA ARG B 159 11.49 4.26 -2.98
C ARG B 159 12.63 4.93 -2.23
N ALA B 160 13.81 5.02 -2.83
CA ALA B 160 14.90 5.74 -2.21
C ALA B 160 14.73 7.23 -2.50
N HIS B 161 14.85 8.05 -1.46
CA HIS B 161 14.72 9.49 -1.61
C HIS B 161 16.06 10.20 -1.63
N ASP B 162 17.13 9.48 -1.94
CA ASP B 162 18.47 10.05 -2.01
C ASP B 162 18.99 9.82 -3.43
N VAL B 163 19.56 10.87 -4.01
CA VAL B 163 20.14 10.77 -5.34
C VAL B 163 21.34 9.84 -5.35
N LYS B 164 22.03 9.72 -4.22
CA LYS B 164 23.21 8.86 -4.14
C LYS B 164 22.88 7.41 -4.53
N VAL B 165 21.71 6.92 -4.11
CA VAL B 165 21.31 5.57 -4.51
C VAL B 165 20.80 5.54 -5.94
N LYS B 166 20.07 6.58 -6.36
CA LYS B 166 19.48 6.58 -7.70
C LYS B 166 20.54 6.56 -8.79
N ASP B 167 21.71 7.16 -8.54
CA ASP B 167 22.76 7.23 -9.53
C ASP B 167 23.68 6.01 -9.50
N ILE B 168 23.31 4.97 -8.76
CA ILE B 168 24.00 3.69 -8.81
C ILE B 168 23.42 2.85 -9.94
N CYS B 169 24.29 2.28 -10.76
CA CYS B 169 23.88 1.34 -11.81
C CYS B 169 24.07 -0.06 -11.25
N PHE B 170 23.01 -0.61 -10.66
CA PHE B 170 23.12 -1.89 -9.97
C PHE B 170 23.45 -3.03 -10.93
N THR B 171 22.82 -3.05 -12.12
CA THR B 171 23.02 -4.16 -13.03
C THR B 171 24.47 -4.26 -13.50
N ASP B 172 25.17 -3.13 -13.56
CA ASP B 172 26.56 -3.15 -14.04
C ASP B 172 27.53 -3.77 -13.05
N ASN B 173 27.14 -3.91 -11.77
CA ASN B 173 28.04 -4.39 -10.74
C ASN B 173 27.62 -5.75 -10.17
N ILE B 174 26.71 -6.45 -10.83
CA ILE B 174 26.28 -7.78 -10.43
C ILE B 174 26.78 -8.74 -11.50
N PHE B 175 27.71 -9.61 -11.16
CA PHE B 175 28.37 -10.45 -12.14
C PHE B 175 27.84 -11.87 -12.01
N ILE B 176 27.14 -12.34 -13.04
CA ILE B 176 26.50 -13.65 -13.02
C ILE B 176 27.42 -14.67 -13.66
N GLU B 177 27.72 -15.73 -12.93
CA GLU B 177 28.47 -16.87 -13.44
C GLU B 177 27.58 -18.09 -13.40
N HIS B 178 27.78 -19.00 -14.34
CA HIS B 178 27.08 -20.27 -14.38
CA HIS B 178 27.08 -20.28 -14.36
C HIS B 178 28.09 -21.40 -14.25
N ALA B 179 27.90 -22.25 -13.25
CA ALA B 179 28.74 -23.43 -13.03
C ALA B 179 27.87 -24.66 -13.21
N ALA B 180 28.19 -25.48 -14.21
CA ALA B 180 27.35 -26.62 -14.53
C ALA B 180 27.66 -27.83 -13.67
N GLU B 181 28.94 -28.01 -13.30
CA GLU B 181 29.34 -29.19 -12.55
C GLU B 181 30.25 -28.78 -11.38
N LEU B 182 30.49 -29.74 -10.49
CA LEU B 182 31.22 -29.46 -9.27
C LEU B 182 32.64 -29.00 -9.53
N ASP B 183 33.31 -29.60 -10.52
CA ASP B 183 34.68 -29.19 -10.83
C ASP B 183 34.73 -27.77 -11.39
N ASP B 184 33.76 -27.42 -12.24
CA ASP B 184 33.71 -26.07 -12.79
C ASP B 184 33.46 -25.04 -11.68
N LEU B 185 32.59 -25.36 -10.72
CA LEU B 185 32.36 -24.46 -9.60
C LEU B 185 33.65 -24.19 -8.82
N HIS B 186 34.47 -25.24 -8.63
CA HIS B 186 35.74 -25.04 -7.94
C HIS B 186 36.68 -24.12 -8.72
N TYR B 187 36.71 -24.25 -10.05
CA TYR B 187 37.50 -23.33 -10.85
C TYR B 187 36.99 -21.90 -10.71
N CYS B 188 35.67 -21.73 -10.80
CA CYS B 188 35.08 -20.39 -10.67
C CYS B 188 35.42 -19.75 -9.32
N VAL B 189 35.29 -20.53 -8.24
CA VAL B 189 35.57 -19.99 -6.91
C VAL B 189 37.06 -19.71 -6.75
N SER B 190 37.91 -20.62 -7.24
CA SER B 190 39.35 -20.51 -7.00
C SER B 190 40.06 -19.60 -7.99
N LYS B 191 39.54 -19.45 -9.21
CA LYS B 191 40.25 -18.70 -10.23
C LYS B 191 39.49 -17.47 -10.72
N LYS B 192 38.19 -17.61 -10.99
CA LYS B 192 37.42 -16.49 -11.53
C LYS B 192 37.09 -15.46 -10.44
N VAL B 193 36.55 -15.93 -9.31
CA VAL B 193 36.08 -15.02 -8.27
C VAL B 193 37.19 -14.11 -7.73
N PRO B 194 38.40 -14.60 -7.41
CA PRO B 194 39.41 -13.69 -6.86
C PRO B 194 39.75 -12.52 -7.76
N VAL B 195 39.65 -12.70 -9.08
CA VAL B 195 39.82 -11.58 -10.00
C VAL B 195 38.77 -10.51 -9.73
N LEU B 196 37.51 -10.92 -9.57
CA LEU B 196 36.44 -9.98 -9.29
C LEU B 196 36.63 -9.28 -7.95
N LEU B 197 37.10 -10.02 -6.93
CA LEU B 197 37.29 -9.42 -5.62
C LEU B 197 38.41 -8.37 -5.63
N ALA B 198 39.43 -8.58 -6.46
CA ALA B 198 40.57 -7.69 -6.50
C ALA B 198 40.41 -6.55 -7.50
N GLN B 199 39.90 -6.84 -8.70
CA GLN B 199 39.95 -5.86 -9.79
C GLN B 199 38.65 -5.11 -10.01
N ARG B 200 37.50 -5.67 -9.60
CA ARG B 200 36.22 -5.00 -9.78
C ARG B 200 35.54 -4.66 -8.47
N HIS B 201 36.23 -4.78 -7.34
CA HIS B 201 35.72 -4.42 -6.02
C HIS B 201 34.37 -5.10 -5.73
N VAL B 202 34.33 -6.40 -5.99
CA VAL B 202 33.17 -7.18 -5.58
C VAL B 202 33.23 -7.36 -4.07
N LYS B 203 32.10 -7.14 -3.40
CA LYS B 203 32.05 -7.18 -1.94
C LYS B 203 31.06 -8.21 -1.43
N LEU B 204 30.66 -9.16 -2.27
CA LEU B 204 29.69 -10.19 -1.87
C LEU B 204 29.79 -11.36 -2.83
N ILE B 205 29.86 -12.57 -2.28
CA ILE B 205 29.92 -13.80 -3.06
C ILE B 205 28.68 -14.62 -2.75
N ILE B 206 27.96 -15.01 -3.79
CA ILE B 206 26.76 -15.82 -3.65
C ILE B 206 26.91 -17.07 -4.52
N ILE B 207 26.61 -18.23 -3.94
CA ILE B 207 26.60 -19.50 -4.66
C ILE B 207 25.21 -20.09 -4.50
N ASP B 208 24.57 -20.38 -5.63
CA ASP B 208 23.18 -20.83 -5.63
C ASP B 208 23.01 -21.77 -6.82
N SER B 209 23.05 -23.07 -6.56
CA SER B 209 23.19 -23.68 -5.24
C SER B 209 24.32 -24.72 -5.23
N ILE B 210 25.11 -24.71 -4.15
CA ILE B 210 26.17 -25.69 -3.99
C ILE B 210 25.59 -27.10 -3.89
N ALA B 211 24.41 -27.24 -3.28
CA ALA B 211 23.84 -28.57 -3.07
C ALA B 211 23.33 -29.17 -4.37
N ALA B 212 22.79 -28.34 -5.27
CA ALA B 212 22.25 -28.84 -6.52
C ALA B 212 23.30 -29.57 -7.34
N LEU B 213 24.55 -29.09 -7.29
CA LEU B 213 25.62 -29.75 -8.04
C LEU B 213 25.91 -31.16 -7.54
N PHE B 214 25.51 -31.48 -6.30
CA PHE B 214 25.56 -32.85 -5.79
C PHE B 214 24.36 -33.64 -6.29
N ARG B 215 24.25 -33.71 -7.63
CA ARG B 215 23.02 -34.20 -8.23
C ARG B 215 22.92 -35.72 -8.20
N CYS B 216 23.80 -36.42 -8.90
CA CYS B 216 23.52 -37.84 -9.17
C CYS B 216 24.69 -38.75 -9.46
N GLU B 217 25.93 -38.34 -9.17
CA GLU B 217 27.10 -39.10 -9.62
C GLU B 217 27.07 -40.54 -9.09
N HIS B 218 27.16 -40.71 -7.78
CA HIS B 218 27.08 -42.02 -7.12
C HIS B 218 28.16 -42.98 -7.64
N ASP B 219 29.39 -42.50 -7.69
CA ASP B 219 30.57 -43.35 -7.75
C ASP B 219 31.40 -43.02 -6.52
N SER B 220 31.78 -44.04 -5.75
CA SER B 220 32.54 -43.77 -4.53
C SER B 220 33.84 -43.06 -4.85
N GLN B 221 34.53 -43.48 -5.92
CA GLN B 221 35.69 -42.73 -6.39
C GLN B 221 35.32 -41.30 -6.72
N SER B 222 34.14 -41.10 -7.30
CA SER B 222 33.60 -39.75 -7.42
C SER B 222 33.12 -39.22 -6.08
N LEU B 223 32.58 -40.09 -5.22
CA LEU B 223 32.06 -39.62 -3.93
C LEU B 223 33.17 -39.13 -3.02
N GLN B 224 34.30 -39.84 -2.99
CA GLN B 224 35.49 -39.26 -2.39
C GLN B 224 35.86 -37.96 -3.10
N GLU B 225 35.72 -37.94 -4.42
CA GLU B 225 36.02 -36.75 -5.20
C GLU B 225 34.98 -35.67 -4.96
N ARG B 226 33.71 -36.06 -4.78
CA ARG B 226 32.66 -35.07 -4.48
C ARG B 226 32.90 -34.40 -3.13
N ALA B 227 33.31 -35.18 -2.13
CA ALA B 227 33.62 -34.62 -0.82
C ALA B 227 34.95 -33.87 -0.81
N ARG B 228 35.91 -34.32 -1.61
CA ARG B 228 37.17 -33.58 -1.71
C ARG B 228 36.96 -32.21 -2.34
N LEU B 229 36.11 -32.14 -3.36
CA LEU B 229 35.83 -30.86 -3.99
C LEU B 229 35.03 -29.94 -3.07
N MET B 230 34.22 -30.51 -2.17
CA MET B 230 33.49 -29.69 -1.22
C MET B 230 34.42 -28.96 -0.27
N GLN B 231 35.29 -29.71 0.40
CA GLN B 231 36.23 -29.10 1.33
C GLN B 231 37.05 -28.01 0.65
N LEU B 232 37.47 -28.24 -0.59
CA LEU B 232 38.29 -27.24 -1.29
C LEU B 232 37.47 -26.00 -1.62
N ILE B 233 36.24 -26.18 -2.10
CA ILE B 233 35.40 -25.02 -2.42
C ILE B 233 35.01 -24.28 -1.15
N ALA B 234 34.62 -25.01 -0.10
CA ALA B 234 34.24 -24.37 1.15
C ALA B 234 35.43 -23.66 1.80
N SER B 235 36.60 -24.30 1.80
CA SER B 235 37.78 -23.67 2.37
C SER B 235 38.16 -22.41 1.60
N LYS B 236 38.10 -22.48 0.27
CA LYS B 236 38.44 -21.31 -0.54
C LYS B 236 37.45 -20.17 -0.28
N LEU B 237 36.17 -20.49 -0.11
CA LEU B 237 35.17 -19.46 0.18
C LEU B 237 35.48 -18.73 1.48
N LEU B 238 35.79 -19.50 2.54
CA LEU B 238 36.16 -18.89 3.81
C LEU B 238 37.42 -18.06 3.68
N GLN B 239 38.42 -18.57 2.94
CA GLN B 239 39.67 -17.83 2.79
C GLN B 239 39.44 -16.51 2.06
N LEU B 240 38.59 -16.51 1.04
CA LEU B 240 38.30 -15.26 0.33
C LEU B 240 37.51 -14.28 1.21
N ALA B 241 36.55 -14.80 1.99
CA ALA B 241 35.77 -13.93 2.86
C ALA B 241 36.65 -13.18 3.84
N ASN B 242 37.61 -13.88 4.45
CA ASN B 242 38.53 -13.24 5.39
C ASN B 242 39.47 -12.27 4.66
N GLN B 243 40.04 -12.72 3.55
CA GLN B 243 41.09 -11.95 2.89
C GLN B 243 40.55 -10.64 2.31
N PHE B 244 39.35 -10.67 1.73
CA PHE B 244 38.80 -9.49 1.08
C PHE B 244 37.72 -8.80 1.91
N ASN B 245 37.45 -9.28 3.13
CA ASN B 245 36.45 -8.70 4.03
C ASN B 245 35.08 -8.63 3.36
N VAL B 246 34.59 -9.79 2.92
CA VAL B 246 33.32 -9.87 2.22
C VAL B 246 32.49 -11.00 2.82
N PRO B 247 31.16 -10.94 2.73
CA PRO B 247 30.34 -12.10 3.10
C PRO B 247 30.29 -13.10 1.96
N ALA B 248 30.35 -14.38 2.33
CA ALA B 248 30.13 -15.48 1.39
C ALA B 248 28.82 -16.15 1.77
N ILE B 249 27.90 -16.24 0.81
CA ILE B 249 26.56 -16.75 1.06
C ILE B 249 26.30 -17.91 0.13
N CYS B 250 25.98 -19.07 0.71
CA CYS B 250 25.66 -20.28 -0.04
C CYS B 250 24.20 -20.63 0.13
N VAL B 251 23.51 -20.82 -0.98
CA VAL B 251 22.14 -21.29 -0.95
C VAL B 251 22.15 -22.81 -1.01
N ASN B 252 21.23 -23.43 -0.28
CA ASN B 252 21.19 -24.87 -0.14
C ASN B 252 19.74 -25.29 -0.05
N GLN B 253 19.40 -26.36 -0.77
CA GLN B 253 18.07 -26.95 -0.66
C GLN B 253 18.03 -27.84 0.57
N VAL B 254 17.09 -27.57 1.47
CA VAL B 254 16.92 -28.41 2.65
C VAL B 254 16.17 -29.67 2.25
N SER B 255 16.78 -30.84 2.50
CA SER B 255 16.22 -32.12 2.07
C SER B 255 15.30 -32.63 3.18
N ASP B 256 13.99 -32.51 2.95
CA ASP B 256 12.97 -32.75 3.97
C ASP B 256 12.50 -34.20 4.00
N VAL B 257 11.94 -34.68 2.89
CA VAL B 257 11.03 -35.82 2.94
C VAL B 257 11.76 -37.12 3.28
N VAL B 258 13.04 -37.24 2.93
CA VAL B 258 13.74 -38.49 3.18
C VAL B 258 14.23 -38.56 4.62
N GLU B 259 14.86 -37.47 5.10
CA GLU B 259 15.35 -37.46 6.47
C GLU B 259 14.21 -37.56 7.47
N GLN B 260 13.15 -36.79 7.26
CA GLN B 260 11.96 -36.85 8.10
C GLN B 260 10.94 -37.85 7.59
N HIS B 261 11.40 -38.92 6.93
CA HIS B 261 10.62 -40.11 6.62
C HIS B 261 9.20 -39.83 6.13
N ARG B 268 6.90 -31.90 8.84
CA ARG B 268 7.28 -30.54 8.52
C ARG B 268 8.71 -30.24 8.94
N LYS B 269 9.31 -31.18 9.68
CA LYS B 269 10.70 -31.01 10.08
C LYS B 269 11.62 -31.38 8.92
N VAL B 270 12.86 -30.88 8.99
CA VAL B 270 13.72 -30.78 7.81
C VAL B 270 15.18 -30.92 8.22
N ILE B 271 16.03 -31.24 7.24
CA ILE B 271 17.48 -31.36 7.43
C ILE B 271 18.22 -30.85 6.20
N PRO B 272 19.19 -29.95 6.36
CA PRO B 272 19.98 -29.52 5.20
C PRO B 272 20.79 -30.65 4.60
N THR B 273 21.25 -30.43 3.37
CA THR B 273 21.58 -31.53 2.46
C THR B 273 23.02 -32.03 2.56
N LEU B 274 24.00 -31.12 2.57
CA LEU B 274 25.37 -31.48 2.22
C LEU B 274 26.13 -32.26 3.31
N GLY B 275 25.48 -32.63 4.40
CA GLY B 275 26.12 -33.38 5.45
C GLY B 275 26.90 -32.56 6.49
N ILE B 276 27.60 -33.30 7.35
CA ILE B 276 28.30 -32.70 8.48
C ILE B 276 29.62 -32.05 8.06
N SER B 277 30.32 -32.60 7.05
CA SER B 277 31.58 -32.00 6.62
C SER B 277 31.34 -30.60 6.07
N TRP B 278 30.26 -30.41 5.33
CA TRP B 278 29.88 -29.08 4.86
C TRP B 278 29.49 -28.18 6.03
N ALA B 279 28.63 -28.70 6.93
CA ALA B 279 28.14 -27.91 8.05
C ALA B 279 29.29 -27.36 8.90
N ASN B 280 30.39 -28.10 9.02
CA ASN B 280 31.53 -27.65 9.80
C ASN B 280 32.19 -26.39 9.25
N HIS B 281 31.87 -25.99 8.00
CA HIS B 281 32.40 -24.75 7.46
C HIS B 281 31.46 -23.57 7.63
N VAL B 282 30.19 -23.82 7.96
CA VAL B 282 29.20 -22.76 7.99
C VAL B 282 29.28 -22.01 9.31
N THR B 283 29.44 -20.69 9.23
CA THR B 283 29.43 -19.86 10.42
C THR B 283 28.00 -19.64 10.91
N VAL B 284 27.10 -19.28 10.00
CA VAL B 284 25.70 -19.00 10.30
C VAL B 284 24.84 -19.72 9.28
N ARG B 285 23.89 -20.52 9.75
CA ARG B 285 22.97 -21.26 8.89
C ARG B 285 21.54 -20.79 9.18
N LEU B 286 20.88 -20.26 8.17
CA LEU B 286 19.48 -19.85 8.26
C LEU B 286 18.63 -20.79 7.41
N MET B 287 17.36 -20.92 7.79
CA MET B 287 16.41 -21.72 7.01
C MET B 287 15.14 -20.94 6.75
N LEU B 288 14.70 -20.93 5.50
CA LEU B 288 13.46 -20.29 5.07
C LEU B 288 12.42 -21.36 4.74
N MET B 289 11.20 -21.17 5.22
CA MET B 289 10.10 -22.08 4.95
C MET B 289 8.88 -21.29 4.53
N ARG B 290 8.00 -21.94 3.76
CA ARG B 290 6.67 -21.39 3.50
C ARG B 290 5.69 -21.85 4.58
N THR B 291 4.68 -21.04 4.81
CA THR B 291 3.56 -21.38 5.66
C THR B 291 2.28 -21.33 4.83
N ASN B 292 1.18 -21.83 5.42
CA ASN B 292 -0.11 -21.73 4.76
C ASN B 292 -0.77 -20.38 4.96
N TYR B 293 -0.33 -19.62 5.95
CA TYR B 293 -0.98 -18.36 6.29
C TYR B 293 -0.67 -17.28 5.27
N LYS B 294 -1.61 -16.36 5.11
CA LYS B 294 -1.49 -15.24 4.20
C LYS B 294 -1.77 -13.94 4.94
N LEU B 295 -1.21 -12.85 4.42
CA LEU B 295 -1.33 -11.53 5.03
C LEU B 295 -2.05 -10.59 4.07
N PRO B 296 -3.15 -9.97 4.46
CA PRO B 296 -3.78 -8.97 3.57
C PRO B 296 -2.96 -7.68 3.59
N VAL B 297 -2.56 -7.24 2.39
CA VAL B 297 -1.84 -5.99 2.21
C VAL B 297 -2.60 -5.12 1.21
N GLN B 298 -2.69 -3.83 1.51
CA GLN B 298 -3.31 -2.88 0.59
C GLN B 298 -2.37 -2.56 -0.56
N GLN B 299 -2.87 -2.69 -1.79
CA GLN B 299 -2.12 -2.25 -2.97
C GLN B 299 -2.46 -0.80 -3.31
N LYS B 300 -1.45 0.07 -3.45
CA LYS B 300 -1.74 1.49 -3.56
C LYS B 300 -1.00 2.20 -4.69
N ASN B 301 0.03 1.55 -5.22
CA ASN B 301 0.95 2.08 -6.24
C ASN B 301 1.46 3.43 -5.77
N ILE B 302 1.78 4.37 -6.66
CA ILE B 302 2.38 5.64 -6.23
C ILE B 302 1.41 6.84 -6.24
N GLU B 303 1.25 7.52 -7.38
CA GLU B 303 0.30 8.65 -7.44
C GLU B 303 -1.13 8.15 -7.32
N GLY B 304 -1.39 6.96 -7.83
CA GLY B 304 -2.65 6.30 -7.53
C GLY B 304 -2.62 5.92 -6.06
N ASP B 305 -3.78 5.65 -5.50
CA ASP B 305 -3.87 5.46 -4.05
C ASP B 305 -4.32 4.03 -3.75
N VAL B 306 -4.39 3.72 -2.46
CA VAL B 306 -4.86 2.42 -1.99
C VAL B 306 -6.11 2.07 -2.77
N ILE B 307 -6.11 0.91 -3.42
CA ILE B 307 -7.23 0.46 -4.22
C ILE B 307 -7.92 -0.77 -3.64
N GLY B 308 -7.19 -1.63 -2.96
CA GLY B 308 -7.79 -2.80 -2.35
C GLY B 308 -6.71 -3.63 -1.70
N SER B 309 -7.13 -4.72 -1.09
CA SER B 309 -6.24 -5.64 -0.41
C SER B 309 -6.02 -6.90 -1.23
N LEU B 310 -4.78 -7.37 -1.23
CA LEU B 310 -4.37 -8.63 -1.81
C LEU B 310 -3.67 -9.46 -0.74
N ASP B 311 -3.45 -10.74 -1.04
CA ASP B 311 -2.81 -11.66 -0.10
C ASP B 311 -1.36 -11.88 -0.49
N VAL B 312 -0.48 -11.83 0.51
CA VAL B 312 0.91 -12.22 0.36
C VAL B 312 1.16 -13.45 1.22
N GLN B 313 2.04 -14.32 0.73
CA GLN B 313 2.36 -15.53 1.49
C GLN B 313 3.24 -15.17 2.67
N ILE B 314 2.89 -15.67 3.85
CA ILE B 314 3.70 -15.49 5.04
C ILE B 314 4.74 -16.59 5.08
N ARG B 315 6.00 -16.20 5.29
CA ARG B 315 7.14 -17.10 5.29
C ARG B 315 7.89 -16.96 6.62
N THR B 316 8.65 -17.99 6.96
CA THR B 316 9.42 -17.99 8.19
C THR B 316 10.91 -18.03 7.89
N MET B 317 11.68 -17.35 8.75
CA MET B 317 13.13 -17.42 8.75
C MET B 317 13.58 -17.85 10.13
N GLU B 318 14.44 -18.87 10.19
CA GLU B 318 14.87 -19.47 11.45
C GLU B 318 16.39 -19.55 11.49
N VAL B 319 16.95 -19.27 12.66
CA VAL B 319 18.38 -19.44 12.89
C VAL B 319 18.62 -20.86 13.39
N LEU B 320 19.18 -21.70 12.51
CA LEU B 320 19.51 -23.07 12.92
C LEU B 320 20.74 -23.10 13.82
N PHE B 321 21.79 -22.37 13.44
CA PHE B 321 22.89 -22.12 14.37
C PHE B 321 23.64 -20.87 13.94
N ALA B 322 24.23 -20.20 14.93
CA ALA B 322 25.05 -19.01 14.73
C ALA B 322 25.81 -18.73 16.02
N PRO B 323 27.05 -18.24 15.94
CA PRO B 323 27.83 -18.01 17.18
C PRO B 323 27.23 -16.94 18.08
N HIS B 324 26.35 -16.09 17.56
CA HIS B 324 25.85 -14.94 18.30
C HIS B 324 24.34 -14.77 18.25
N LEU B 325 23.60 -15.68 17.61
CA LEU B 325 22.16 -15.52 17.52
C LEU B 325 21.44 -16.64 18.26
N PRO B 326 20.32 -16.35 18.90
CA PRO B 326 19.49 -17.42 19.46
C PRO B 326 18.78 -18.19 18.37
N ASN B 327 18.25 -19.36 18.73
CA ASN B 327 17.47 -20.16 17.79
C ASN B 327 16.06 -19.57 17.68
N SER B 328 16.00 -18.40 17.05
CA SER B 328 14.77 -17.65 16.96
C SER B 328 14.13 -17.83 15.59
N LEU B 329 12.87 -17.40 15.49
CA LEU B 329 12.13 -17.45 14.24
C LEU B 329 11.53 -16.07 13.99
N CYS B 330 11.42 -15.72 12.71
CA CYS B 330 10.86 -14.42 12.33
C CYS B 330 10.09 -14.56 11.03
N ARG B 331 8.95 -13.86 10.95
CA ARG B 331 8.10 -13.88 9.77
C ARG B 331 8.55 -12.83 8.77
N PHE B 332 8.32 -13.10 7.49
CA PHE B 332 8.64 -12.15 6.43
C PHE B 332 7.75 -12.45 5.22
N ILE B 333 7.76 -11.53 4.26
CA ILE B 333 6.97 -11.63 3.05
C ILE B 333 7.86 -11.27 1.86
N VAL B 334 7.34 -11.55 0.66
CA VAL B 334 7.95 -11.14 -0.59
C VAL B 334 6.90 -10.39 -1.40
N ASP B 335 7.24 -9.20 -1.86
CA ASP B 335 6.34 -8.41 -2.71
C ASP B 335 7.16 -7.79 -3.83
N GLN B 336 6.65 -6.69 -4.41
CA GLN B 336 7.32 -6.07 -5.54
C GLN B 336 8.71 -5.57 -5.15
N ASP B 337 8.82 -4.96 -3.97
CA ASP B 337 10.10 -4.40 -3.55
C ASP B 337 11.11 -5.48 -3.22
N GLY B 338 10.65 -6.65 -2.79
CA GLY B 338 11.54 -7.73 -2.42
C GLY B 338 11.15 -8.36 -1.09
N VAL B 339 12.15 -8.63 -0.26
CA VAL B 339 11.93 -9.33 1.00
C VAL B 339 11.76 -8.31 2.11
N LYS B 340 10.64 -8.40 2.83
CA LYS B 340 10.34 -7.48 3.91
C LYS B 340 10.02 -8.29 5.17
N GLY B 341 10.62 -7.89 6.28
CA GLY B 341 10.30 -8.52 7.54
C GLY B 341 8.91 -8.14 8.02
N LEU B 342 8.47 -8.85 9.05
CA LEU B 342 7.21 -8.50 9.70
C LEU B 342 7.45 -8.21 11.17
N PRO B 343 6.82 -7.17 11.72
CA PRO B 343 7.04 -6.85 13.13
C PRO B 343 6.54 -7.96 14.04
N ALA B 344 7.27 -8.15 15.15
CA ALA B 344 6.94 -9.20 16.10
C ALA B 344 5.69 -8.85 16.89
N LYS B 345 4.93 -9.88 17.30
CA LYS B 345 5.17 -11.28 16.99
C LYS B 345 3.85 -12.04 16.88
N LYS C 1 12.49 41.18 24.88
CA LYS C 1 12.33 40.41 23.66
C LYS C 1 13.69 40.04 23.06
N ASP C 2 13.83 38.79 22.66
CA ASP C 2 15.13 38.24 22.28
C ASP C 2 15.60 38.83 20.94
N GLU C 3 16.80 38.42 20.54
CA GLU C 3 17.48 39.01 19.40
C GLU C 3 16.93 38.51 18.06
N ARG C 4 16.27 37.34 18.06
CA ARG C 4 15.71 36.79 16.84
C ARG C 4 14.38 37.44 16.47
N SER C 5 13.59 37.85 17.46
CA SER C 5 12.26 38.39 17.22
C SER C 5 12.28 39.73 16.49
N GLN C 6 13.45 40.33 16.30
CA GLN C 6 13.56 41.63 15.65
C GLN C 6 14.26 41.55 14.30
N LEU C 7 14.61 40.35 13.85
CA LEU C 7 15.28 40.18 12.57
C LEU C 7 14.29 40.33 11.42
N SER C 8 14.83 40.56 10.23
CA SER C 8 14.04 40.71 9.02
C SER C 8 14.70 39.97 7.88
N ILE C 9 13.89 39.53 6.92
CA ILE C 9 14.37 38.82 5.75
C ILE C 9 14.41 39.82 4.59
N VAL C 10 15.61 40.02 4.03
CA VAL C 10 15.76 40.97 2.94
C VAL C 10 15.12 40.43 1.67
N THR C 11 14.71 41.33 0.80
CA THR C 11 14.09 41.00 -0.47
C THR C 11 15.03 41.17 -1.65
N PHE C 12 16.28 41.59 -1.41
CA PHE C 12 17.28 41.95 -2.40
C PHE C 12 16.95 43.25 -3.14
N SER C 13 15.88 43.93 -2.76
CA SER C 13 15.59 45.29 -3.22
C SER C 13 15.65 46.20 -1.99
N GLU C 14 16.59 47.14 -1.98
CA GLU C 14 16.68 48.05 -0.84
C GLU C 14 15.44 48.92 -0.74
N GLN C 15 14.91 49.35 -1.89
CA GLN C 15 13.65 50.12 -1.87
C GLN C 15 12.51 49.31 -1.26
N LEU C 16 12.43 48.02 -1.57
CA LEU C 16 11.40 47.18 -0.97
C LEU C 16 11.62 47.05 0.54
N ASP C 17 12.88 46.89 0.97
CA ASP C 17 13.18 46.77 2.38
C ASP C 17 12.84 48.05 3.15
N GLN C 18 12.92 49.21 2.50
CA GLN C 18 12.55 50.47 3.15
C GLN C 18 11.12 50.43 3.66
N ILE C 19 10.15 50.31 2.75
CA ILE C 19 8.75 50.37 3.13
C ILE C 19 8.37 49.20 4.04
N LEU C 20 9.11 48.10 3.96
CA LEU C 20 8.89 46.97 4.87
C LEU C 20 9.55 47.19 6.23
N GLY C 21 10.38 48.22 6.38
CA GLY C 21 11.08 48.44 7.62
C GLY C 21 12.36 47.65 7.78
N GLY C 22 13.02 47.32 6.67
CA GLY C 22 14.24 46.55 6.68
C GLY C 22 14.12 45.16 6.11
N GLY C 23 12.91 44.66 5.88
CA GLY C 23 12.71 43.33 5.37
C GLY C 23 11.38 42.78 5.85
N VAL C 24 11.14 41.52 5.55
CA VAL C 24 9.93 40.85 6.02
C VAL C 24 10.14 40.46 7.47
N PRO C 25 9.37 41.03 8.40
CA PRO C 25 9.69 40.87 9.83
C PRO C 25 9.29 39.51 10.36
N LEU C 26 10.16 38.95 11.21
CA LEU C 26 9.80 37.75 11.93
C LEU C 26 8.73 38.07 12.98
N THR C 27 8.00 37.04 13.39
CA THR C 27 6.93 37.08 14.39
C THR C 27 5.68 37.82 13.92
N LYS C 28 5.61 38.19 12.64
CA LYS C 28 4.44 38.83 12.08
C LYS C 28 3.99 38.11 10.81
N ILE C 29 2.83 38.52 10.32
CA ILE C 29 2.29 38.08 9.04
C ILE C 29 2.46 39.21 8.03
N THR C 30 3.06 38.91 6.90
CA THR C 30 3.16 39.84 5.78
C THR C 30 2.35 39.28 4.62
N GLU C 31 1.56 40.14 3.99
CA GLU C 31 0.62 39.72 2.95
C GLU C 31 0.97 40.42 1.64
N ILE C 32 1.03 39.64 0.56
CA ILE C 32 1.39 40.14 -0.76
C ILE C 32 0.22 39.87 -1.70
N CYS C 33 -0.35 40.94 -2.25
CA CYS C 33 -1.47 40.85 -3.17
C CYS C 33 -1.06 41.41 -4.54
N GLY C 34 -1.70 40.91 -5.58
CA GLY C 34 -1.43 41.40 -6.92
C GLY C 34 -2.07 40.56 -8.02
N ALA C 35 -2.22 41.17 -9.19
CA ALA C 35 -2.77 40.50 -10.37
C ALA C 35 -1.84 39.36 -10.77
N PRO C 36 -2.26 38.45 -11.65
CA PRO C 36 -1.35 37.38 -12.09
C PRO C 36 -0.13 37.96 -12.79
N GLY C 37 1.02 37.32 -12.57
CA GLY C 37 2.24 37.71 -13.24
C GLY C 37 2.96 38.90 -12.67
N VAL C 38 2.52 39.43 -11.52
CA VAL C 38 3.17 40.62 -10.98
C VAL C 38 4.39 40.30 -10.13
N GLY C 39 4.47 39.10 -9.55
CA GLY C 39 5.67 38.72 -8.84
C GLY C 39 5.46 38.15 -7.44
N LYS C 40 4.23 37.75 -7.12
CA LYS C 40 3.97 37.16 -5.81
C LYS C 40 4.78 35.90 -5.60
N THR C 41 4.79 35.01 -6.60
CA THR C 41 5.59 33.79 -6.49
C THR C 41 7.08 34.10 -6.58
N GLN C 42 7.46 35.08 -7.41
CA GLN C 42 8.87 35.47 -7.50
C GLN C 42 9.37 35.97 -6.15
N LEU C 43 8.58 36.81 -5.50
CA LEU C 43 8.98 37.32 -4.18
C LEU C 43 8.97 36.21 -3.14
N SER C 44 8.01 35.30 -3.23
CA SER C 44 7.98 34.16 -2.31
C SER C 44 9.24 33.31 -2.46
N MET C 45 9.63 33.02 -3.71
CA MET C 45 10.85 32.26 -3.93
C MET C 45 12.08 33.02 -3.45
N GLN C 46 12.13 34.32 -3.74
CA GLN C 46 13.28 35.14 -3.33
C GLN C 46 13.48 35.09 -1.82
N LEU C 47 12.40 35.26 -1.05
CA LEU C 47 12.51 35.24 0.40
C LEU C 47 12.93 33.86 0.91
N SER C 48 12.41 32.80 0.28
CA SER C 48 12.82 31.45 0.67
C SER C 48 14.32 31.24 0.49
N VAL C 49 14.92 31.94 -0.47
CA VAL C 49 16.36 31.90 -0.64
C VAL C 49 17.05 32.82 0.37
N ASP C 50 16.53 34.04 0.51
CA ASP C 50 17.22 35.06 1.29
C ASP C 50 17.25 34.72 2.78
N VAL C 51 16.26 33.97 3.29
CA VAL C 51 16.27 33.61 4.70
C VAL C 51 17.47 32.73 5.04
N GLN C 52 18.09 32.13 4.03
CA GLN C 52 19.22 31.24 4.24
C GLN C 52 20.57 31.96 4.15
N ILE C 53 20.56 33.26 3.95
CA ILE C 53 21.82 34.02 3.87
C ILE C 53 22.52 33.99 5.22
N PRO C 54 23.80 33.61 5.28
CA PRO C 54 24.48 33.48 6.57
C PRO C 54 24.57 34.82 7.30
N LYS C 55 24.69 34.72 8.64
CA LYS C 55 24.72 35.91 9.48
C LYS C 55 25.93 36.79 9.20
N CYS C 56 27.06 36.21 8.78
CA CYS C 56 28.23 37.02 8.45
C CYS C 56 28.06 37.82 7.16
N PHE C 57 26.94 37.63 6.45
CA PHE C 57 26.57 38.50 5.33
C PHE C 57 25.36 39.37 5.66
N GLY C 58 24.95 39.42 6.93
CA GLY C 58 23.78 40.17 7.31
C GLY C 58 22.47 39.44 7.17
N GLY C 59 22.50 38.11 7.10
CA GLY C 59 21.29 37.32 6.94
C GLY C 59 20.82 36.71 8.25
N VAL C 60 19.61 36.13 8.17
CA VAL C 60 19.01 35.44 9.31
C VAL C 60 19.62 34.06 9.48
N GLU C 61 20.10 33.46 8.38
CA GLU C 61 20.67 32.11 8.38
C GLU C 61 19.70 31.09 8.97
N GLY C 62 18.45 31.15 8.49
CA GLY C 62 17.46 30.17 8.80
C GLY C 62 17.08 29.32 7.60
N GLN C 63 15.99 28.57 7.76
CA GLN C 63 15.41 27.77 6.70
C GLN C 63 13.97 28.21 6.45
N ALA C 64 13.37 27.66 5.40
CA ALA C 64 12.05 28.10 4.96
C ALA C 64 11.14 26.91 4.74
N ILE C 65 9.85 27.14 5.00
CA ILE C 65 8.78 26.24 4.59
C ILE C 65 8.01 26.92 3.45
N TYR C 66 7.85 26.22 2.34
CA TYR C 66 7.11 26.73 1.20
C TYR C 66 5.86 25.86 1.04
N ILE C 67 4.71 26.43 1.36
CA ILE C 67 3.42 25.75 1.19
C ILE C 67 2.82 26.23 -0.11
N ASP C 68 2.78 25.35 -1.11
CA ASP C 68 2.36 25.68 -2.46
C ASP C 68 0.96 25.13 -2.68
N THR C 69 0.00 26.03 -2.86
CA THR C 69 -1.38 25.65 -3.12
C THR C 69 -1.77 25.79 -4.58
N GLU C 70 -0.95 26.44 -5.39
CA GLU C 70 -1.23 26.60 -6.82
C GLU C 70 -0.46 25.66 -7.72
N GLY C 71 0.72 25.21 -7.30
CA GLY C 71 1.56 24.40 -8.15
C GLY C 71 2.50 25.16 -9.06
N SER C 72 2.67 26.47 -8.85
CA SER C 72 3.50 27.30 -9.71
C SER C 72 4.96 27.34 -9.24
N PHE C 73 5.35 26.44 -8.35
CA PHE C 73 6.71 26.39 -7.83
C PHE C 73 7.52 25.50 -8.76
N ILE C 74 8.16 26.13 -9.76
CA ILE C 74 9.05 25.43 -10.67
C ILE C 74 10.46 25.56 -10.12
N VAL C 75 11.07 24.43 -9.76
CA VAL C 75 12.36 24.48 -9.06
C VAL C 75 13.44 25.06 -9.95
N ASP C 76 13.32 24.91 -11.28
CA ASP C 76 14.27 25.51 -12.19
C ASP C 76 14.36 27.01 -11.98
N ARG C 77 13.25 27.64 -11.60
CA ARG C 77 13.27 29.06 -11.31
C ARG C 77 14.01 29.37 -10.02
N VAL C 78 13.80 28.55 -8.99
CA VAL C 78 14.51 28.75 -7.72
C VAL C 78 16.02 28.61 -7.92
N VAL C 79 16.44 27.74 -8.83
CA VAL C 79 17.87 27.57 -9.09
C VAL C 79 18.47 28.88 -9.60
N ASP C 80 17.74 29.59 -10.47
CA ASP C 80 18.17 30.91 -10.90
C ASP C 80 18.43 31.82 -9.70
N ILE C 81 17.42 31.96 -8.84
CA ILE C 81 17.51 32.89 -7.72
C ILE C 81 18.57 32.44 -6.72
N ALA C 82 18.62 31.13 -6.44
CA ALA C 82 19.63 30.61 -5.53
C ALA C 82 21.04 30.83 -6.08
N THR C 83 21.24 30.53 -7.37
CA THR C 83 22.53 30.75 -8.00
C THR C 83 22.96 32.21 -7.86
N ALA C 84 22.04 33.14 -8.16
CA ALA C 84 22.38 34.55 -8.11
C ALA C 84 22.72 34.99 -6.69
N THR C 85 22.01 34.46 -5.70
CA THR C 85 22.27 34.85 -4.31
C THR C 85 23.65 34.38 -3.85
N VAL C 86 24.01 33.13 -4.18
CA VAL C 86 25.34 32.63 -3.82
C VAL C 86 26.42 33.48 -4.47
N GLN C 87 26.24 33.80 -5.74
CA GLN C 87 27.20 34.64 -6.45
C GLN C 87 27.32 36.01 -5.80
N HIS C 88 26.21 36.55 -5.30
CA HIS C 88 26.26 37.85 -4.64
C HIS C 88 27.05 37.78 -3.34
N CYS C 89 26.85 36.73 -2.55
CA CYS C 89 27.61 36.57 -1.32
C CYS C 89 29.09 36.34 -1.62
N GLN C 90 29.38 35.48 -2.60
CA GLN C 90 30.77 35.31 -3.04
C GLN C 90 31.38 36.63 -3.46
N HIS C 91 30.60 37.46 -4.16
CA HIS C 91 31.05 38.79 -4.56
C HIS C 91 31.39 39.64 -3.34
N ILE C 92 30.46 39.68 -2.36
CA ILE C 92 30.70 40.42 -1.14
C ILE C 92 31.95 39.91 -0.42
N ALA C 93 32.06 38.59 -0.28
CA ALA C 93 33.18 37.99 0.44
C ALA C 93 34.53 38.40 -0.15
N SER C 94 34.61 38.60 -1.47
CA SER C 94 35.87 38.95 -2.09
C SER C 94 36.23 40.41 -1.87
N ILE C 95 35.24 41.30 -1.90
CA ILE C 95 35.50 42.72 -1.70
C ILE C 95 35.80 43.01 -0.23
N GLU C 96 34.99 42.46 0.68
CA GLU C 96 35.13 42.78 2.11
C GLU C 96 36.34 42.10 2.74
N ASN C 97 36.78 40.97 2.22
CA ASN C 97 38.02 40.30 2.64
C ASN C 97 37.95 39.73 4.05
N ASN C 98 36.75 39.46 4.57
CA ASN C 98 36.62 38.88 5.89
C ASN C 98 36.86 37.37 5.83
N ALA C 99 37.58 36.85 6.83
CA ALA C 99 37.94 35.44 6.81
C ALA C 99 36.72 34.57 7.07
N GLU C 100 35.80 35.04 7.92
CA GLU C 100 34.61 34.27 8.21
C GLU C 100 33.71 34.17 6.98
N GLN C 101 33.63 35.24 6.19
CA GLN C 101 32.85 35.20 4.96
C GLN C 101 33.44 34.19 3.97
N ALA C 102 34.77 34.20 3.81
CA ALA C 102 35.40 33.22 2.92
C ALA C 102 35.15 31.80 3.39
N ASP C 103 35.02 31.59 4.70
CA ASP C 103 34.71 30.26 5.21
C ASP C 103 33.24 29.90 4.95
N SER C 104 32.34 30.88 5.04
CA SER C 104 30.93 30.63 4.79
C SER C 104 30.69 30.16 3.37
N MET C 105 31.40 30.76 2.40
CA MET C 105 31.21 30.38 1.00
C MET C 105 31.62 28.94 0.73
N GLN C 106 32.41 28.32 1.61
CA GLN C 106 32.77 26.92 1.42
C GLN C 106 31.55 26.02 1.51
N SER C 107 30.61 26.33 2.39
CA SER C 107 29.40 25.53 2.55
C SER C 107 28.16 26.18 1.95
N LEU C 108 28.25 27.42 1.48
CA LEU C 108 27.10 28.13 0.93
C LEU C 108 27.06 27.89 -0.58
N THR C 109 26.26 26.91 -1.00
CA THR C 109 26.13 26.56 -2.40
C THR C 109 24.66 26.59 -2.81
N MET C 110 24.44 26.63 -4.12
CA MET C 110 23.08 26.57 -4.66
C MET C 110 22.33 25.34 -4.14
N GLU C 111 23.03 24.20 -4.02
CA GLU C 111 22.39 22.98 -3.55
C GLU C 111 22.00 23.09 -2.09
N SER C 112 22.84 23.68 -1.25
CA SER C 112 22.50 23.85 0.16
C SER C 112 21.28 24.73 0.32
N ILE C 113 21.17 25.77 -0.51
CA ILE C 113 20.00 26.64 -0.45
C ILE C 113 18.73 25.87 -0.80
N LEU C 114 18.79 25.07 -1.87
CA LEU C 114 17.63 24.26 -2.24
C LEU C 114 17.30 23.28 -1.12
N GLU C 115 18.32 22.73 -0.47
CA GLU C 115 18.12 21.80 0.63
C GLU C 115 17.52 22.48 1.85
N GLY C 116 17.67 23.80 1.96
CA GLY C 116 17.05 24.57 3.02
C GLY C 116 15.62 25.00 2.78
N ILE C 117 15.03 24.60 1.65
CA ILE C 117 13.65 24.93 1.32
C ILE C 117 12.81 23.68 1.48
N HIS C 118 12.03 23.62 2.54
CA HIS C 118 11.09 22.52 2.74
C HIS C 118 9.80 22.82 1.99
N TYR C 119 9.38 21.89 1.13
CA TYR C 119 8.31 22.13 0.16
C TYR C 119 7.11 21.26 0.51
N PHE C 120 5.96 21.90 0.69
CA PHE C 120 4.69 21.23 0.93
C PHE C 120 3.70 21.62 -0.15
N ARG C 121 2.99 20.64 -0.69
CA ARG C 121 1.99 20.85 -1.74
C ARG C 121 0.60 20.54 -1.17
N CYS C 122 -0.24 21.56 -1.08
CA CYS C 122 -1.62 21.40 -0.67
C CYS C 122 -2.53 21.60 -1.88
N HIS C 123 -3.52 20.71 -2.02
CA HIS C 123 -4.43 20.78 -3.16
C HIS C 123 -5.79 21.37 -2.83
N ASP C 124 -6.27 21.21 -1.59
CA ASP C 124 -7.49 21.86 -1.14
C ASP C 124 -7.27 22.39 0.27
N TYR C 125 -8.19 23.23 0.72
CA TYR C 125 -8.02 23.90 2.01
C TYR C 125 -8.00 22.93 3.18
N VAL C 126 -8.58 21.74 3.03
CA VAL C 126 -8.55 20.78 4.13
C VAL C 126 -7.14 20.22 4.31
N GLN C 127 -6.43 20.02 3.20
CA GLN C 127 -5.01 19.64 3.31
C GLN C 127 -4.20 20.77 3.93
N LEU C 128 -4.63 22.01 3.71
CA LEU C 128 -3.93 23.14 4.32
C LEU C 128 -4.19 23.20 5.82
N LEU C 129 -5.45 23.00 6.23
CA LEU C 129 -5.75 22.93 7.66
C LEU C 129 -5.03 21.77 8.32
N ALA C 130 -4.98 20.62 7.65
CA ALA C 130 -4.28 19.47 8.19
C ALA C 130 -2.79 19.74 8.32
N LEU C 131 -2.22 20.49 7.37
CA LEU C 131 -0.80 20.80 7.42
C LEU C 131 -0.49 21.84 8.49
N VAL C 132 -1.33 22.88 8.60
CA VAL C 132 -1.09 23.93 9.59
C VAL C 132 -1.08 23.35 11.01
N HIS C 133 -1.98 22.40 11.28
CA HIS C 133 -2.04 21.85 12.63
C HIS C 133 -0.83 20.97 12.95
N THR C 134 -0.22 20.35 11.95
CA THR C 134 0.96 19.52 12.19
C THR C 134 2.26 20.32 12.10
N LEU C 135 2.17 21.63 11.88
CA LEU C 135 3.35 22.47 11.75
C LEU C 135 4.11 22.59 13.07
N PRO C 136 3.45 22.79 14.22
CA PRO C 136 4.22 22.86 15.48
C PRO C 136 5.13 21.66 15.74
N ASP C 137 4.64 20.44 15.51
CA ASP C 137 5.51 19.27 15.66
C ASP C 137 6.65 19.29 14.66
N PHE C 138 6.42 19.84 13.47
CA PHE C 138 7.48 19.92 12.48
C PHE C 138 8.50 20.99 12.85
N LEU C 139 8.01 22.14 13.34
CA LEU C 139 8.91 23.25 13.69
C LEU C 139 9.75 22.92 14.92
N LYS C 140 9.19 22.17 15.88
CA LYS C 140 10.00 21.76 17.02
C LYS C 140 11.17 20.88 16.60
N GLN C 141 10.99 20.09 15.53
CA GLN C 141 12.08 19.29 15.00
C GLN C 141 12.98 20.08 14.08
N HIS C 142 12.53 21.23 13.59
CA HIS C 142 13.31 22.09 12.70
C HIS C 142 13.27 23.52 13.23
N PRO C 143 13.92 23.79 14.36
CA PRO C 143 13.84 25.12 14.95
C PRO C 143 14.58 26.18 14.14
N GLN C 144 15.41 25.78 13.17
CA GLN C 144 16.11 26.73 12.31
C GLN C 144 15.20 27.34 11.26
N ILE C 145 13.95 26.89 11.15
CA ILE C 145 13.03 27.46 10.17
C ILE C 145 12.57 28.83 10.65
N CYS C 146 12.81 29.85 9.82
CA CYS C 146 12.46 31.23 10.15
C CYS C 146 11.43 31.82 9.19
N LEU C 147 10.95 31.05 8.23
CA LEU C 147 10.03 31.58 7.22
C LEU C 147 9.03 30.51 6.83
N ILE C 148 7.75 30.90 6.78
CA ILE C 148 6.70 30.07 6.21
C ILE C 148 6.02 30.87 5.11
N VAL C 149 6.09 30.36 3.88
CA VAL C 149 5.41 30.96 2.74
C VAL C 149 4.18 30.11 2.44
N VAL C 150 3.04 30.78 2.25
CA VAL C 150 1.83 30.15 1.74
C VAL C 150 1.51 30.82 0.41
N ASP C 151 1.68 30.07 -0.68
CA ASP C 151 1.54 30.60 -2.04
C ASP C 151 0.53 29.72 -2.76
N SER C 152 -0.75 30.11 -2.75
CA SER C 152 -1.29 31.28 -2.07
C SER C 152 -2.34 30.89 -1.03
N ILE C 153 -2.69 31.84 -0.15
CA ILE C 153 -3.76 31.59 0.81
C ILE C 153 -5.14 31.68 0.16
N ALA C 154 -5.26 32.36 -0.98
CA ALA C 154 -6.57 32.60 -1.58
C ALA C 154 -7.04 31.42 -2.41
N PHE C 155 -6.12 30.76 -3.11
CA PHE C 155 -6.51 29.75 -4.09
C PHE C 155 -7.36 28.61 -3.51
N PRO C 156 -7.04 28.02 -2.35
CA PRO C 156 -7.90 26.93 -1.84
C PRO C 156 -9.32 27.36 -1.51
N PHE C 157 -9.62 28.65 -1.45
CA PHE C 157 -10.94 29.14 -1.07
C PHE C 157 -11.66 29.81 -2.23
N ARG C 158 -11.26 29.50 -3.48
CA ARG C 158 -11.90 30.09 -4.64
C ARG C 158 -13.26 29.49 -4.95
N HIS C 159 -13.63 28.39 -4.31
CA HIS C 159 -14.86 27.68 -4.62
C HIS C 159 -16.07 28.38 -4.00
N HIS C 160 -17.26 27.87 -4.34
CA HIS C 160 -18.53 28.44 -3.90
C HIS C 160 -18.93 27.95 -2.52
N PHE C 161 -18.33 28.54 -1.50
CA PHE C 161 -18.84 28.33 -0.16
C PHE C 161 -20.32 28.73 -0.13
N GLU C 162 -21.19 27.77 0.13
CA GLU C 162 -22.62 28.07 0.09
C GLU C 162 -22.98 29.05 1.21
N ASP C 163 -22.33 28.91 2.35
CA ASP C 163 -22.47 29.83 3.48
C ASP C 163 -21.16 30.59 3.54
N TYR C 164 -21.14 31.79 2.95
CA TYR C 164 -19.93 32.59 2.90
C TYR C 164 -19.40 32.93 4.29
N ALA C 165 -20.29 32.93 5.29
CA ALA C 165 -19.84 33.16 6.66
C ALA C 165 -18.93 32.02 7.14
N LEU C 166 -19.17 30.80 6.66
CA LEU C 166 -18.30 29.68 7.02
C LEU C 166 -16.88 29.89 6.52
N ARG C 167 -16.73 30.43 5.30
CA ARG C 167 -15.40 30.69 4.77
C ARG C 167 -14.63 31.65 5.66
N THR C 168 -15.33 32.62 6.26
CA THR C 168 -14.66 33.63 7.08
C THR C 168 -13.99 33.01 8.30
N ARG C 169 -14.72 32.19 9.06
CA ARG C 169 -14.13 31.58 10.24
C ARG C 169 -13.10 30.52 9.87
N LEU C 170 -13.18 29.94 8.67
CA LEU C 170 -12.09 29.12 8.17
C LEU C 170 -10.81 29.95 8.05
N LEU C 171 -10.93 31.14 7.45
CA LEU C 171 -9.78 32.02 7.27
C LEU C 171 -9.26 32.54 8.60
N ASN C 172 -10.17 32.87 9.52
CA ASN C 172 -9.74 33.38 10.82
C ASN C 172 -9.10 32.30 11.66
N GLY C 173 -9.57 31.06 11.55
CA GLY C 173 -8.89 29.96 12.22
C GLY C 173 -7.47 29.78 11.73
N LEU C 174 -7.25 29.94 10.42
CA LEU C 174 -5.91 29.87 9.87
C LEU C 174 -5.08 31.07 10.28
N ALA C 175 -5.66 32.27 10.20
CA ALA C 175 -4.93 33.49 10.55
C ALA C 175 -4.42 33.45 11.98
N GLN C 176 -5.23 32.95 12.91
CA GLN C 176 -4.78 32.84 14.29
C GLN C 176 -3.67 31.81 14.44
N SER C 177 -3.72 30.73 13.67
CA SER C 177 -2.67 29.72 13.74
C SER C 177 -1.34 30.29 13.25
N PHE C 178 -1.37 31.08 12.16
CA PHE C 178 -0.14 31.63 11.64
C PHE C 178 0.42 32.71 12.57
N ILE C 179 -0.46 33.50 13.18
CA ILE C 179 -0.02 34.46 14.19
C ILE C 179 0.65 33.74 15.35
N LYS C 180 0.03 32.65 15.83
CA LYS C 180 0.60 31.93 16.95
C LYS C 180 1.90 31.21 16.57
N LEU C 181 1.93 30.57 15.40
CA LEU C 181 3.17 29.98 14.92
C LEU C 181 4.26 31.02 14.75
N ALA C 182 3.89 32.22 14.27
CA ALA C 182 4.89 33.26 14.04
C ALA C 182 5.53 33.71 15.35
N VAL C 183 4.75 33.82 16.42
CA VAL C 183 5.29 34.24 17.70
C VAL C 183 5.94 33.07 18.43
N ASP C 184 5.28 31.92 18.45
CA ASP C 184 5.77 30.80 19.26
C ASP C 184 7.07 30.22 18.71
N PHE C 185 7.23 30.21 17.39
CA PHE C 185 8.44 29.66 16.77
C PHE C 185 9.32 30.74 16.15
N LYS C 186 8.98 32.01 16.33
CA LYS C 186 9.84 33.12 15.93
C LYS C 186 10.21 33.03 14.45
N LEU C 187 9.18 33.05 13.60
CA LEU C 187 9.40 32.99 12.17
C LEU C 187 8.51 34.01 11.47
N ALA C 188 8.85 34.29 10.22
CA ALA C 188 8.04 35.15 9.37
C ALA C 188 6.99 34.32 8.64
N VAL C 189 5.77 34.84 8.58
CA VAL C 189 4.69 34.23 7.81
C VAL C 189 4.41 35.12 6.62
N LEU C 190 4.66 34.62 5.42
CA LEU C 190 4.38 35.34 4.19
C LEU C 190 3.19 34.69 3.50
N LEU C 191 2.11 35.45 3.35
CA LEU C 191 0.92 34.99 2.64
C LEU C 191 0.78 35.76 1.35
N THR C 192 0.61 35.04 0.24
CA THR C 192 0.28 35.66 -1.02
C THR C 192 -1.21 35.52 -1.28
N ASN C 193 -1.77 36.50 -1.99
CA ASN C 193 -3.21 36.62 -2.15
C ASN C 193 -3.51 37.10 -3.56
N GLN C 194 -4.62 36.61 -4.11
CA GLN C 194 -5.03 36.99 -5.45
C GLN C 194 -5.93 38.23 -5.42
N MET C 195 -6.13 38.81 -6.59
CA MET C 195 -7.07 39.91 -6.77
C MET C 195 -8.36 39.39 -7.39
N THR C 196 -9.41 40.16 -7.21
CA THR C 196 -10.72 39.79 -7.75
C THR C 196 -11.48 41.06 -8.10
N THR C 197 -12.47 40.91 -8.98
CA THR C 197 -13.29 42.03 -9.40
C THR C 197 -14.45 42.20 -8.45
N LYS C 198 -14.64 43.42 -7.96
CA LYS C 198 -15.88 43.80 -7.30
C LYS C 198 -16.69 44.68 -8.24
N ILE C 199 -17.97 44.36 -8.45
CA ILE C 199 -19.05 43.40 -8.13
C ILE C 199 -20.19 44.30 -7.64
N SER C 200 -21.25 44.35 -8.47
CA SER C 200 -22.46 45.12 -8.21
C SER C 200 -23.36 45.09 -9.45
N ALA C 201 -24.42 45.88 -9.42
CA ALA C 201 -25.31 46.00 -10.58
C ALA C 201 -24.60 46.74 -11.71
N SER C 202 -24.72 46.22 -12.92
CA SER C 202 -24.06 46.78 -14.11
C SER C 202 -22.57 46.83 -13.78
N GLN C 203 -21.89 47.96 -13.99
CA GLN C 203 -20.66 48.29 -13.30
C GLN C 203 -20.75 49.76 -12.90
N GLN C 204 -20.59 50.03 -11.61
CA GLN C 204 -20.89 51.34 -11.03
C GLN C 204 -19.67 51.86 -10.26
N GLU C 205 -18.62 52.22 -10.99
CA GLU C 205 -18.45 52.18 -12.44
C GLU C 205 -17.60 50.98 -12.84
N THR C 206 -16.97 50.38 -11.84
CA THR C 206 -15.65 49.80 -11.99
C THR C 206 -15.68 48.28 -12.03
N SER C 207 -15.08 47.71 -13.09
CA SER C 207 -14.52 46.37 -13.06
C SER C 207 -13.14 46.49 -12.40
N HIS C 208 -13.16 46.88 -11.13
CA HIS C 208 -11.96 47.23 -10.38
C HIS C 208 -11.49 46.04 -9.56
N LEU C 209 -10.18 45.97 -9.36
CA LEU C 209 -9.56 44.85 -8.67
C LEU C 209 -9.39 45.18 -7.19
N ILE C 210 -9.82 44.26 -6.33
CA ILE C 210 -9.61 44.36 -4.90
C ILE C 210 -8.98 43.06 -4.41
N PRO C 211 -8.25 43.07 -3.31
CA PRO C 211 -7.73 41.82 -2.76
C PRO C 211 -8.84 40.84 -2.47
N ALA C 212 -8.55 39.56 -2.67
CA ALA C 212 -9.55 38.52 -2.45
C ALA C 212 -9.81 38.33 -0.96
N LEU C 213 -10.79 37.48 -0.66
CA LEU C 213 -11.16 36.99 0.66
C LEU C 213 -11.94 38.00 1.50
N GLY C 214 -12.33 39.14 0.92
CA GLY C 214 -13.32 39.99 1.55
C GLY C 214 -12.80 40.89 2.66
N GLU C 215 -13.74 41.65 3.21
CA GLU C 215 -13.46 42.70 4.19
C GLU C 215 -13.08 42.15 5.56
N SER C 216 -13.48 40.93 5.88
CA SER C 216 -13.09 40.28 7.13
C SER C 216 -11.63 39.84 7.13
N TRP C 217 -10.98 39.86 5.98
CA TRP C 217 -9.61 39.38 5.83
C TRP C 217 -8.63 40.54 5.87
N GLY C 218 -7.47 40.30 6.49
CA GLY C 218 -6.40 41.28 6.53
C GLY C 218 -6.14 41.87 7.91
N HIS C 219 -6.94 41.54 8.92
CA HIS C 219 -6.68 42.07 10.25
C HIS C 219 -5.46 41.41 10.87
N SER C 220 -5.28 40.11 10.65
CA SER C 220 -4.13 39.39 11.16
C SER C 220 -2.87 39.67 10.34
N SER C 221 -2.95 40.51 9.33
CA SER C 221 -1.79 40.85 8.51
C SER C 221 -1.17 42.14 9.05
N THR C 222 0.07 42.05 9.52
CA THR C 222 0.76 43.24 9.97
C THR C 222 1.12 44.13 8.79
N ILE C 223 1.73 43.55 7.76
CA ILE C 223 2.09 44.26 6.54
C ILE C 223 1.27 43.70 5.39
N ARG C 224 0.75 44.59 4.55
CA ARG C 224 0.07 44.21 3.32
C ARG C 224 0.62 45.05 2.19
N LEU C 225 1.20 44.40 1.19
CA LEU C 225 1.71 45.05 -0.01
C LEU C 225 0.82 44.70 -1.20
N ILE C 226 0.73 45.62 -2.15
CA ILE C 226 0.11 45.35 -3.44
C ILE C 226 1.16 45.56 -4.52
N LEU C 227 1.53 44.49 -5.19
CA LEU C 227 2.40 44.55 -6.37
C LEU C 227 1.52 44.80 -7.59
N TYR C 228 1.93 45.73 -8.45
CA TYR C 228 1.11 46.11 -9.59
C TYR C 228 1.99 46.62 -10.72
N TRP C 229 1.43 46.62 -11.93
CA TRP C 229 2.09 47.20 -13.10
C TRP C 229 1.67 48.64 -13.30
N GLN C 230 2.65 49.49 -13.64
CA GLN C 230 2.42 50.86 -14.07
C GLN C 230 3.43 51.21 -15.15
N GLU C 231 2.94 51.64 -16.32
CA GLU C 231 3.73 51.71 -17.55
C GLU C 231 4.25 50.29 -17.80
N LYS C 232 5.54 50.11 -18.06
CA LYS C 232 6.15 48.79 -18.14
C LYS C 232 7.08 48.55 -16.95
N SER C 233 6.71 49.10 -15.80
CA SER C 233 7.49 48.98 -14.57
C SER C 233 6.61 48.44 -13.45
N ARG C 234 7.20 47.58 -12.62
CA ARG C 234 6.53 47.05 -11.45
C ARG C 234 6.66 47.99 -10.27
N TYR C 235 5.66 47.93 -9.38
CA TYR C 235 5.65 48.77 -8.18
C TYR C 235 5.07 47.98 -7.02
N ALA C 236 5.45 48.37 -5.81
CA ALA C 236 4.92 47.79 -4.59
C ALA C 236 4.33 48.91 -3.75
N LEU C 237 3.00 48.92 -3.63
CA LEU C 237 2.30 49.90 -2.80
C LEU C 237 2.12 49.32 -1.41
N LEU C 238 2.57 50.07 -0.39
CA LEU C 238 2.40 49.67 1.00
C LEU C 238 0.96 49.90 1.41
N TYR C 239 0.16 48.83 1.34
CA TYR C 239 -1.29 48.94 1.57
C TYR C 239 -1.58 49.12 3.05
N LYS C 240 -1.01 48.28 3.90
CA LYS C 240 -1.16 48.33 5.35
C LYS C 240 0.21 48.23 6.00
N SER C 241 0.45 49.05 7.01
CA SER C 241 1.75 49.06 7.68
C SER C 241 1.57 49.60 9.09
N PRO C 242 2.47 49.24 10.02
CA PRO C 242 2.43 49.88 11.35
C PRO C 242 2.68 51.37 11.31
N SER C 243 3.51 51.85 10.38
CA SER C 243 3.72 53.29 10.22
C SER C 243 2.47 54.00 9.71
N HIS C 244 1.55 53.25 9.09
CA HIS C 244 0.31 53.74 8.50
C HIS C 244 0.54 54.55 7.23
N LYS C 245 1.79 54.83 6.89
CA LYS C 245 2.04 55.49 5.62
C LYS C 245 1.96 54.46 4.50
N GLN C 246 1.46 54.91 3.35
CA GLN C 246 1.31 54.06 2.17
C GLN C 246 2.22 54.61 1.07
N ILE C 247 3.29 53.88 0.80
CA ILE C 247 4.32 54.36 -0.11
C ILE C 247 4.39 53.39 -1.29
N SER C 248 4.77 53.93 -2.44
CA SER C 248 5.01 53.13 -3.63
C SER C 248 6.50 53.17 -3.95
N VAL C 249 7.09 51.99 -4.14
CA VAL C 249 8.48 51.90 -4.56
C VAL C 249 8.51 51.09 -5.84
N PRO C 250 9.35 51.45 -6.80
CA PRO C 250 9.54 50.60 -7.97
C PRO C 250 10.52 49.49 -7.65
N PHE C 251 10.25 48.33 -8.24
CA PHE C 251 11.19 47.23 -8.22
C PHE C 251 11.12 46.54 -9.58
N GLN C 252 11.96 45.53 -9.77
CA GLN C 252 11.95 44.80 -11.01
C GLN C 252 12.33 43.35 -10.74
N ILE C 253 12.05 42.51 -11.73
CA ILE C 253 12.33 41.09 -11.65
C ILE C 253 13.24 40.73 -12.81
N THR C 254 14.44 40.27 -12.48
CA THR C 254 15.44 39.88 -13.46
C THR C 254 15.64 38.37 -13.37
N THR C 255 16.57 37.86 -14.18
CA THR C 255 16.95 36.46 -14.06
C THR C 255 17.47 36.14 -12.66
N ALA C 256 18.08 37.14 -12.00
CA ALA C 256 18.60 36.95 -10.66
C ALA C 256 17.50 36.90 -9.60
N GLY C 257 16.35 37.51 -9.87
CA GLY C 257 15.28 37.57 -8.89
C GLY C 257 14.77 38.97 -8.67
N ILE C 258 14.33 39.26 -7.45
CA ILE C 258 13.89 40.62 -7.11
C ILE C 258 15.10 41.53 -7.03
N ARG C 259 15.02 42.68 -7.70
CA ARG C 259 16.12 43.65 -7.69
C ARG C 259 15.53 45.06 -7.75
N ASP C 260 16.39 46.04 -7.48
CA ASP C 260 16.00 47.44 -7.59
C ASP C 260 16.07 47.92 -9.03
N VAL C 261 15.26 48.94 -9.34
CA VAL C 261 15.21 49.47 -10.71
C VAL C 261 16.46 50.28 -11.05
N CYS C 262 17.19 50.76 -10.06
CA CYS C 262 18.41 51.52 -10.25
C CYS C 262 19.42 51.08 -9.21
N PRO C 263 20.71 51.35 -9.43
CA PRO C 263 21.72 51.03 -8.40
C PRO C 263 21.46 51.72 -7.09
N THR C 264 20.74 52.85 -7.09
CA THR C 264 20.33 53.54 -5.87
C THR C 264 19.02 54.27 -6.22
N SER C 265 17.91 53.52 -6.17
CA SER C 265 16.64 53.99 -6.67
C SER C 265 15.96 54.88 -5.63
N GLY C 266 14.68 55.20 -5.86
CA GLY C 266 13.93 56.07 -4.97
C GLY C 266 12.51 55.61 -4.73
N ASP C 267 11.71 56.43 -4.05
CA ASP C 267 10.36 56.06 -3.66
C ASP C 267 9.40 57.21 -3.89
N LEU C 268 8.19 56.89 -4.35
CA LEU C 268 7.12 57.87 -4.48
C LEU C 268 6.58 58.17 -3.08
N ILE C 269 7.00 59.31 -2.53
CA ILE C 269 6.76 59.63 -1.12
C ILE C 269 5.31 60.02 -0.87
N SER C 270 4.45 59.01 -0.73
CA SER C 270 3.02 59.20 -0.51
C SER C 270 2.64 58.80 0.91
N MET C 271 1.70 59.54 1.51
CA MET C 271 1.35 59.39 2.91
C MET C 271 -0.09 58.90 3.08
N ASP C 272 -0.53 58.84 4.35
CA ASP C 272 -1.84 58.32 4.75
C ASP C 272 -2.01 58.51 6.26
N VAL C 273 -3.24 58.64 6.75
CA VAL C 273 -3.43 58.72 8.21
C VAL C 273 -3.05 57.40 8.84
N GLY C 274 -2.36 57.47 9.98
CA GLY C 274 -1.96 58.73 10.58
C GLY C 274 -2.40 58.88 12.02
N MET D 1 -15.22 7.89 9.49
CA MET D 1 -15.78 8.62 10.62
C MET D 1 -15.60 7.79 11.88
N ASP D 2 -16.17 6.59 11.88
CA ASP D 2 -15.83 5.59 12.88
C ASP D 2 -14.60 4.80 12.49
N GLU D 3 -14.15 4.90 11.23
CA GLU D 3 -12.97 4.17 10.79
C GLU D 3 -11.70 4.72 11.43
N LEU D 4 -11.59 6.04 11.54
CA LEU D 4 -10.52 6.62 12.34
C LEU D 4 -10.67 6.16 13.77
N ASP D 5 -9.64 5.49 14.28
CA ASP D 5 -9.73 4.88 15.60
C ASP D 5 -8.68 5.48 16.51
N LEU D 6 -9.06 6.57 17.15
CA LEU D 6 -8.52 6.80 18.48
C LEU D 6 -9.51 6.17 19.45
N ASN D 7 -9.10 6.05 20.71
CA ASN D 7 -9.92 5.36 21.70
C ASN D 7 -11.37 5.81 21.61
N PRO D 8 -12.35 4.89 21.73
CA PRO D 8 -13.75 5.24 21.45
C PRO D 8 -14.38 6.25 22.40
N ARG D 9 -13.78 6.57 23.53
CA ARG D 9 -14.45 7.43 24.49
C ARG D 9 -14.67 8.84 23.93
N ILE D 10 -13.67 9.40 23.25
CA ILE D 10 -13.89 10.75 22.67
C ILE D 10 -14.83 10.68 21.47
N ILE D 11 -14.81 9.57 20.72
CA ILE D 11 -15.69 9.45 19.57
C ILE D 11 -17.14 9.59 20.03
N TYR D 12 -17.46 9.01 21.19
CA TYR D 12 -18.81 9.10 21.74
C TYR D 12 -19.18 10.53 22.13
N SER D 13 -18.18 11.41 22.29
CA SER D 13 -18.45 12.78 22.69
C SER D 13 -18.68 13.72 21.50
N ILE D 14 -18.01 13.47 20.37
CA ILE D 14 -18.27 14.29 19.20
C ILE D 14 -19.56 13.86 18.50
N LYS D 15 -19.91 12.56 18.56
CA LYS D 15 -21.19 12.12 18.02
C LYS D 15 -22.35 12.70 18.81
N LYS D 16 -22.20 12.84 20.13
CA LYS D 16 -23.28 13.48 20.89
C LYS D 16 -23.35 14.97 20.61
N ALA D 17 -22.26 15.56 20.10
CA ALA D 17 -22.25 16.93 19.62
C ALA D 17 -22.34 17.00 18.10
N HIS D 18 -22.48 15.84 17.44
CA HIS D 18 -22.68 15.73 16.00
C HIS D 18 -21.56 16.45 15.24
N LEU D 19 -20.31 16.21 15.67
CA LEU D 19 -19.11 16.77 15.06
C LEU D 19 -18.43 15.69 14.22
N HIS D 20 -18.82 15.61 12.94
CA HIS D 20 -18.30 14.57 12.05
C HIS D 20 -17.66 15.10 10.77
N ASP D 21 -17.45 16.41 10.64
CA ASP D 21 -16.71 16.96 9.50
C ASP D 21 -15.28 17.28 9.93
N TYR D 22 -14.30 16.72 9.21
CA TYR D 22 -12.90 16.85 9.62
C TYR D 22 -12.40 18.28 9.48
N GLY D 23 -12.88 19.01 8.46
CA GLY D 23 -12.39 20.36 8.26
C GLY D 23 -12.77 21.30 9.40
N THR D 24 -14.03 21.24 9.82
CA THR D 24 -14.46 22.06 10.96
C THR D 24 -13.69 21.70 12.21
N ILE D 25 -13.32 20.43 12.37
CA ILE D 25 -12.60 20.01 13.56
C ILE D 25 -11.20 20.62 13.59
N LEU D 26 -10.49 20.53 12.46
CA LEU D 26 -9.12 21.05 12.42
C LEU D 26 -9.06 22.57 12.36
N SER D 27 -10.20 23.23 12.12
CA SER D 27 -10.27 24.68 12.05
C SER D 27 -10.49 25.32 13.41
N LEU D 28 -11.35 24.72 14.22
CA LEU D 28 -11.81 25.36 15.44
C LEU D 28 -10.79 25.16 16.56
N SER D 29 -10.89 25.99 17.59
CA SER D 29 -9.86 26.00 18.63
C SER D 29 -9.96 24.76 19.51
N ALA D 30 -8.84 24.46 20.17
CA ALA D 30 -8.79 23.33 21.09
C ALA D 30 -9.74 23.51 22.26
N ALA D 31 -9.85 24.74 22.77
CA ALA D 31 -10.78 25.01 23.87
C ALA D 31 -12.23 25.04 23.40
N ASP D 32 -12.48 25.49 22.17
CA ASP D 32 -13.83 25.47 21.65
C ASP D 32 -14.31 24.05 21.40
N ILE D 33 -13.39 23.12 21.14
CA ILE D 33 -13.77 21.72 21.09
C ILE D 33 -14.29 21.28 22.45
N GLN D 34 -13.55 21.63 23.52
CA GLN D 34 -14.00 21.29 24.87
C GLN D 34 -15.36 21.91 25.19
N ARG D 35 -15.66 23.09 24.63
CA ARG D 35 -16.98 23.66 24.84
C ARG D 35 -18.06 22.77 24.22
N MET D 36 -17.75 22.17 23.07
CA MET D 36 -18.69 21.33 22.34
C MET D 36 -18.60 19.86 22.72
N THR D 37 -17.45 19.40 23.23
CA THR D 37 -17.28 18.00 23.60
C THR D 37 -17.14 17.78 25.10
N ARG D 38 -17.12 18.84 25.90
CA ARG D 38 -16.99 18.77 27.36
C ARG D 38 -15.99 17.70 27.77
N LEU D 39 -14.82 17.77 27.15
CA LEU D 39 -13.69 16.87 27.31
C LEU D 39 -12.46 17.68 27.70
N SER D 40 -11.39 17.00 28.04
CA SER D 40 -10.20 17.74 28.45
C SER D 40 -9.41 18.18 27.23
N ALA D 41 -8.56 19.20 27.43
CA ALA D 41 -7.69 19.71 26.37
C ALA D 41 -6.71 18.66 25.88
N SER D 42 -6.34 17.72 26.75
CA SER D 42 -5.42 16.66 26.37
C SER D 42 -5.96 15.79 25.25
N ASP D 43 -7.28 15.59 25.22
CA ASP D 43 -7.88 14.65 24.29
C ASP D 43 -8.05 15.28 22.91
N VAL D 44 -8.38 16.56 22.86
CA VAL D 44 -8.58 17.24 21.58
C VAL D 44 -7.28 17.27 20.78
N HIS D 45 -6.14 17.41 21.46
CA HIS D 45 -4.87 17.42 20.73
C HIS D 45 -4.65 16.09 20.02
N GLN D 46 -4.94 14.98 20.68
CA GLN D 46 -4.84 13.68 20.03
C GLN D 46 -5.94 13.50 18.99
N LEU D 47 -7.09 14.14 19.23
CA LEU D 47 -8.15 14.15 18.22
C LEU D 47 -7.68 14.89 16.97
N GLN D 48 -7.23 16.13 17.15
CA GLN D 48 -6.82 16.93 16.00
C GLN D 48 -5.50 16.44 15.42
N LYS D 49 -4.67 15.76 16.22
CA LYS D 49 -3.48 15.10 15.68
C LYS D 49 -3.88 13.93 14.79
N THR D 50 -4.82 13.11 15.26
CA THR D 50 -5.21 11.94 14.49
C THR D 50 -6.01 12.34 13.26
N VAL D 51 -6.88 13.35 13.38
CA VAL D 51 -7.63 13.83 12.22
C VAL D 51 -6.69 14.45 11.19
N ALA D 52 -5.85 15.39 11.61
CA ALA D 52 -4.97 16.09 10.68
C ALA D 52 -3.95 15.16 10.04
N GLU D 53 -3.44 14.20 10.81
CA GLU D 53 -2.49 13.24 10.24
C GLU D 53 -3.17 12.18 9.40
N ARG D 54 -4.48 12.00 9.55
CA ARG D 54 -5.18 11.02 8.73
C ARG D 54 -5.39 11.54 7.32
N ILE D 55 -5.61 12.85 7.17
CA ILE D 55 -6.00 13.43 5.88
C ILE D 55 -4.89 13.24 4.85
N ARG D 56 -5.28 12.79 3.66
CA ARG D 56 -4.33 12.59 2.57
C ARG D 56 -3.69 13.89 2.14
N ARG D 57 -2.36 13.88 2.05
CA ARG D 57 -1.61 15.03 1.55
C ARG D 57 -0.23 14.55 1.10
N THR D 58 0.30 15.22 0.08
CA THR D 58 1.62 14.86 -0.43
C THR D 58 2.67 15.04 0.65
N PRO D 59 3.60 14.09 0.82
CA PRO D 59 4.54 14.16 1.94
C PRO D 59 5.59 15.25 1.75
N HIS D 60 6.24 15.59 2.88
CA HIS D 60 7.29 16.59 2.91
C HIS D 60 8.43 16.24 1.95
N THR D 61 9.07 17.28 1.42
CA THR D 61 10.28 17.14 0.63
C THR D 61 11.04 18.45 0.67
N THR D 62 12.15 18.52 -0.05
CA THR D 62 12.94 19.73 -0.17
C THR D 62 13.04 20.13 -1.63
N ALA D 63 13.36 21.41 -1.86
CA ALA D 63 13.60 21.88 -3.22
C ALA D 63 14.73 21.09 -3.88
N PHE D 64 15.70 20.64 -3.09
CA PHE D 64 16.81 19.87 -3.64
C PHE D 64 16.33 18.55 -4.23
N HIS D 65 15.37 17.89 -3.57
CA HIS D 65 14.81 16.65 -4.14
C HIS D 65 14.06 16.93 -5.43
N LEU D 66 13.23 17.98 -5.46
CA LEU D 66 12.53 18.35 -6.68
C LEU D 66 13.48 18.58 -7.85
N HIS D 67 14.68 19.05 -7.55
CA HIS D 67 15.67 19.37 -8.57
C HIS D 67 16.40 18.15 -9.11
N ARG D 68 16.31 17.00 -8.44
CA ARG D 68 17.33 15.97 -8.62
C ARG D 68 16.97 14.83 -9.57
N ARG D 69 15.73 14.34 -9.61
CA ARG D 69 14.44 14.54 -8.97
C ARG D 69 14.12 13.31 -8.12
N SER D 70 14.20 13.45 -6.80
CA SER D 70 14.23 12.29 -5.92
C SER D 70 13.27 12.45 -4.75
N GLY D 71 12.22 13.25 -4.93
CA GLY D 71 11.17 13.37 -3.96
C GLY D 71 9.97 12.52 -4.33
N PRO D 72 8.80 12.88 -3.80
CA PRO D 72 7.56 12.22 -4.25
C PRO D 72 7.38 12.35 -5.76
N ALA D 73 7.01 11.23 -6.40
CA ALA D 73 6.91 11.21 -7.85
C ALA D 73 5.80 12.11 -8.37
N GLU D 74 4.71 12.26 -7.62
CA GLU D 74 3.61 13.10 -8.08
C GLU D 74 3.95 14.59 -8.10
N LEU D 75 5.14 14.98 -7.67
CA LEU D 75 5.57 16.38 -7.76
C LEU D 75 6.46 16.65 -8.96
N ASN D 76 6.91 15.63 -9.69
CA ASN D 76 7.73 15.82 -10.88
C ASN D 76 6.87 16.21 -12.07
N ARG D 77 7.40 17.10 -12.91
CA ARG D 77 6.76 17.49 -14.15
C ARG D 77 7.63 17.11 -15.34
N ASP D 78 6.98 16.73 -16.43
CA ASP D 78 7.65 16.37 -17.67
C ASP D 78 7.40 17.44 -18.72
N HIS D 79 8.33 17.55 -19.66
CA HIS D 79 8.23 18.49 -20.76
C HIS D 79 7.70 17.79 -22.00
N LEU D 80 6.66 18.36 -22.61
CA LEU D 80 6.21 17.96 -23.93
C LEU D 80 6.86 18.90 -24.95
N THR D 81 7.60 18.32 -25.89
CA THR D 81 8.27 19.12 -26.89
C THR D 81 7.25 19.78 -27.82
N THR D 82 7.59 20.98 -28.28
CA THR D 82 6.84 21.63 -29.34
C THR D 82 7.18 21.07 -30.71
N GLY D 83 8.16 20.17 -30.79
CA GLY D 83 8.64 19.66 -32.04
C GLY D 83 9.77 20.47 -32.64
N CYS D 84 9.99 21.70 -32.16
CA CYS D 84 11.05 22.56 -32.63
C CYS D 84 11.99 22.86 -31.47
N GLN D 85 13.30 22.68 -31.71
CA GLN D 85 14.29 22.93 -30.67
C GLN D 85 14.32 24.39 -30.27
N GLN D 86 14.13 25.29 -31.23
CA GLN D 86 14.20 26.71 -30.95
C GLN D 86 13.05 27.15 -30.03
N LEU D 87 11.83 26.69 -30.32
CA LEU D 87 10.70 27.00 -29.45
C LEU D 87 10.84 26.30 -28.10
N ASP D 88 11.36 25.07 -28.08
CA ASP D 88 11.52 24.35 -26.82
C ASP D 88 12.46 25.11 -25.88
N SER D 89 13.56 25.63 -26.41
CA SER D 89 14.50 26.38 -25.58
C SER D 89 13.89 27.68 -25.09
N PHE D 90 13.07 28.33 -25.94
CA PHE D 90 12.36 29.53 -25.53
C PHE D 90 11.47 29.27 -24.32
N LEU D 91 10.91 28.07 -24.22
CA LEU D 91 10.05 27.69 -23.10
C LEU D 91 10.81 26.93 -22.01
N ARG D 92 12.14 26.94 -22.05
CA ARG D 92 12.97 26.24 -21.07
C ARG D 92 12.63 24.76 -20.98
N GLY D 93 12.37 24.15 -22.13
CA GLY D 93 12.07 22.73 -22.18
C GLY D 93 10.83 22.40 -22.97
N GLY D 94 9.85 23.31 -22.96
CA GLY D 94 8.59 23.08 -23.64
C GLY D 94 7.38 23.14 -22.73
N ILE D 95 6.31 22.47 -23.14
CA ILE D 95 5.06 22.49 -22.38
C ILE D 95 5.19 21.58 -21.17
N LEU D 96 4.84 22.10 -20.00
CA LEU D 96 4.92 21.35 -18.75
C LEU D 96 3.62 20.63 -18.44
N THR D 97 3.75 19.40 -17.95
CA THR D 97 2.60 18.67 -17.46
C THR D 97 2.13 19.24 -16.12
N ARG D 98 0.92 18.86 -15.72
CA ARG D 98 0.30 19.35 -14.49
C ARG D 98 0.21 20.87 -14.44
N THR D 99 0.15 21.51 -15.60
CA THR D 99 0.00 22.96 -15.70
C THR D 99 -1.09 23.28 -16.70
N LEU D 100 -1.67 24.47 -16.55
CA LEU D 100 -2.60 25.02 -17.51
C LEU D 100 -1.86 26.08 -18.32
N THR D 101 -1.61 25.80 -19.59
CA THR D 101 -0.98 26.76 -20.49
C THR D 101 -2.05 27.36 -21.38
N GLU D 102 -2.15 28.69 -21.37
CA GLU D 102 -3.09 29.40 -22.23
C GLU D 102 -2.34 29.97 -23.41
N ILE D 103 -2.86 29.72 -24.61
CA ILE D 103 -2.30 30.26 -25.83
C ILE D 103 -3.31 31.28 -26.35
N ALA D 104 -3.08 32.54 -26.04
CA ALA D 104 -3.90 33.62 -26.55
C ALA D 104 -3.29 34.12 -27.85
N GLY D 105 -4.08 34.84 -28.64
CA GLY D 105 -3.53 35.33 -29.88
C GLY D 105 -4.57 35.97 -30.77
N GLU D 106 -4.04 36.61 -31.82
CA GLU D 106 -4.80 37.30 -32.86
C GLU D 106 -5.67 36.31 -33.63
N SER D 107 -6.45 36.82 -34.59
CA SER D 107 -7.45 35.99 -35.24
C SER D 107 -6.82 34.85 -36.03
N ALA D 108 -5.74 35.13 -36.76
CA ALA D 108 -5.07 34.13 -37.60
C ALA D 108 -3.58 34.11 -37.30
N SER D 109 -3.23 33.91 -36.03
CA SER D 109 -1.85 33.96 -35.58
C SER D 109 -1.20 32.60 -35.44
N GLY D 110 -1.94 31.51 -35.60
CA GLY D 110 -1.38 30.18 -35.53
C GLY D 110 -1.72 29.37 -34.29
N LYS D 111 -2.65 29.84 -33.45
CA LYS D 111 -2.99 29.12 -32.23
C LYS D 111 -3.41 27.69 -32.52
N THR D 112 -4.26 27.50 -33.54
CA THR D 112 -4.70 26.14 -33.89
C THR D 112 -3.55 25.33 -34.46
N GLN D 113 -2.73 25.93 -35.34
CA GLN D 113 -1.57 25.23 -35.87
C GLN D 113 -0.68 24.69 -34.76
N LEU D 114 -0.39 25.56 -33.77
CA LEU D 114 0.43 25.16 -32.64
C LEU D 114 -0.19 23.98 -31.89
N CYS D 115 -1.49 24.04 -31.62
CA CYS D 115 -2.15 22.98 -30.87
C CYS D 115 -2.15 21.66 -31.62
N MET D 116 -2.44 21.71 -32.93
CA MET D 116 -2.38 20.49 -33.72
C MET D 116 -0.99 19.88 -33.72
N GLN D 117 0.04 20.73 -33.72
CA GLN D 117 1.42 20.24 -33.69
C GLN D 117 1.70 19.51 -32.38
N LEU D 118 1.14 20.00 -31.26
CA LEU D 118 1.34 19.33 -29.98
C LEU D 118 0.59 18.01 -29.91
N CYS D 119 -0.56 17.90 -30.59
CA CYS D 119 -1.24 16.62 -30.70
C CYS D 119 -0.40 15.58 -31.43
N LEU D 120 0.56 16.01 -32.25
CA LEU D 120 1.47 15.09 -32.91
C LEU D 120 2.64 14.74 -31.99
N THR D 121 3.28 15.75 -31.40
CA THR D 121 4.48 15.49 -30.60
C THR D 121 4.17 14.70 -29.33
N VAL D 122 2.94 14.80 -28.81
CA VAL D 122 2.58 14.09 -27.59
C VAL D 122 2.69 12.58 -27.79
N GLN D 123 2.53 12.10 -29.03
CA GLN D 123 2.55 10.68 -29.31
C GLN D 123 3.95 10.13 -29.54
N LEU D 124 4.95 10.99 -29.67
CA LEU D 124 6.32 10.53 -29.77
C LEU D 124 6.74 9.88 -28.45
N PRO D 125 7.73 8.98 -28.48
CA PRO D 125 8.26 8.44 -27.24
C PRO D 125 8.97 9.52 -26.43
N GLU D 126 9.10 9.26 -25.13
CA GLU D 126 9.71 10.24 -24.24
C GLU D 126 11.13 10.58 -24.66
N GLN D 127 11.84 9.64 -25.27
CA GLN D 127 13.20 9.91 -25.70
C GLN D 127 13.26 11.00 -26.76
N MET D 128 12.17 11.18 -27.52
CA MET D 128 12.11 12.20 -28.56
C MET D 128 11.38 13.47 -28.12
N GLY D 129 10.97 13.56 -26.85
CA GLY D 129 10.28 14.72 -26.35
C GLY D 129 8.78 14.58 -26.21
N GLY D 130 8.22 13.42 -26.54
CA GLY D 130 6.79 13.18 -26.39
C GLY D 130 6.45 12.64 -25.02
N LEU D 131 5.18 12.30 -24.85
CA LEU D 131 4.71 11.65 -23.64
C LEU D 131 4.14 10.26 -23.90
N GLY D 132 4.22 9.77 -25.14
CA GLY D 132 3.75 8.44 -25.48
C GLY D 132 2.27 8.23 -25.21
N GLY D 133 1.45 9.14 -25.71
CA GLY D 133 0.02 9.04 -25.51
C GLY D 133 -0.71 9.92 -26.50
N GLY D 134 -2.03 9.87 -26.43
CA GLY D 134 -2.88 10.62 -27.33
C GLY D 134 -3.27 11.98 -26.79
N ALA D 135 -4.25 12.59 -27.44
CA ALA D 135 -4.70 13.92 -27.08
C ALA D 135 -6.20 14.00 -27.32
N VAL D 136 -6.87 14.84 -26.53
CA VAL D 136 -8.28 15.14 -26.71
C VAL D 136 -8.39 16.62 -27.09
N TYR D 137 -9.01 16.89 -28.23
CA TYR D 137 -9.15 18.24 -28.77
C TYR D 137 -10.63 18.62 -28.70
N ILE D 138 -10.97 19.52 -27.80
CA ILE D 138 -12.35 19.95 -27.61
C ILE D 138 -12.57 21.21 -28.46
N CYS D 139 -13.43 21.09 -29.46
CA CYS D 139 -13.65 22.16 -30.43
C CYS D 139 -14.90 22.94 -30.09
N THR D 140 -14.78 24.27 -30.08
CA THR D 140 -15.91 25.15 -29.82
C THR D 140 -16.25 26.06 -31.00
N GLU D 141 -15.38 26.15 -32.00
CA GLU D 141 -15.54 27.12 -33.08
C GLU D 141 -15.78 26.39 -34.40
N ASP D 142 -14.82 26.53 -35.31
CA ASP D 142 -14.94 25.99 -36.66
C ASP D 142 -14.75 24.47 -36.63
N VAL D 143 -14.90 23.87 -37.82
CA VAL D 143 -14.61 22.46 -38.01
C VAL D 143 -13.12 22.19 -37.82
N PHE D 144 -12.80 20.97 -37.39
CA PHE D 144 -11.40 20.60 -37.24
C PHE D 144 -10.72 20.56 -38.61
N PRO D 145 -9.48 21.04 -38.71
CA PRO D 145 -8.74 21.05 -40.00
C PRO D 145 -8.09 19.70 -40.32
N ASN D 146 -8.92 18.73 -40.74
CA ASN D 146 -8.39 17.39 -41.00
C ASN D 146 -7.41 17.38 -42.17
N LYS D 147 -7.65 18.20 -43.20
CA LYS D 147 -6.70 18.30 -44.30
C LYS D 147 -5.35 18.79 -43.81
N ARG D 148 -5.36 19.80 -42.93
CA ARG D 148 -4.10 20.34 -42.41
C ARG D 148 -3.41 19.32 -41.50
N LEU D 149 -4.20 18.60 -40.69
CA LEU D 149 -3.61 17.62 -39.78
C LEU D 149 -2.93 16.49 -40.54
N VAL D 150 -3.61 15.92 -41.54
CA VAL D 150 -3.02 14.82 -42.29
C VAL D 150 -1.79 15.30 -43.06
N GLN D 151 -1.77 16.55 -43.51
CA GLN D 151 -0.57 17.08 -44.14
C GLN D 151 0.59 17.12 -43.16
N MET D 152 0.33 17.56 -41.93
CA MET D 152 1.38 17.62 -40.92
C MET D 152 1.90 16.23 -40.58
N ILE D 153 0.99 15.24 -40.52
CA ILE D 153 1.39 13.86 -40.23
C ILE D 153 2.28 13.31 -41.33
N SER D 154 1.86 13.50 -42.59
CA SER D 154 2.64 12.99 -43.73
C SER D 154 4.01 13.65 -43.77
N GLN D 155 4.06 14.97 -43.59
CA GLN D 155 5.35 15.66 -43.54
C GLN D 155 6.19 15.18 -42.37
N LEU D 156 5.55 14.82 -41.25
CA LEU D 156 6.29 14.35 -40.09
C LEU D 156 6.89 12.96 -40.33
N LYS D 157 6.09 12.05 -40.89
CA LYS D 157 6.61 10.71 -41.17
C LYS D 157 7.70 10.74 -42.24
N GLN D 158 7.60 11.66 -43.19
CA GLN D 158 8.61 11.76 -44.24
C GLN D 158 9.94 12.22 -43.66
N ARG D 159 9.92 13.17 -42.73
CA ARG D 159 11.14 13.70 -42.15
C ARG D 159 11.60 12.92 -40.93
N ALA D 160 10.82 11.94 -40.48
CA ALA D 160 11.17 11.12 -39.33
C ALA D 160 12.22 10.08 -39.68
N HIS D 161 13.18 9.90 -38.78
CA HIS D 161 14.26 8.95 -38.98
C HIS D 161 14.03 7.62 -38.27
N ASP D 162 12.83 7.35 -37.77
CA ASP D 162 12.54 6.08 -37.12
C ASP D 162 11.24 5.49 -37.63
N VAL D 163 11.25 4.18 -37.90
CA VAL D 163 10.03 3.50 -38.31
C VAL D 163 9.02 3.51 -37.16
N LYS D 164 9.49 3.44 -35.91
CA LYS D 164 8.58 3.51 -34.77
C LYS D 164 7.81 4.82 -34.79
N VAL D 165 8.44 5.90 -35.27
CA VAL D 165 7.69 7.13 -35.47
C VAL D 165 6.76 6.97 -36.66
N LYS D 166 7.22 6.27 -37.70
CA LYS D 166 6.42 6.08 -38.90
C LYS D 166 5.23 5.16 -38.64
N ASP D 167 5.35 4.19 -37.74
CA ASP D 167 4.26 3.25 -37.48
C ASP D 167 3.30 3.75 -36.41
N ILE D 168 3.40 5.02 -36.02
CA ILE D 168 2.38 5.61 -35.17
C ILE D 168 1.24 6.06 -36.07
N CYS D 169 0.02 5.67 -35.72
CA CYS D 169 -1.16 6.15 -36.44
C CYS D 169 -1.68 7.32 -35.63
N PHE D 170 -1.22 8.52 -36.00
CA PHE D 170 -1.52 9.71 -35.21
C PHE D 170 -3.02 10.00 -35.18
N THR D 171 -3.70 9.82 -36.31
CA THR D 171 -5.14 10.11 -36.36
C THR D 171 -5.91 9.19 -35.43
N ASP D 172 -5.41 7.98 -35.19
CA ASP D 172 -6.11 7.03 -34.32
C ASP D 172 -6.02 7.41 -32.85
N ASN D 173 -5.11 8.31 -32.48
CA ASN D 173 -4.89 8.64 -31.07
C ASN D 173 -5.25 10.09 -30.76
N ILE D 174 -5.92 10.78 -31.66
CA ILE D 174 -6.38 12.14 -31.43
C ILE D 174 -7.90 12.11 -31.37
N PHE D 175 -8.46 12.37 -30.19
CA PHE D 175 -9.88 12.24 -29.95
C PHE D 175 -10.50 13.63 -30.00
N ILE D 176 -11.31 13.88 -31.02
CA ILE D 176 -11.89 15.19 -31.27
C ILE D 176 -13.28 15.25 -30.66
N GLU D 177 -13.52 16.25 -29.84
CA GLU D 177 -14.83 16.53 -29.29
C GLU D 177 -15.31 17.88 -29.80
N HIS D 178 -16.60 18.16 -29.56
CA HIS D 178 -17.16 19.45 -29.92
C HIS D 178 -18.07 19.93 -28.80
N ALA D 179 -17.86 21.16 -28.37
CA ALA D 179 -18.65 21.77 -27.30
C ALA D 179 -19.39 22.97 -27.85
N ALA D 180 -20.72 22.90 -27.84
CA ALA D 180 -21.54 23.96 -28.41
C ALA D 180 -21.78 25.10 -27.43
N GLU D 181 -21.91 24.80 -26.14
CA GLU D 181 -22.17 25.81 -25.13
C GLU D 181 -21.25 25.57 -23.93
N LEU D 182 -21.23 26.56 -23.03
CA LEU D 182 -20.33 26.51 -21.88
C LEU D 182 -20.68 25.35 -20.95
N ASP D 183 -21.98 25.06 -20.78
CA ASP D 183 -22.38 23.95 -19.94
C ASP D 183 -21.94 22.62 -20.54
N ASP D 184 -22.04 22.48 -21.86
CA ASP D 184 -21.54 21.27 -22.52
C ASP D 184 -20.04 21.14 -22.35
N LEU D 185 -19.31 22.25 -22.47
CA LEU D 185 -17.86 22.21 -22.26
C LEU D 185 -17.51 21.69 -20.87
N HIS D 186 -18.24 22.15 -19.85
CA HIS D 186 -18.00 21.64 -18.50
C HIS D 186 -18.31 20.15 -18.42
N TYR D 187 -19.40 19.71 -19.06
CA TYR D 187 -19.72 18.29 -19.07
C TYR D 187 -18.61 17.49 -19.76
N CYS D 188 -18.17 17.94 -20.93
CA CYS D 188 -17.08 17.25 -21.62
C CYS D 188 -15.82 17.25 -20.77
N VAL D 189 -15.50 18.38 -20.14
CA VAL D 189 -14.31 18.47 -19.30
C VAL D 189 -14.47 17.59 -18.06
N SER D 190 -15.65 17.59 -17.46
CA SER D 190 -15.85 16.91 -16.18
C SER D 190 -16.13 15.42 -16.34
N LYS D 191 -16.70 14.98 -17.47
CA LYS D 191 -17.11 13.59 -17.62
C LYS D 191 -16.39 12.86 -18.74
N LYS D 192 -16.28 13.48 -19.92
CA LYS D 192 -15.66 12.79 -21.05
C LYS D 192 -14.15 12.69 -20.88
N VAL D 193 -13.49 13.81 -20.59
CA VAL D 193 -12.03 13.83 -20.56
C VAL D 193 -11.43 12.83 -19.59
N PRO D 194 -11.89 12.73 -18.33
CA PRO D 194 -11.27 11.74 -17.42
C PRO D 194 -11.40 10.31 -17.90
N VAL D 195 -12.49 9.96 -18.60
CA VAL D 195 -12.61 8.62 -19.17
C VAL D 195 -11.49 8.40 -20.19
N LEU D 196 -11.27 9.38 -21.07
CA LEU D 196 -10.20 9.28 -22.06
C LEU D 196 -8.83 9.27 -21.41
N LEU D 197 -8.64 10.04 -20.33
CA LEU D 197 -7.33 10.12 -19.69
C LEU D 197 -6.93 8.81 -19.02
N ALA D 198 -7.90 8.07 -18.47
CA ALA D 198 -7.56 6.85 -17.75
C ALA D 198 -7.55 5.61 -18.64
N GLN D 199 -8.54 5.47 -19.53
CA GLN D 199 -8.76 4.24 -20.25
C GLN D 199 -8.20 4.22 -21.67
N ARG D 200 -7.98 5.39 -22.27
CA ARG D 200 -7.46 5.46 -23.64
C ARG D 200 -6.07 6.07 -23.71
N HIS D 201 -5.40 6.22 -22.56
CA HIS D 201 -4.00 6.67 -22.49
C HIS D 201 -3.78 7.99 -23.21
N VAL D 202 -4.67 8.94 -23.00
CA VAL D 202 -4.49 10.32 -23.49
C VAL D 202 -3.51 11.06 -22.59
N LYS D 203 -2.60 11.81 -23.22
CA LYS D 203 -1.56 12.53 -22.48
C LYS D 203 -1.59 14.04 -22.73
N LEU D 204 -2.69 14.57 -23.26
CA LEU D 204 -2.77 16.00 -23.56
C LEU D 204 -4.21 16.43 -23.70
N ILE D 205 -4.57 17.55 -23.07
CA ILE D 205 -5.91 18.11 -23.15
C ILE D 205 -5.82 19.48 -23.81
N ILE D 206 -6.59 19.69 -24.88
CA ILE D 206 -6.62 20.95 -25.59
C ILE D 206 -8.06 21.42 -25.68
N ILE D 207 -8.29 22.69 -25.37
CA ILE D 207 -9.60 23.32 -25.48
C ILE D 207 -9.45 24.53 -26.39
N ASP D 208 -10.25 24.57 -27.46
CA ASP D 208 -10.12 25.59 -28.50
C ASP D 208 -11.52 25.84 -29.05
N SER D 209 -12.13 26.95 -28.62
CA SER D 209 -11.57 27.94 -27.71
C SER D 209 -12.50 28.21 -26.53
N ILE D 210 -11.91 28.30 -25.34
CA ILE D 210 -12.69 28.59 -24.14
C ILE D 210 -13.31 29.98 -24.22
N ALA D 211 -12.63 30.91 -24.88
CA ALA D 211 -13.17 32.26 -25.01
C ALA D 211 -14.39 32.31 -25.93
N ALA D 212 -14.47 31.39 -26.89
CA ALA D 212 -15.53 31.45 -27.89
C ALA D 212 -16.91 31.33 -27.26
N LEU D 213 -17.08 30.38 -26.34
CA LEU D 213 -18.38 30.24 -25.68
C LEU D 213 -18.67 31.45 -24.78
N PHE D 214 -17.67 31.89 -24.03
CA PHE D 214 -17.86 33.00 -23.09
C PHE D 214 -18.20 34.28 -23.82
N ARG D 215 -17.35 34.68 -24.77
CA ARG D 215 -17.49 35.96 -25.47
C ARG D 215 -18.40 35.83 -26.69
N CYS D 216 -19.60 35.27 -26.52
CA CYS D 216 -20.50 34.98 -27.64
C CYS D 216 -21.91 35.55 -27.36
N GLU D 217 -22.03 36.88 -27.30
CA GLU D 217 -20.98 37.90 -27.27
C GLU D 217 -21.20 38.74 -26.02
N HIS D 218 -20.26 38.65 -25.07
CA HIS D 218 -20.43 39.23 -23.74
C HIS D 218 -21.74 38.76 -23.12
N ASP D 219 -22.03 37.48 -23.33
CA ASP D 219 -23.36 36.91 -23.13
C ASP D 219 -23.17 35.39 -23.03
N SER D 220 -24.27 34.64 -22.79
CA SER D 220 -25.70 34.93 -22.70
C SER D 220 -26.35 34.42 -21.41
N GLN D 221 -25.53 34.04 -20.42
CA GLN D 221 -26.05 33.59 -19.13
C GLN D 221 -25.12 34.06 -18.01
N SER D 222 -25.12 35.36 -17.77
CA SER D 222 -24.53 35.95 -16.58
C SER D 222 -25.54 35.80 -15.45
N LEU D 223 -25.34 36.40 -14.26
CA LEU D 223 -24.38 37.34 -13.67
C LEU D 223 -23.02 36.71 -13.44
N GLN D 224 -23.01 35.61 -12.68
CA GLN D 224 -21.76 34.95 -12.31
C GLN D 224 -21.63 33.56 -12.90
N GLU D 225 -22.70 32.96 -13.44
CA GLU D 225 -22.59 31.65 -14.08
C GLU D 225 -21.50 31.64 -15.14
N ARG D 226 -21.33 32.76 -15.84
CA ARG D 226 -20.19 32.91 -16.73
C ARG D 226 -18.88 32.79 -15.97
N ALA D 227 -18.71 33.62 -14.93
CA ALA D 227 -17.46 33.62 -14.18
C ALA D 227 -17.24 32.32 -13.44
N ARG D 228 -18.30 31.63 -13.06
CA ARG D 228 -18.17 30.49 -12.17
C ARG D 228 -18.11 29.16 -12.92
N LEU D 229 -18.73 29.07 -14.09
CA LEU D 229 -18.39 27.97 -14.99
C LEU D 229 -16.94 28.05 -15.42
N MET D 230 -16.42 29.28 -15.58
CA MET D 230 -15.00 29.47 -15.85
C MET D 230 -14.15 28.86 -14.73
N GLN D 231 -14.42 29.26 -13.49
CA GLN D 231 -13.69 28.70 -12.36
C GLN D 231 -13.85 27.18 -12.29
N LEU D 232 -15.06 26.68 -12.55
CA LEU D 232 -15.28 25.24 -12.46
C LEU D 232 -14.52 24.49 -13.56
N ILE D 233 -14.56 25.01 -14.81
CA ILE D 233 -13.86 24.34 -15.89
C ILE D 233 -12.35 24.43 -15.69
N ALA D 234 -11.85 25.60 -15.29
CA ALA D 234 -10.42 25.77 -15.07
C ALA D 234 -9.93 24.91 -13.91
N SER D 235 -10.69 24.86 -12.82
CA SER D 235 -10.31 24.03 -11.68
C SER D 235 -10.28 22.55 -12.06
N LYS D 236 -11.29 22.10 -12.81
CA LYS D 236 -11.31 20.71 -13.24
C LYS D 236 -10.12 20.39 -14.14
N LEU D 237 -9.75 21.33 -15.02
CA LEU D 237 -8.60 21.13 -15.88
C LEU D 237 -7.32 20.99 -15.06
N LEU D 238 -7.14 21.86 -14.06
CA LEU D 238 -5.95 21.79 -13.22
C LEU D 238 -5.89 20.47 -12.45
N GLN D 239 -7.02 20.03 -11.88
CA GLN D 239 -7.02 18.78 -11.13
C GLN D 239 -6.71 17.60 -12.03
N LEU D 240 -7.23 17.62 -13.26
CA LEU D 240 -6.92 16.55 -14.21
C LEU D 240 -5.46 16.58 -14.63
N ALA D 241 -4.92 17.78 -14.85
CA ALA D 241 -3.52 17.92 -15.25
C ALA D 241 -2.59 17.33 -14.19
N ASN D 242 -2.84 17.64 -12.92
CA ASN D 242 -2.01 17.12 -11.85
C ASN D 242 -2.22 15.61 -11.69
N GLN D 243 -3.47 15.17 -11.70
CA GLN D 243 -3.77 13.77 -11.38
C GLN D 243 -3.20 12.81 -12.43
N PHE D 244 -3.30 13.17 -13.70
CA PHE D 244 -2.86 12.29 -14.78
C PHE D 244 -1.51 12.69 -15.37
N ASN D 245 -0.87 13.71 -14.83
CA ASN D 245 0.44 14.20 -15.30
C ASN D 245 0.38 14.51 -16.79
N VAL D 246 -0.54 15.40 -17.15
CA VAL D 246 -0.74 15.80 -18.54
C VAL D 246 -0.82 17.31 -18.64
N PRO D 247 -0.46 17.90 -19.77
CA PRO D 247 -0.68 19.34 -19.95
C PRO D 247 -2.11 19.64 -20.36
N ALA D 248 -2.66 20.72 -19.81
CA ALA D 248 -3.94 21.26 -20.23
C ALA D 248 -3.69 22.57 -20.93
N ILE D 249 -4.17 22.69 -22.16
CA ILE D 249 -3.88 23.85 -23.01
C ILE D 249 -5.20 24.45 -23.46
N CYS D 250 -5.39 25.73 -23.15
CA CYS D 250 -6.58 26.48 -23.54
C CYS D 250 -6.20 27.55 -24.57
N VAL D 251 -6.91 27.57 -25.68
CA VAL D 251 -6.77 28.61 -26.68
C VAL D 251 -7.74 29.74 -26.34
N ASN D 252 -7.31 30.97 -26.59
CA ASN D 252 -8.07 32.14 -26.20
C ASN D 252 -7.87 33.21 -27.26
N GLN D 253 -8.96 33.87 -27.63
CA GLN D 253 -8.86 35.02 -28.53
C GLN D 253 -8.42 36.25 -27.76
N VAL D 254 -7.58 37.06 -28.39
CA VAL D 254 -7.19 38.32 -27.78
C VAL D 254 -8.25 39.38 -28.10
N SER D 255 -8.32 40.41 -27.25
CA SER D 255 -9.32 41.46 -27.39
C SER D 255 -8.62 42.80 -27.47
N ASP D 256 -8.86 43.53 -28.56
CA ASP D 256 -8.16 44.79 -28.78
C ASP D 256 -8.57 45.83 -27.75
N VAL D 257 -7.63 46.71 -27.41
CA VAL D 257 -7.78 47.68 -26.34
C VAL D 257 -7.11 48.98 -26.76
N VAL D 258 -7.23 50.00 -25.90
CA VAL D 258 -6.59 51.29 -26.13
C VAL D 258 -5.08 51.12 -26.30
N ARG D 268 -3.04 47.82 -32.29
CA ARG D 268 -1.66 48.12 -31.94
C ARG D 268 -1.26 47.43 -30.64
N LYS D 269 -2.21 47.31 -29.72
CA LYS D 269 -2.01 46.60 -28.47
C LYS D 269 -3.27 45.84 -28.09
N VAL D 270 -3.08 44.75 -27.35
CA VAL D 270 -4.13 43.74 -27.15
C VAL D 270 -4.07 43.20 -25.73
N ILE D 271 -5.20 42.69 -25.27
CA ILE D 271 -5.35 42.10 -23.94
C ILE D 271 -6.10 40.78 -24.05
N PRO D 272 -5.71 39.73 -23.33
CA PRO D 272 -6.50 38.49 -23.35
C PRO D 272 -7.92 38.70 -22.85
N THR D 273 -8.80 37.80 -23.29
CA THR D 273 -10.24 38.04 -23.32
C THR D 273 -10.95 37.78 -21.99
N LEU D 274 -10.77 36.58 -21.41
CA LEU D 274 -11.52 36.22 -20.20
C LEU D 274 -11.12 37.12 -19.04
N GLY D 275 -11.80 37.00 -17.90
CA GLY D 275 -11.53 37.87 -16.77
C GLY D 275 -10.32 37.44 -15.96
N ILE D 276 -10.15 38.11 -14.82
CA ILE D 276 -9.01 37.83 -13.95
C ILE D 276 -9.22 36.52 -13.21
N SER D 277 -10.47 36.14 -12.95
CA SER D 277 -10.74 34.85 -12.31
C SER D 277 -10.20 33.71 -13.17
N TRP D 278 -10.32 33.84 -14.49
CA TRP D 278 -9.70 32.88 -15.39
C TRP D 278 -8.18 32.96 -15.31
N ALA D 279 -7.64 34.18 -15.42
CA ALA D 279 -6.19 34.37 -15.42
C ALA D 279 -5.55 33.83 -14.14
N ASN D 280 -6.25 33.91 -13.01
CA ASN D 280 -5.72 33.38 -11.76
C ASN D 280 -5.53 31.86 -11.78
N HIS D 281 -6.10 31.16 -12.75
CA HIS D 281 -5.91 29.72 -12.89
C HIS D 281 -4.79 29.35 -13.86
N VAL D 282 -4.35 30.28 -14.71
CA VAL D 282 -3.40 29.97 -15.76
C VAL D 282 -1.98 29.96 -15.19
N THR D 283 -1.27 28.86 -15.41
CA THR D 283 0.13 28.78 -14.98
C THR D 283 1.04 29.58 -15.91
N VAL D 284 0.92 29.37 -17.22
CA VAL D 284 1.75 30.03 -18.22
C VAL D 284 0.85 30.53 -19.33
N ARG D 285 0.94 31.83 -19.63
CA ARG D 285 0.14 32.41 -20.70
C ARG D 285 1.04 33.01 -21.78
N LEU D 286 0.88 32.53 -23.00
CA LEU D 286 1.58 33.00 -24.18
C LEU D 286 0.60 33.74 -25.09
N MET D 287 1.15 34.65 -25.90
CA MET D 287 0.35 35.36 -26.90
C MET D 287 1.06 35.30 -28.24
N LEU D 288 0.31 34.93 -29.28
CA LEU D 288 0.82 34.86 -30.64
C LEU D 288 0.27 36.03 -31.46
N MET D 289 1.15 36.66 -32.23
CA MET D 289 0.76 37.79 -33.06
C MET D 289 1.27 37.60 -34.49
N ARG D 290 0.59 38.26 -35.41
CA ARG D 290 1.07 38.41 -36.78
C ARG D 290 1.91 39.67 -36.88
N THR D 291 2.88 39.65 -37.80
CA THR D 291 3.61 40.86 -38.13
C THR D 291 3.45 41.16 -39.62
N ASN D 292 3.85 42.37 -40.01
CA ASN D 292 3.84 42.75 -41.41
C ASN D 292 5.07 42.25 -42.16
N TYR D 293 6.14 41.93 -41.45
CA TYR D 293 7.38 41.52 -42.10
C TYR D 293 7.27 40.12 -42.67
N LYS D 294 8.02 39.88 -43.74
CA LYS D 294 8.03 38.61 -44.44
C LYS D 294 9.45 38.11 -44.60
N LEU D 295 9.59 36.80 -44.73
CA LEU D 295 10.87 36.15 -44.86
C LEU D 295 10.97 35.51 -46.23
N PRO D 296 11.96 35.87 -47.04
CA PRO D 296 12.15 35.18 -48.33
C PRO D 296 12.76 33.81 -48.07
N VAL D 297 12.15 32.77 -48.64
CA VAL D 297 12.68 31.42 -48.60
C VAL D 297 12.95 30.99 -50.03
N GLN D 298 14.13 30.41 -50.25
CA GLN D 298 14.51 29.97 -51.58
C GLN D 298 13.80 28.67 -51.94
N GLN D 299 13.19 28.64 -53.11
CA GLN D 299 12.64 27.41 -53.62
C GLN D 299 13.70 26.75 -54.50
N LYS D 300 13.69 25.42 -54.52
CA LYS D 300 14.72 24.66 -55.20
C LYS D 300 14.07 23.59 -56.07
N ASN D 301 14.43 23.57 -57.36
CA ASN D 301 13.78 22.67 -58.29
C ASN D 301 14.13 21.21 -57.98
N ILE D 302 13.69 20.30 -58.85
CA ILE D 302 13.82 18.87 -58.59
C ILE D 302 15.18 18.34 -59.03
N GLU D 303 15.94 19.14 -59.77
CA GLU D 303 17.32 18.81 -60.07
C GLU D 303 18.25 19.41 -59.04
N GLY D 304 17.73 20.28 -58.20
CA GLY D 304 18.49 20.81 -57.10
C GLY D 304 18.08 22.22 -56.74
N ASP D 305 18.62 23.19 -57.46
CA ASP D 305 18.92 24.52 -56.93
C ASP D 305 18.01 25.58 -57.53
N VAL D 306 18.29 26.83 -57.14
CA VAL D 306 17.27 27.81 -56.78
C VAL D 306 16.60 28.38 -58.03
N ILE D 307 15.28 28.25 -58.10
CA ILE D 307 14.49 28.73 -59.22
C ILE D 307 13.57 29.88 -58.80
N GLY D 308 13.52 30.21 -57.52
CA GLY D 308 12.70 31.33 -57.10
C GLY D 308 12.73 31.47 -55.60
N SER D 309 12.01 32.48 -55.12
CA SER D 309 11.89 32.78 -53.70
C SER D 309 10.43 32.99 -53.38
N LEU D 310 10.00 32.50 -52.23
CA LEU D 310 8.65 32.74 -51.75
C LEU D 310 8.72 33.44 -50.40
N ASP D 311 7.62 34.06 -50.02
CA ASP D 311 7.55 34.82 -48.77
C ASP D 311 6.71 34.04 -47.77
N VAL D 312 7.21 33.95 -46.55
CA VAL D 312 6.46 33.42 -45.42
C VAL D 312 6.28 34.54 -44.41
N GLN D 313 5.12 34.54 -43.76
CA GLN D 313 4.83 35.57 -42.77
C GLN D 313 5.59 35.31 -41.48
N ILE D 314 6.22 36.35 -40.95
CA ILE D 314 6.90 36.28 -39.67
C ILE D 314 5.87 36.54 -38.57
N ARG D 315 5.86 35.67 -37.55
CA ARG D 315 4.93 35.76 -36.45
C ARG D 315 5.72 35.80 -35.13
N THR D 316 5.11 36.38 -34.11
CA THR D 316 5.76 36.51 -32.81
C THR D 316 5.03 35.69 -31.75
N MET D 317 5.81 35.18 -30.81
CA MET D 317 5.31 34.52 -29.61
C MET D 317 5.88 35.25 -28.40
N GLU D 318 5.02 35.60 -27.45
CA GLU D 318 5.41 36.39 -26.29
C GLU D 318 4.95 35.72 -25.01
N VAL D 319 5.79 35.77 -23.99
CA VAL D 319 5.44 35.28 -22.66
C VAL D 319 4.81 36.42 -21.88
N LEU D 320 3.48 36.37 -21.69
CA LEU D 320 2.79 37.38 -20.91
C LEU D 320 3.05 37.21 -19.42
N PHE D 321 2.92 35.97 -18.93
CA PHE D 321 3.41 35.65 -17.59
C PHE D 321 3.66 34.15 -17.50
N ALA D 322 4.61 33.79 -16.65
CA ALA D 322 4.97 32.41 -16.33
C ALA D 322 5.86 32.42 -15.10
N PRO D 323 5.74 31.41 -14.23
CA PRO D 323 6.58 31.42 -13.01
C PRO D 323 8.06 31.28 -13.27
N HIS D 324 8.48 30.83 -14.45
CA HIS D 324 9.89 30.54 -14.69
C HIS D 324 10.44 31.14 -15.99
N LEU D 325 9.64 31.90 -16.74
CA LEU D 325 10.10 32.48 -17.99
C LEU D 325 10.13 34.00 -17.89
N PRO D 326 11.11 34.65 -18.52
CA PRO D 326 11.07 36.11 -18.62
C PRO D 326 9.99 36.55 -19.60
N ASN D 327 9.66 37.85 -19.54
CA ASN D 327 8.71 38.43 -20.50
C ASN D 327 9.42 38.63 -21.84
N SER D 328 9.71 37.51 -22.49
CA SER D 328 10.50 37.51 -23.71
C SER D 328 9.61 37.36 -24.93
N LEU D 329 10.21 37.61 -26.09
CA LEU D 329 9.56 37.48 -27.38
C LEU D 329 10.45 36.66 -28.31
N CYS D 330 9.82 35.88 -29.19
CA CYS D 330 10.56 35.07 -30.14
C CYS D 330 9.76 34.99 -31.43
N ARG D 331 10.47 35.00 -32.55
CA ARG D 331 9.87 34.95 -33.88
C ARG D 331 9.70 33.50 -34.34
N PHE D 332 8.66 33.28 -35.14
CA PHE D 332 8.39 31.96 -35.68
C PHE D 332 7.58 32.09 -36.97
N ILE D 333 7.48 30.98 -37.70
CA ILE D 333 6.77 30.89 -38.97
C ILE D 333 5.92 29.62 -39.00
N VAL D 334 5.03 29.57 -39.98
CA VAL D 334 4.23 28.37 -40.26
C VAL D 334 4.42 28.00 -41.72
N ASP D 335 4.75 26.74 -41.97
CA ASP D 335 4.95 26.25 -43.34
C ASP D 335 4.29 24.87 -43.47
N GLN D 336 4.79 24.08 -44.43
CA GLN D 336 4.17 22.78 -44.71
C GLN D 336 4.28 21.85 -43.51
N ASP D 337 5.43 21.86 -42.84
CA ASP D 337 5.65 20.97 -41.70
C ASP D 337 4.84 21.40 -40.48
N GLY D 338 4.56 22.69 -40.35
CA GLY D 338 3.87 23.20 -39.18
C GLY D 338 4.54 24.44 -38.62
N VAL D 339 4.68 24.50 -37.30
CA VAL D 339 5.20 25.69 -36.62
C VAL D 339 6.69 25.49 -36.38
N LYS D 340 7.50 26.44 -36.86
CA LYS D 340 8.94 26.41 -36.68
C LYS D 340 9.41 27.72 -36.08
N GLY D 341 10.31 27.64 -35.10
CA GLY D 341 10.91 28.84 -34.56
C GLY D 341 12.02 29.37 -35.44
N LEU D 342 12.27 30.68 -35.34
CA LEU D 342 13.37 31.33 -36.03
C LEU D 342 14.48 31.69 -35.05
N PRO D 343 15.74 31.52 -35.43
CA PRO D 343 16.83 32.03 -34.59
C PRO D 343 16.88 33.54 -34.63
N ALA D 344 17.29 34.11 -33.50
CA ALA D 344 17.35 35.57 -33.38
C ALA D 344 18.39 36.14 -34.33
N LYS D 345 17.93 36.97 -35.26
CA LYS D 345 18.76 37.52 -36.34
C LYS D 345 18.56 39.03 -36.48
N ASP E 2 -46.09 -10.91 -40.07
CA ASP E 2 -46.33 -10.78 -38.64
C ASP E 2 -45.87 -9.43 -38.11
N GLU E 3 -46.82 -8.53 -37.86
CA GLU E 3 -46.51 -7.24 -37.25
C GLU E 3 -46.10 -7.37 -35.78
N ARG E 4 -46.30 -8.53 -35.16
CA ARG E 4 -45.96 -8.69 -33.75
C ARG E 4 -44.46 -8.77 -33.53
N SER E 5 -43.71 -9.33 -34.48
CA SER E 5 -42.27 -9.52 -34.32
C SER E 5 -41.48 -8.21 -34.29
N GLN E 6 -42.11 -7.06 -34.58
CA GLN E 6 -41.43 -5.79 -34.61
C GLN E 6 -41.87 -4.83 -33.50
N LEU E 7 -42.74 -5.27 -32.60
CA LEU E 7 -43.24 -4.39 -31.54
C LEU E 7 -42.18 -4.17 -30.47
N SER E 8 -42.41 -3.14 -29.66
CA SER E 8 -41.52 -2.80 -28.56
C SER E 8 -42.36 -2.47 -27.34
N ILE E 9 -41.80 -2.73 -26.16
CA ILE E 9 -42.48 -2.47 -24.90
C ILE E 9 -41.92 -1.17 -24.33
N VAL E 10 -42.79 -0.18 -24.14
CA VAL E 10 -42.34 1.11 -23.63
C VAL E 10 -41.97 0.96 -22.16
N THR E 11 -41.08 1.84 -21.71
CA THR E 11 -40.59 1.81 -20.34
C THR E 11 -41.25 2.86 -19.45
N PHE E 12 -42.14 3.68 -20.01
CA PHE E 12 -42.74 4.86 -19.39
C PHE E 12 -41.75 5.98 -19.19
N SER E 13 -40.50 5.81 -19.64
CA SER E 13 -39.54 6.89 -19.73
C SER E 13 -39.22 7.11 -21.20
N GLU E 14 -39.59 8.28 -21.73
CA GLU E 14 -39.36 8.57 -23.13
C GLU E 14 -37.87 8.65 -23.44
N GLN E 15 -37.07 9.24 -22.54
CA GLN E 15 -35.62 9.23 -22.69
C GLN E 15 -35.08 7.81 -22.71
N LEU E 16 -35.63 6.93 -21.88
CA LEU E 16 -35.19 5.54 -21.87
C LEU E 16 -35.55 4.86 -23.18
N ASP E 17 -36.75 5.14 -23.71
CA ASP E 17 -37.18 4.54 -24.97
C ASP E 17 -36.30 4.98 -26.14
N GLN E 18 -35.68 6.16 -26.04
CA GLN E 18 -34.80 6.62 -27.10
C GLN E 18 -33.70 5.61 -27.38
N ILE E 19 -32.84 5.39 -26.39
CA ILE E 19 -31.67 4.53 -26.53
C ILE E 19 -32.06 3.08 -26.78
N LEU E 20 -33.26 2.67 -26.36
CA LEU E 20 -33.74 1.33 -26.69
C LEU E 20 -34.28 1.24 -28.11
N GLY E 21 -34.45 2.35 -28.80
CA GLY E 21 -35.03 2.34 -30.12
C GLY E 21 -36.54 2.30 -30.14
N GLY E 22 -37.18 2.85 -29.11
CA GLY E 22 -38.62 2.86 -29.00
C GLY E 22 -39.16 2.00 -27.88
N GLY E 23 -38.33 1.15 -27.29
CA GLY E 23 -38.78 0.26 -26.23
C GLY E 23 -37.94 -1.00 -26.22
N VAL E 24 -38.32 -1.92 -25.35
CA VAL E 24 -37.65 -3.21 -25.26
C VAL E 24 -38.17 -4.09 -26.40
N PRO E 25 -37.31 -4.46 -27.35
CA PRO E 25 -37.80 -5.10 -28.58
C PRO E 25 -38.18 -6.56 -28.38
N LEU E 26 -39.28 -6.95 -29.02
CA LEU E 26 -39.67 -8.36 -29.06
C LEU E 26 -38.71 -9.15 -29.95
N THR E 27 -38.69 -10.46 -29.72
CA THR E 27 -37.88 -11.46 -30.43
C THR E 27 -36.39 -11.31 -30.14
N LYS E 28 -35.99 -10.46 -29.19
CA LYS E 28 -34.59 -10.26 -28.86
C LYS E 28 -34.38 -10.45 -27.37
N ILE E 29 -33.11 -10.45 -26.96
CA ILE E 29 -32.73 -10.46 -25.56
C ILE E 29 -32.24 -9.05 -25.21
N THR E 30 -32.83 -8.46 -24.19
CA THR E 30 -32.38 -7.19 -23.64
C THR E 30 -31.87 -7.42 -22.23
N GLU E 31 -30.71 -6.86 -21.93
CA GLU E 31 -30.02 -7.11 -20.67
C GLU E 31 -29.88 -5.81 -19.89
N ILE E 32 -30.22 -5.87 -18.60
CA ILE E 32 -30.18 -4.71 -17.73
C ILE E 32 -29.19 -5.01 -16.61
N CYS E 33 -28.11 -4.23 -16.54
CA CYS E 33 -27.09 -4.42 -15.53
C CYS E 33 -27.03 -3.20 -14.62
N GLY E 34 -26.63 -3.43 -13.37
CA GLY E 34 -26.51 -2.33 -12.45
C GLY E 34 -26.26 -2.74 -11.01
N ALA E 35 -25.74 -1.81 -10.21
CA ALA E 35 -25.46 -2.01 -8.80
C ALA E 35 -26.76 -2.25 -8.04
N PRO E 36 -26.71 -2.72 -6.78
CA PRO E 36 -27.94 -2.93 -6.03
C PRO E 36 -28.70 -1.62 -5.82
N GLY E 37 -30.02 -1.72 -5.87
CA GLY E 37 -30.86 -0.56 -5.61
C GLY E 37 -30.96 0.41 -6.77
N VAL E 38 -30.39 0.07 -7.92
CA VAL E 38 -30.35 1.02 -9.03
C VAL E 38 -31.62 1.02 -9.86
N GLY E 39 -32.38 -0.07 -9.87
CA GLY E 39 -33.66 -0.06 -10.54
C GLY E 39 -33.90 -1.20 -11.52
N LYS E 40 -33.10 -2.27 -11.45
CA LYS E 40 -33.30 -3.41 -12.33
C LYS E 40 -34.66 -4.06 -12.10
N THR E 41 -35.02 -4.28 -10.83
CA THR E 41 -36.32 -4.88 -10.53
C THR E 41 -37.46 -3.91 -10.83
N GLN E 42 -37.25 -2.63 -10.57
CA GLN E 42 -38.28 -1.63 -10.87
C GLN E 42 -38.58 -1.61 -12.36
N LEU E 43 -37.54 -1.62 -13.19
CA LEU E 43 -37.75 -1.61 -14.63
C LEU E 43 -38.37 -2.92 -15.11
N SER E 44 -37.97 -4.05 -14.49
CA SER E 44 -38.59 -5.32 -14.82
C SER E 44 -40.09 -5.31 -14.50
N MET E 45 -40.45 -4.80 -13.32
CA MET E 45 -41.86 -4.70 -12.97
C MET E 45 -42.59 -3.74 -13.89
N GLN E 46 -41.97 -2.59 -14.21
CA GLN E 46 -42.59 -1.62 -15.10
C GLN E 46 -42.94 -2.25 -16.45
N LEU E 47 -41.98 -2.99 -17.03
CA LEU E 47 -42.24 -3.64 -18.31
C LEU E 47 -43.32 -4.71 -18.20
N SER E 48 -43.34 -5.44 -17.08
CA SER E 48 -44.38 -6.44 -16.87
C SER E 48 -45.76 -5.80 -16.83
N VAL E 49 -45.85 -4.55 -16.39
CA VAL E 49 -47.12 -3.82 -16.45
C VAL E 49 -47.35 -3.26 -17.86
N ASP E 50 -46.32 -2.66 -18.44
CA ASP E 50 -46.48 -1.91 -19.69
C ASP E 50 -46.84 -2.82 -20.86
N VAL E 51 -46.41 -4.09 -20.83
CA VAL E 51 -46.72 -5.00 -21.94
C VAL E 51 -48.22 -5.24 -22.06
N GLN E 52 -48.99 -4.95 -21.01
CA GLN E 52 -50.42 -5.17 -21.02
C GLN E 52 -51.21 -3.94 -21.46
N ILE E 53 -50.53 -2.86 -21.85
CA ILE E 53 -51.23 -1.65 -22.30
C ILE E 53 -51.98 -1.98 -23.58
N PRO E 54 -53.28 -1.69 -23.67
CA PRO E 54 -54.05 -2.08 -24.85
C PRO E 54 -53.52 -1.43 -26.12
N LYS E 55 -53.82 -2.08 -27.25
CA LYS E 55 -53.34 -1.59 -28.54
C LYS E 55 -53.93 -0.22 -28.87
N CYS E 56 -55.13 0.08 -28.37
CA CYS E 56 -55.72 1.40 -28.60
C CYS E 56 -55.01 2.52 -27.87
N PHE E 57 -54.02 2.19 -27.04
CA PHE E 57 -53.10 3.18 -26.47
C PHE E 57 -51.69 3.05 -27.04
N GLY E 58 -51.51 2.24 -28.08
CA GLY E 58 -50.18 2.02 -28.62
C GLY E 58 -49.39 0.95 -27.90
N GLY E 59 -50.05 0.09 -27.13
CA GLY E 59 -49.38 -0.94 -26.38
C GLY E 59 -49.42 -2.29 -27.09
N VAL E 60 -48.67 -3.23 -26.53
CA VAL E 60 -48.62 -4.57 -27.12
C VAL E 60 -49.87 -5.37 -26.76
N GLU E 61 -50.49 -5.08 -25.62
CA GLU E 61 -51.66 -5.80 -25.13
C GLU E 61 -51.37 -7.30 -25.04
N GLY E 62 -50.21 -7.62 -24.46
CA GLY E 62 -49.85 -8.99 -24.15
C GLY E 62 -49.81 -9.24 -22.65
N GLN E 63 -49.26 -10.39 -22.29
CA GLN E 63 -49.04 -10.76 -20.91
C GLN E 63 -47.56 -11.05 -20.71
N ALA E 64 -47.16 -11.24 -19.45
CA ALA E 64 -45.76 -11.35 -19.10
C ALA E 64 -45.52 -12.56 -18.21
N ILE E 65 -44.33 -13.15 -18.36
CA ILE E 65 -43.81 -14.14 -17.43
C ILE E 65 -42.70 -13.46 -16.62
N TYR E 66 -42.82 -13.53 -15.29
CA TYR E 66 -41.83 -12.97 -14.39
C TYR E 66 -41.19 -14.13 -13.62
N ILE E 67 -39.93 -14.41 -13.92
CA ILE E 67 -39.16 -15.43 -13.25
C ILE E 67 -38.29 -14.74 -12.20
N ASP E 68 -38.61 -14.97 -10.93
CA ASP E 68 -37.96 -14.31 -9.80
C ASP E 68 -36.98 -15.30 -9.18
N THR E 69 -35.69 -15.01 -9.30
CA THR E 69 -34.65 -15.85 -8.71
C THR E 69 -34.06 -15.26 -7.44
N GLU E 70 -34.36 -14.01 -7.12
CA GLU E 70 -33.86 -13.37 -5.91
C GLU E 70 -34.89 -13.31 -4.80
N GLY E 71 -36.17 -13.29 -5.12
CA GLY E 71 -37.21 -13.08 -4.15
C GLY E 71 -37.57 -11.64 -3.90
N SER E 72 -37.12 -10.73 -4.76
CA SER E 72 -37.36 -9.30 -4.59
C SER E 72 -38.65 -8.83 -5.24
N PHE E 73 -39.53 -9.74 -5.63
CA PHE E 73 -40.81 -9.41 -6.26
C PHE E 73 -41.84 -9.20 -5.16
N ILE E 74 -42.00 -7.95 -4.72
CA ILE E 74 -43.02 -7.59 -3.75
C ILE E 74 -44.25 -7.11 -4.49
N VAL E 75 -45.36 -7.84 -4.33
CA VAL E 75 -46.56 -7.54 -5.10
C VAL E 75 -47.11 -6.17 -4.75
N ASP E 76 -46.91 -5.73 -3.50
CA ASP E 76 -47.34 -4.39 -3.11
C ASP E 76 -46.70 -3.32 -3.99
N ARG E 77 -45.47 -3.54 -4.42
CA ARG E 77 -44.81 -2.59 -5.31
C ARG E 77 -45.41 -2.61 -6.71
N VAL E 78 -45.71 -3.81 -7.22
CA VAL E 78 -46.33 -3.91 -8.55
C VAL E 78 -47.68 -3.20 -8.57
N VAL E 79 -48.41 -3.22 -7.46
CA VAL E 79 -49.71 -2.56 -7.40
C VAL E 79 -49.56 -1.06 -7.63
N ASP E 80 -48.53 -0.45 -7.05
CA ASP E 80 -48.23 0.96 -7.29
C ASP E 80 -48.11 1.23 -8.78
N ILE E 81 -47.24 0.49 -9.46
CA ILE E 81 -46.96 0.73 -10.87
C ILE E 81 -48.19 0.43 -11.72
N ALA E 82 -48.91 -0.64 -11.39
CA ALA E 82 -50.14 -0.97 -12.14
C ALA E 82 -51.19 0.13 -11.98
N THR E 83 -51.43 0.57 -10.74
CA THR E 83 -52.41 1.64 -10.51
C THR E 83 -52.07 2.89 -11.31
N ALA E 84 -50.80 3.32 -11.27
CA ALA E 84 -50.40 4.52 -11.96
C ALA E 84 -50.54 4.36 -13.47
N THR E 85 -50.25 3.17 -13.98
CA THR E 85 -50.38 2.94 -15.42
C THR E 85 -51.85 3.00 -15.83
N VAL E 86 -52.74 2.40 -15.04
CA VAL E 86 -54.17 2.49 -15.32
C VAL E 86 -54.63 3.95 -15.27
N GLN E 87 -54.18 4.69 -14.26
CA GLN E 87 -54.53 6.11 -14.16
C GLN E 87 -54.05 6.89 -15.38
N HIS E 88 -52.85 6.57 -15.88
CA HIS E 88 -52.31 7.29 -17.01
C HIS E 88 -53.10 7.01 -18.28
N CYS E 89 -53.46 5.74 -18.52
CA CYS E 89 -54.26 5.40 -19.69
C CYS E 89 -55.66 6.01 -19.60
N GLN E 90 -56.29 5.90 -18.43
CA GLN E 90 -57.57 6.56 -18.21
C GLN E 90 -57.45 8.06 -18.47
N HIS E 91 -56.33 8.65 -18.06
CA HIS E 91 -56.07 10.06 -18.35
C HIS E 91 -56.02 10.30 -19.85
N ILE E 92 -55.24 9.50 -20.57
CA ILE E 92 -55.09 9.66 -22.02
C ILE E 92 -56.45 9.60 -22.71
N ALA E 93 -57.26 8.62 -22.36
CA ALA E 93 -58.57 8.45 -22.99
C ALA E 93 -59.42 9.72 -22.88
N SER E 94 -59.28 10.47 -21.79
CA SER E 94 -60.09 11.66 -21.58
C SER E 94 -59.61 12.85 -22.40
N ILE E 95 -58.29 13.02 -22.55
CA ILE E 95 -57.79 14.16 -23.32
C ILE E 95 -58.07 13.94 -24.80
N GLU E 96 -57.80 12.74 -25.31
CA GLU E 96 -58.03 12.47 -26.73
C GLU E 96 -59.51 12.29 -27.03
N ASN E 97 -60.27 11.82 -26.04
CA ASN E 97 -61.72 11.73 -26.08
C ASN E 97 -62.22 10.72 -27.11
N ASN E 98 -61.36 9.79 -27.54
CA ASN E 98 -61.76 8.78 -28.50
C ASN E 98 -62.45 7.62 -27.80
N ALA E 99 -63.49 7.09 -28.44
CA ALA E 99 -64.38 6.12 -27.79
C ALA E 99 -63.74 4.75 -27.59
N GLU E 100 -62.91 4.30 -28.53
CA GLU E 100 -62.34 2.96 -28.40
C GLU E 100 -61.41 2.85 -27.21
N GLN E 101 -60.67 3.93 -26.91
CA GLN E 101 -59.83 3.92 -25.71
C GLN E 101 -60.66 3.80 -24.45
N ALA E 102 -61.79 4.53 -24.38
CA ALA E 102 -62.67 4.44 -23.22
C ALA E 102 -63.21 3.04 -23.01
N ASP E 103 -63.38 2.26 -24.09
CA ASP E 103 -63.88 0.89 -23.93
C ASP E 103 -62.81 -0.03 -23.35
N SER E 104 -61.54 0.19 -23.69
CA SER E 104 -60.47 -0.61 -23.12
C SER E 104 -60.42 -0.48 -21.61
N MET E 105 -60.66 0.74 -21.11
CA MET E 105 -60.61 0.98 -19.67
C MET E 105 -61.68 0.19 -18.91
N GLN E 106 -62.69 -0.33 -19.61
CA GLN E 106 -63.69 -1.16 -18.95
C GLN E 106 -63.08 -2.41 -18.35
N SER E 107 -62.15 -3.03 -19.08
CA SER E 107 -61.50 -4.24 -18.62
C SER E 107 -60.07 -4.02 -18.13
N LEU E 108 -59.54 -2.81 -18.28
CA LEU E 108 -58.17 -2.51 -17.87
C LEU E 108 -58.22 -2.00 -16.43
N THR E 109 -58.01 -2.91 -15.48
CA THR E 109 -57.99 -2.58 -14.06
C THR E 109 -56.69 -3.07 -13.47
N MET E 110 -56.35 -2.53 -12.30
CA MET E 110 -55.16 -2.99 -11.58
C MET E 110 -55.20 -4.49 -11.37
N GLU E 111 -56.38 -5.05 -11.10
CA GLU E 111 -56.50 -6.49 -10.89
C GLU E 111 -56.23 -7.26 -12.18
N SER E 112 -56.72 -6.76 -13.31
CA SER E 112 -56.47 -7.43 -14.58
C SER E 112 -54.99 -7.43 -14.92
N ILE E 113 -54.29 -6.33 -14.62
CA ILE E 113 -52.86 -6.26 -14.88
C ILE E 113 -52.11 -7.30 -14.04
N LEU E 114 -52.43 -7.38 -12.75
CA LEU E 114 -51.80 -8.38 -11.90
C LEU E 114 -52.08 -9.79 -12.38
N GLU E 115 -53.28 -10.03 -12.91
CA GLU E 115 -53.60 -11.36 -13.43
C GLU E 115 -52.80 -11.69 -14.69
N GLY E 116 -52.32 -10.68 -15.41
CA GLY E 116 -51.51 -10.89 -16.58
C GLY E 116 -50.04 -11.12 -16.32
N ILE E 117 -49.61 -11.18 -15.07
CA ILE E 117 -48.22 -11.41 -14.71
C ILE E 117 -48.12 -12.83 -14.19
N HIS E 118 -47.59 -13.73 -15.01
CA HIS E 118 -47.35 -15.10 -14.58
C HIS E 118 -46.04 -15.15 -13.81
N TYR E 119 -46.10 -15.64 -12.59
CA TYR E 119 -44.99 -15.51 -11.64
C TYR E 119 -44.40 -16.89 -11.34
N PHE E 120 -43.09 -17.02 -11.57
CA PHE E 120 -42.35 -18.21 -11.22
C PHE E 120 -41.22 -17.82 -10.26
N ARG E 121 -41.05 -18.61 -9.20
CA ARG E 121 -40.01 -18.40 -8.22
C ARG E 121 -39.02 -19.55 -8.32
N CYS E 122 -37.80 -19.24 -8.75
CA CYS E 122 -36.71 -20.20 -8.80
C CYS E 122 -35.74 -19.88 -7.68
N HIS E 123 -35.30 -20.89 -6.94
CA HIS E 123 -34.39 -20.69 -5.81
C HIS E 123 -32.95 -21.04 -6.12
N ASP E 124 -32.70 -21.97 -7.04
CA ASP E 124 -31.36 -22.32 -7.47
C ASP E 124 -31.34 -22.47 -8.99
N TYR E 125 -30.13 -22.54 -9.55
CA TYR E 125 -29.99 -22.55 -10.99
C TYR E 125 -30.61 -23.78 -11.64
N VAL E 126 -30.76 -24.88 -10.87
CA VAL E 126 -31.34 -26.09 -11.44
C VAL E 126 -32.84 -25.92 -11.68
N GLN E 127 -33.52 -25.22 -10.79
CA GLN E 127 -34.93 -24.91 -11.00
C GLN E 127 -35.12 -23.99 -12.20
N LEU E 128 -34.14 -23.13 -12.48
CA LEU E 128 -34.24 -22.26 -13.65
C LEU E 128 -34.09 -23.07 -14.94
N LEU E 129 -33.12 -23.99 -14.97
CA LEU E 129 -32.99 -24.88 -16.13
C LEU E 129 -34.24 -25.73 -16.31
N ALA E 130 -34.79 -26.24 -15.21
CA ALA E 130 -36.00 -27.04 -15.27
C ALA E 130 -37.18 -26.22 -15.78
N LEU E 131 -37.25 -24.94 -15.41
CA LEU E 131 -38.35 -24.10 -15.86
C LEU E 131 -38.20 -23.72 -17.33
N VAL E 132 -36.99 -23.34 -17.74
CA VAL E 132 -36.77 -22.95 -19.14
C VAL E 132 -37.06 -24.11 -20.08
N HIS E 133 -36.69 -25.33 -19.67
CA HIS E 133 -36.88 -26.49 -20.54
C HIS E 133 -38.36 -26.82 -20.73
N THR E 134 -39.20 -26.50 -19.75
CA THR E 134 -40.63 -26.71 -19.83
C THR E 134 -41.42 -25.51 -20.34
N LEU E 135 -40.76 -24.42 -20.72
CA LEU E 135 -41.47 -23.21 -21.13
C LEU E 135 -42.23 -23.32 -22.45
N PRO E 136 -41.67 -23.94 -23.51
CA PRO E 136 -42.44 -24.04 -24.77
C PRO E 136 -43.83 -24.61 -24.62
N ASP E 137 -44.01 -25.69 -23.84
CA ASP E 137 -45.35 -26.21 -23.61
C ASP E 137 -46.24 -25.20 -22.91
N PHE E 138 -45.66 -24.36 -22.05
CA PHE E 138 -46.43 -23.34 -21.35
C PHE E 138 -46.80 -22.20 -22.29
N LEU E 139 -45.86 -21.79 -23.15
CA LEU E 139 -46.11 -20.69 -24.06
C LEU E 139 -47.11 -21.06 -25.15
N LYS E 140 -47.12 -22.33 -25.58
CA LYS E 140 -48.12 -22.76 -26.56
C LYS E 140 -49.54 -22.63 -26.04
N GLN E 141 -49.74 -22.85 -24.75
CA GLN E 141 -51.06 -22.69 -24.13
C GLN E 141 -51.38 -21.25 -23.77
N HIS E 142 -50.38 -20.37 -23.74
CA HIS E 142 -50.55 -18.96 -23.42
C HIS E 142 -49.87 -18.11 -24.49
N PRO E 143 -50.43 -18.07 -25.70
CA PRO E 143 -49.76 -17.35 -26.81
C PRO E 143 -49.77 -15.84 -26.64
N GLN E 144 -50.57 -15.29 -25.74
CA GLN E 144 -50.60 -13.84 -25.50
C GLN E 144 -49.39 -13.35 -24.72
N ILE E 145 -48.52 -14.24 -24.26
CA ILE E 145 -47.34 -13.82 -23.50
C ILE E 145 -46.34 -13.17 -24.44
N CYS E 146 -45.98 -11.92 -24.13
CA CYS E 146 -45.05 -11.16 -24.96
C CYS E 146 -43.77 -10.76 -24.23
N LEU E 147 -43.61 -11.15 -22.97
CA LEU E 147 -42.45 -10.75 -22.19
C LEU E 147 -42.05 -11.87 -21.24
N ILE E 148 -40.75 -12.18 -21.21
CA ILE E 148 -40.18 -13.07 -20.21
C ILE E 148 -39.11 -12.29 -19.47
N VAL E 149 -39.30 -12.10 -18.18
CA VAL E 149 -38.31 -11.45 -17.33
C VAL E 149 -37.63 -12.53 -16.50
N VAL E 150 -36.30 -12.49 -16.47
CA VAL E 150 -35.51 -13.29 -15.53
C VAL E 150 -34.78 -12.31 -14.64
N ASP E 151 -35.20 -12.23 -13.39
CA ASP E 151 -34.68 -11.27 -12.42
C ASP E 151 -34.23 -12.06 -11.19
N SER E 152 -32.95 -12.39 -11.14
CA SER E 152 -31.97 -12.08 -12.17
C SER E 152 -31.36 -13.34 -12.78
N ILE E 153 -30.69 -13.18 -13.92
CA ILE E 153 -29.97 -14.29 -14.51
C ILE E 153 -28.67 -14.58 -13.76
N ALA E 154 -28.15 -13.58 -13.03
CA ALA E 154 -26.84 -13.72 -12.40
C ALA E 154 -26.93 -14.42 -11.05
N PHE E 155 -27.99 -14.15 -10.28
CA PHE E 155 -28.06 -14.65 -8.91
C PHE E 155 -27.95 -16.17 -8.80
N PRO E 156 -28.61 -16.98 -9.63
CA PRO E 156 -28.47 -18.44 -9.47
C PRO E 156 -27.06 -18.96 -9.69
N PHE E 157 -26.15 -18.18 -10.25
CA PHE E 157 -24.81 -18.64 -10.58
C PHE E 157 -23.74 -18.01 -9.70
N ARG E 158 -24.14 -17.44 -8.57
CA ARG E 158 -23.19 -16.81 -7.66
C ARG E 158 -22.19 -17.80 -7.09
N HIS E 159 -22.51 -19.09 -7.09
CA HIS E 159 -21.58 -20.10 -6.62
C HIS E 159 -20.62 -20.58 -7.69
N HIS E 160 -20.96 -20.37 -8.97
CA HIS E 160 -20.10 -20.73 -10.09
C HIS E 160 -19.09 -19.63 -10.43
N PHE E 161 -18.98 -18.60 -9.59
CA PHE E 161 -17.94 -17.59 -9.80
C PHE E 161 -16.55 -18.21 -9.92
N GLU E 162 -16.30 -19.31 -9.19
CA GLU E 162 -14.98 -19.93 -9.19
C GLU E 162 -14.67 -20.68 -10.48
N ASP E 163 -15.67 -21.33 -11.10
CA ASP E 163 -15.44 -22.19 -12.27
C ASP E 163 -15.90 -21.47 -13.54
N TYR E 164 -14.94 -20.85 -14.22
CA TYR E 164 -15.22 -20.07 -15.42
C TYR E 164 -15.78 -20.92 -16.57
N ALA E 165 -15.29 -22.15 -16.72
CA ALA E 165 -15.71 -22.98 -17.86
C ALA E 165 -17.12 -23.51 -17.71
N LEU E 166 -17.49 -24.01 -16.52
CA LEU E 166 -18.82 -24.58 -16.35
C LEU E 166 -19.90 -23.51 -16.39
N ARG E 167 -19.66 -22.37 -15.73
CA ARG E 167 -20.64 -21.30 -15.72
C ARG E 167 -20.92 -20.76 -17.12
N THR E 168 -19.89 -20.71 -17.97
CA THR E 168 -20.07 -20.14 -19.30
C THR E 168 -21.04 -20.95 -20.15
N ARG E 169 -20.87 -22.28 -20.22
CA ARG E 169 -21.78 -23.06 -21.05
C ARG E 169 -23.15 -23.15 -20.41
N LEU E 170 -23.24 -23.02 -19.09
CA LEU E 170 -24.54 -22.91 -18.44
C LEU E 170 -25.27 -21.65 -18.88
N LEU E 171 -24.57 -20.51 -18.87
CA LEU E 171 -25.19 -19.26 -19.28
C LEU E 171 -25.49 -19.26 -20.78
N ASN E 172 -24.60 -19.83 -21.58
CA ASN E 172 -24.84 -19.89 -23.01
C ASN E 172 -25.92 -20.90 -23.36
N GLY E 173 -26.01 -21.99 -22.59
CA GLY E 173 -27.12 -22.91 -22.78
C GLY E 173 -28.47 -22.27 -22.55
N LEU E 174 -28.57 -21.43 -21.50
CA LEU E 174 -29.80 -20.69 -21.25
C LEU E 174 -30.01 -19.60 -22.29
N ALA E 175 -28.94 -18.86 -22.62
CA ALA E 175 -29.05 -17.79 -23.62
C ALA E 175 -29.54 -18.33 -24.95
N GLN E 176 -29.08 -19.51 -25.36
CA GLN E 176 -29.57 -20.11 -26.59
C GLN E 176 -31.03 -20.50 -26.46
N SER E 177 -31.45 -20.94 -25.27
CA SER E 177 -32.86 -21.26 -25.06
C SER E 177 -33.73 -20.01 -25.15
N PHE E 178 -33.26 -18.90 -24.58
CA PHE E 178 -34.05 -17.67 -24.58
C PHE E 178 -34.11 -17.04 -25.97
N ILE E 179 -33.02 -17.10 -26.73
CA ILE E 179 -33.04 -16.64 -28.11
C ILE E 179 -34.07 -17.44 -28.91
N LYS E 180 -34.06 -18.76 -28.73
CA LYS E 180 -35.01 -19.61 -29.45
C LYS E 180 -36.44 -19.33 -28.98
N LEU E 181 -36.63 -19.17 -27.67
CA LEU E 181 -37.95 -18.81 -27.15
C LEU E 181 -38.39 -17.45 -27.68
N ALA E 182 -37.45 -16.50 -27.78
CA ALA E 182 -37.80 -15.15 -28.20
C ALA E 182 -38.27 -15.12 -29.65
N VAL E 183 -37.62 -15.91 -30.52
CA VAL E 183 -38.00 -15.91 -31.93
C VAL E 183 -39.23 -16.78 -32.18
N ASP E 184 -39.26 -17.97 -31.58
CA ASP E 184 -40.33 -18.92 -31.90
C ASP E 184 -41.68 -18.47 -31.37
N PHE E 185 -41.73 -17.80 -30.23
CA PHE E 185 -42.98 -17.35 -29.64
C PHE E 185 -43.16 -15.85 -29.71
N LYS E 186 -42.24 -15.15 -30.38
CA LYS E 186 -42.36 -13.72 -30.66
C LYS E 186 -42.58 -12.91 -29.38
N LEU E 187 -41.62 -13.02 -28.47
CA LEU E 187 -41.69 -12.27 -27.22
C LEU E 187 -40.32 -11.68 -26.91
N ALA E 188 -40.32 -10.69 -26.01
CA ALA E 188 -39.09 -10.10 -25.53
C ALA E 188 -38.62 -10.83 -24.28
N VAL E 189 -37.32 -11.08 -24.21
CA VAL E 189 -36.69 -11.68 -23.04
C VAL E 189 -35.84 -10.61 -22.38
N LEU E 190 -36.20 -10.24 -21.16
CA LEU E 190 -35.47 -9.26 -20.37
C LEU E 190 -34.69 -9.98 -19.28
N LEU E 191 -33.37 -9.88 -19.34
CA LEU E 191 -32.48 -10.47 -18.34
C LEU E 191 -31.85 -9.34 -17.54
N THR E 192 -31.94 -9.42 -16.22
CA THR E 192 -31.23 -8.50 -15.37
C THR E 192 -29.96 -9.16 -14.86
N ASN E 193 -28.94 -8.34 -14.63
CA ASN E 193 -27.58 -8.82 -14.36
C ASN E 193 -26.95 -7.93 -13.32
N GLN E 194 -26.09 -8.52 -12.50
CA GLN E 194 -25.40 -7.78 -11.45
C GLN E 194 -24.10 -7.19 -11.99
N MET E 195 -23.52 -6.28 -11.21
CA MET E 195 -22.22 -5.70 -11.52
C MET E 195 -21.13 -6.31 -10.66
N THR E 196 -19.89 -6.10 -11.08
CA THR E 196 -18.72 -6.51 -10.31
C THR E 196 -17.62 -5.50 -10.58
N THR E 197 -16.51 -5.65 -9.85
CA THR E 197 -15.43 -4.68 -9.89
C THR E 197 -14.31 -5.11 -10.84
N LYS E 198 -13.40 -4.18 -11.10
CA LYS E 198 -12.17 -4.47 -11.84
C LYS E 198 -11.09 -3.52 -11.36
N ILE E 199 -9.85 -4.02 -11.37
CA ILE E 199 -8.68 -3.22 -11.02
C ILE E 199 -8.09 -2.70 -12.32
N SER E 200 -8.27 -1.40 -12.58
CA SER E 200 -7.73 -0.81 -13.79
C SER E 200 -6.22 -0.83 -13.78
N ALA E 201 -5.63 -0.94 -14.96
CA ALA E 201 -4.18 -1.00 -15.08
C ALA E 201 -3.55 0.33 -14.66
N SER E 202 -2.37 0.22 -14.04
CA SER E 202 -1.62 1.38 -13.55
C SER E 202 -2.44 2.20 -12.55
N SER E 207 -10.32 0.44 -10.21
CA SER E 207 -11.50 1.08 -9.64
C SER E 207 -12.53 1.40 -10.72
N HIS E 208 -13.43 0.44 -10.96
CA HIS E 208 -14.44 0.57 -12.01
C HIS E 208 -15.39 -0.62 -11.90
N LEU E 209 -16.64 -0.39 -12.27
CA LEU E 209 -17.70 -1.40 -12.20
C LEU E 209 -18.06 -1.90 -13.59
N ILE E 210 -18.17 -3.21 -13.74
CA ILE E 210 -18.50 -3.83 -15.02
C ILE E 210 -19.59 -4.88 -14.79
N PRO E 211 -20.29 -5.29 -15.84
CA PRO E 211 -21.29 -6.36 -15.68
C PRO E 211 -20.65 -7.67 -15.24
N ALA E 212 -21.38 -8.41 -14.42
CA ALA E 212 -20.90 -9.68 -13.88
C ALA E 212 -20.92 -10.76 -14.97
N LEU E 213 -20.42 -11.95 -14.59
CA LEU E 213 -20.42 -13.20 -15.36
C LEU E 213 -19.38 -13.24 -16.47
N GLY E 214 -18.47 -12.26 -16.52
CA GLY E 214 -17.29 -12.34 -17.38
C GLY E 214 -17.57 -11.98 -18.83
N GLU E 215 -16.48 -11.98 -19.62
CA GLU E 215 -16.58 -11.55 -21.01
C GLU E 215 -17.25 -12.58 -21.90
N SER E 216 -17.32 -13.83 -21.47
CA SER E 216 -18.03 -14.85 -22.24
C SER E 216 -19.53 -14.61 -22.26
N TRP E 217 -20.04 -13.73 -21.41
CA TRP E 217 -21.48 -13.45 -21.32
C TRP E 217 -21.81 -12.14 -22.02
N GLY E 218 -22.97 -12.12 -22.68
CA GLY E 218 -23.48 -10.92 -23.31
C GLY E 218 -23.50 -10.91 -24.83
N HIS E 219 -23.00 -11.95 -25.49
CA HIS E 219 -23.03 -11.96 -26.95
C HIS E 219 -24.43 -12.18 -27.49
N SER E 220 -25.20 -13.04 -26.84
CA SER E 220 -26.58 -13.31 -27.25
C SER E 220 -27.54 -12.20 -26.85
N SER E 221 -27.05 -11.13 -26.24
CA SER E 221 -27.88 -10.00 -25.85
C SER E 221 -27.83 -8.94 -26.96
N THR E 222 -28.99 -8.62 -27.53
CA THR E 222 -29.04 -7.58 -28.55
C THR E 222 -28.73 -6.22 -27.95
N ILE E 223 -29.43 -5.85 -26.87
CA ILE E 223 -29.23 -4.60 -26.16
C ILE E 223 -28.74 -4.91 -24.76
N ARG E 224 -27.77 -4.13 -24.28
CA ARG E 224 -27.30 -4.22 -22.91
C ARG E 224 -27.26 -2.83 -22.32
N LEU E 225 -28.04 -2.60 -21.26
CA LEU E 225 -28.04 -1.34 -20.55
C LEU E 225 -27.36 -1.49 -19.19
N ILE E 226 -26.71 -0.43 -18.75
CA ILE E 226 -26.15 -0.35 -17.41
C ILE E 226 -26.86 0.79 -16.69
N LEU E 227 -27.64 0.47 -15.67
CA LEU E 227 -28.25 1.46 -14.81
C LEU E 227 -27.27 1.82 -13.69
N TYR E 228 -27.07 3.11 -13.45
CA TYR E 228 -26.09 3.55 -12.47
C TYR E 228 -26.48 4.90 -11.92
N TRP E 229 -25.89 5.22 -10.77
CA TRP E 229 -26.05 6.52 -10.14
C TRP E 229 -24.92 7.45 -10.56
N GLN E 230 -25.27 8.73 -10.74
CA GLN E 230 -24.28 9.80 -10.89
C GLN E 230 -24.76 10.91 -9.99
N GLU E 231 -24.00 11.19 -8.94
CA GLU E 231 -24.47 11.97 -7.80
C GLU E 231 -25.79 11.34 -7.33
N LYS E 232 -26.87 12.10 -7.18
CA LYS E 232 -28.15 11.54 -6.77
C LYS E 232 -29.18 11.51 -7.91
N SER E 233 -28.72 11.24 -9.11
CA SER E 233 -29.58 11.09 -10.28
C SER E 233 -29.27 9.75 -10.93
N ARG E 234 -30.30 9.07 -11.41
CA ARG E 234 -30.10 7.82 -12.12
C ARG E 234 -29.80 8.07 -13.59
N TYR E 235 -29.04 7.16 -14.18
CA TYR E 235 -28.66 7.25 -15.58
C TYR E 235 -28.67 5.85 -16.20
N ALA E 236 -28.85 5.82 -17.52
CA ALA E 236 -28.84 4.58 -18.30
C ALA E 236 -27.82 4.69 -19.42
N LEU E 237 -26.76 3.89 -19.33
CA LEU E 237 -25.74 3.82 -20.38
C LEU E 237 -26.12 2.78 -21.42
N LEU E 238 -26.17 3.20 -22.68
CA LEU E 238 -26.37 2.25 -23.78
C LEU E 238 -25.03 1.58 -24.01
N TYR E 239 -24.82 0.45 -23.32
CA TYR E 239 -23.54 -0.22 -23.34
C TYR E 239 -23.32 -0.99 -24.63
N LYS E 240 -24.30 -1.79 -25.03
CA LYS E 240 -24.25 -2.55 -26.28
C LYS E 240 -25.55 -2.32 -27.02
N SER E 241 -25.46 -2.04 -28.32
CA SER E 241 -26.64 -1.77 -29.12
C SER E 241 -26.31 -2.03 -30.58
N PRO E 242 -27.32 -2.33 -31.40
CA PRO E 242 -27.07 -2.42 -32.85
C PRO E 242 -26.62 -1.11 -33.45
N SER E 243 -27.05 0.03 -32.90
CA SER E 243 -26.59 1.32 -33.39
C SER E 243 -25.11 1.57 -33.17
N HIS E 244 -24.49 0.85 -32.23
CA HIS E 244 -23.09 1.00 -31.82
C HIS E 244 -22.85 2.30 -31.07
N LYS E 245 -23.88 3.13 -30.91
CA LYS E 245 -23.73 4.37 -30.17
C LYS E 245 -23.65 4.10 -28.67
N GLN E 246 -22.90 4.96 -27.98
CA GLN E 246 -22.77 4.90 -26.53
C GLN E 246 -23.37 6.18 -25.96
N ILE E 247 -24.60 6.07 -25.44
CA ILE E 247 -25.34 7.22 -24.95
C ILE E 247 -25.75 6.96 -23.51
N SER E 248 -25.79 8.04 -22.72
CA SER E 248 -26.32 8.01 -21.37
C SER E 248 -27.52 8.94 -21.29
N VAL E 249 -28.62 8.45 -20.72
CA VAL E 249 -29.81 9.28 -20.50
C VAL E 249 -30.19 9.25 -19.03
N PRO E 250 -30.66 10.36 -18.47
CA PRO E 250 -31.17 10.33 -17.11
C PRO E 250 -32.61 9.83 -17.06
N PHE E 251 -32.92 9.12 -15.98
CA PHE E 251 -34.28 8.71 -15.68
C PHE E 251 -34.47 8.78 -14.16
N GLN E 252 -35.69 8.48 -13.71
CA GLN E 252 -35.95 8.47 -12.28
C GLN E 252 -37.00 7.42 -11.96
N ILE E 253 -37.12 7.10 -10.68
CA ILE E 253 -38.09 6.14 -10.18
C ILE E 253 -38.93 6.85 -9.12
N THR E 254 -40.23 6.94 -9.36
CA THR E 254 -41.17 7.55 -8.43
C THR E 254 -42.09 6.46 -7.89
N THR E 255 -43.03 6.87 -7.04
CA THR E 255 -44.05 5.92 -6.57
C THR E 255 -44.83 5.33 -7.75
N ALA E 256 -44.96 6.09 -8.84
CA ALA E 256 -45.66 5.60 -10.02
C ALA E 256 -44.84 4.58 -10.79
N GLY E 257 -43.51 4.61 -10.67
CA GLY E 257 -42.66 3.70 -11.42
C GLY E 257 -41.53 4.38 -12.17
N ILE E 258 -41.13 3.83 -13.31
CA ILE E 258 -40.11 4.47 -14.13
C ILE E 258 -40.70 5.70 -14.80
N ARG E 259 -39.97 6.83 -14.70
CA ARG E 259 -40.41 8.08 -15.30
C ARG E 259 -39.20 8.86 -15.77
N ASP E 260 -39.46 9.89 -16.58
CA ASP E 260 -38.42 10.81 -17.01
C ASP E 260 -38.17 11.86 -15.94
N VAL E 261 -36.96 12.42 -15.94
CA VAL E 261 -36.65 13.46 -14.98
C VAL E 261 -37.37 14.74 -15.37
N CYS E 262 -37.47 15.66 -14.41
CA CYS E 262 -38.21 16.90 -14.62
C CYS E 262 -37.34 18.08 -14.20
N PRO E 263 -37.00 19.00 -15.12
CA PRO E 263 -37.33 18.98 -16.55
C PRO E 263 -36.22 18.38 -17.40
N THR E 264 -36.48 18.15 -18.69
CA THR E 264 -35.45 17.64 -19.60
C THR E 264 -35.49 18.43 -20.91
N GLU F 3 -33.29 -40.78 -11.44
CA GLU F 3 -32.10 -41.07 -10.65
C GLU F 3 -32.41 -41.30 -9.16
N LEU F 4 -33.38 -42.16 -8.83
CA LEU F 4 -34.31 -42.95 -9.65
C LEU F 4 -35.71 -42.33 -9.60
N ASP F 5 -36.24 -41.97 -10.76
CA ASP F 5 -37.60 -41.40 -10.85
C ASP F 5 -38.35 -42.13 -11.96
N LEU F 6 -38.97 -43.25 -11.58
CA LEU F 6 -39.86 -44.05 -12.43
C LEU F 6 -39.36 -44.15 -13.88
N ASN F 7 -38.12 -44.63 -14.03
CA ASN F 7 -37.49 -44.75 -15.34
C ASN F 7 -36.77 -46.09 -15.40
N PRO F 8 -36.86 -46.80 -16.52
CA PRO F 8 -36.31 -48.16 -16.58
C PRO F 8 -34.80 -48.27 -16.65
N ARG F 9 -34.34 -48.83 -17.77
CA ARG F 9 -32.94 -49.16 -17.99
C ARG F 9 -32.07 -47.90 -18.05
N ILE F 10 -32.60 -46.81 -18.60
CA ILE F 10 -31.84 -45.59 -18.79
C ILE F 10 -31.27 -45.06 -17.48
N ILE F 11 -31.87 -45.42 -16.34
CA ILE F 11 -31.35 -44.97 -15.06
C ILE F 11 -29.94 -45.50 -14.84
N TYR F 12 -29.74 -46.81 -15.02
CA TYR F 12 -28.43 -47.40 -14.79
C TYR F 12 -27.40 -47.02 -15.84
N SER F 13 -27.82 -46.44 -16.96
CA SER F 13 -26.86 -46.05 -18.00
C SER F 13 -26.28 -44.66 -17.75
N ILE F 14 -27.05 -43.75 -17.15
CA ILE F 14 -26.49 -42.45 -16.78
C ILE F 14 -25.70 -42.58 -15.48
N LYS F 15 -26.12 -43.48 -14.58
CA LYS F 15 -25.36 -43.73 -13.36
C LYS F 15 -23.99 -44.34 -13.67
N LYS F 16 -23.94 -45.23 -14.66
CA LYS F 16 -22.66 -45.84 -15.04
C LYS F 16 -21.75 -44.87 -15.77
N ALA F 17 -22.30 -43.78 -16.31
CA ALA F 17 -21.50 -42.74 -16.95
C ALA F 17 -21.23 -41.57 -16.03
N HIS F 18 -21.63 -41.70 -14.76
CA HIS F 18 -21.36 -40.71 -13.72
C HIS F 18 -21.87 -39.32 -14.11
N LEU F 19 -23.08 -39.27 -14.70
CA LEU F 19 -23.78 -38.02 -14.93
C LEU F 19 -25.18 -38.28 -14.39
N HIS F 20 -25.32 -38.10 -13.09
CA HIS F 20 -26.56 -38.33 -12.36
C HIS F 20 -26.96 -37.09 -11.57
N ASP F 21 -26.39 -35.95 -11.91
CA ASP F 21 -26.77 -34.67 -11.32
C ASP F 21 -27.83 -34.02 -12.20
N TYR F 22 -28.95 -33.66 -11.59
CA TYR F 22 -30.08 -33.13 -12.37
C TYR F 22 -29.70 -31.85 -13.09
N GLY F 23 -28.84 -31.04 -12.49
CA GLY F 23 -28.41 -29.82 -13.16
C GLY F 23 -27.59 -30.14 -14.40
N THR F 24 -26.64 -31.07 -14.26
CA THR F 24 -25.84 -31.47 -15.43
C THR F 24 -26.71 -32.09 -16.51
N ILE F 25 -27.78 -32.79 -16.13
CA ILE F 25 -28.64 -33.42 -17.12
C ILE F 25 -29.38 -32.35 -17.93
N LEU F 26 -30.00 -31.39 -17.25
CA LEU F 26 -30.77 -30.36 -17.94
C LEU F 26 -29.90 -29.30 -18.60
N SER F 27 -28.60 -29.30 -18.31
CA SER F 27 -27.66 -28.36 -18.90
C SER F 27 -27.15 -28.85 -20.23
N LEU F 28 -26.94 -30.15 -20.34
CA LEU F 28 -26.22 -30.73 -21.46
C LEU F 28 -27.13 -30.88 -22.67
N SER F 29 -26.50 -30.99 -23.84
CA SER F 29 -27.24 -31.06 -25.09
C SER F 29 -27.89 -32.43 -25.23
N ALA F 30 -28.88 -32.50 -26.11
CA ALA F 30 -29.54 -33.78 -26.37
C ALA F 30 -28.54 -34.78 -26.92
N ALA F 31 -27.59 -34.32 -27.74
CA ALA F 31 -26.55 -35.19 -28.27
C ALA F 31 -25.47 -35.54 -27.26
N ASP F 32 -25.17 -34.64 -26.32
CA ASP F 32 -24.09 -34.92 -25.36
C ASP F 32 -24.45 -36.02 -24.37
N ILE F 33 -25.72 -36.16 -23.98
CA ILE F 33 -26.11 -37.30 -23.16
C ILE F 33 -25.97 -38.59 -23.95
N GLN F 34 -26.46 -38.61 -25.20
CA GLN F 34 -26.24 -39.76 -26.06
C GLN F 34 -24.76 -40.01 -26.28
N ARG F 35 -23.96 -38.94 -26.25
CA ARG F 35 -22.52 -39.06 -26.41
C ARG F 35 -21.88 -39.82 -25.25
N MET F 36 -22.34 -39.58 -24.03
CA MET F 36 -21.72 -40.23 -22.87
C MET F 36 -22.38 -41.57 -22.51
N THR F 37 -23.68 -41.70 -22.72
CA THR F 37 -24.40 -42.93 -22.42
C THR F 37 -24.96 -43.54 -23.69
N ARG F 38 -25.05 -44.87 -23.71
CA ARG F 38 -25.58 -45.58 -24.86
C ARG F 38 -27.08 -45.36 -25.01
N LEU F 39 -27.53 -44.12 -25.07
CA LEU F 39 -28.95 -43.85 -25.14
C LEU F 39 -29.30 -43.16 -26.45
N SER F 40 -30.57 -43.32 -26.83
CA SER F 40 -31.12 -42.78 -28.07
C SER F 40 -31.71 -41.40 -27.84
N ALA F 41 -31.98 -40.70 -28.95
CA ALA F 41 -32.69 -39.43 -28.86
C ALA F 41 -34.08 -39.62 -28.27
N SER F 42 -34.67 -40.81 -28.44
CA SER F 42 -35.99 -41.09 -27.87
C SER F 42 -35.96 -41.07 -26.34
N ASP F 43 -34.90 -41.61 -25.73
CA ASP F 43 -34.84 -41.67 -24.27
C ASP F 43 -34.29 -40.39 -23.65
N VAL F 44 -33.30 -39.77 -24.30
CA VAL F 44 -32.73 -38.53 -23.75
C VAL F 44 -33.81 -37.46 -23.66
N HIS F 45 -34.71 -37.41 -24.64
CA HIS F 45 -35.84 -36.49 -24.55
C HIS F 45 -36.73 -36.85 -23.37
N GLN F 46 -36.99 -38.14 -23.17
CA GLN F 46 -37.78 -38.57 -22.02
C GLN F 46 -37.01 -38.39 -20.72
N LEU F 47 -35.69 -38.52 -20.77
CA LEU F 47 -34.89 -38.22 -19.59
C LEU F 47 -35.00 -36.75 -19.20
N GLN F 48 -34.73 -35.85 -20.15
CA GLN F 48 -34.74 -34.43 -19.83
C GLN F 48 -36.16 -33.89 -19.64
N LYS F 49 -37.15 -34.51 -20.28
CA LYS F 49 -38.54 -34.11 -20.02
C LYS F 49 -38.97 -34.54 -18.62
N THR F 50 -38.64 -35.78 -18.23
CA THR F 50 -39.04 -36.26 -16.91
C THR F 50 -38.24 -35.59 -15.80
N VAL F 51 -36.94 -35.35 -16.02
CA VAL F 51 -36.13 -34.67 -15.01
C VAL F 51 -36.66 -33.27 -14.75
N ALA F 52 -36.88 -32.49 -15.82
CA ALA F 52 -37.34 -31.12 -15.64
C ALA F 52 -38.72 -31.08 -14.99
N GLU F 53 -39.59 -32.04 -15.30
CA GLU F 53 -40.90 -32.11 -14.67
C GLU F 53 -40.86 -32.69 -13.27
N ARG F 54 -39.81 -33.47 -12.95
CA ARG F 54 -39.62 -34.00 -11.60
C ARG F 54 -39.09 -32.96 -10.63
N ILE F 55 -38.22 -32.07 -11.11
CA ILE F 55 -37.51 -31.16 -10.22
C ILE F 55 -38.51 -30.26 -9.50
N ARG F 56 -38.41 -30.25 -8.17
CA ARG F 56 -39.35 -29.51 -7.34
C ARG F 56 -39.14 -28.01 -7.48
N ARG F 57 -40.23 -27.30 -7.70
CA ARG F 57 -40.26 -25.84 -7.75
C ARG F 57 -41.68 -25.41 -7.44
N THR F 58 -41.82 -24.23 -6.86
CA THR F 58 -43.15 -23.73 -6.54
C THR F 58 -43.96 -23.62 -7.83
N PRO F 59 -45.23 -24.02 -7.82
CA PRO F 59 -45.99 -24.09 -9.06
C PRO F 59 -46.33 -22.70 -9.60
N HIS F 60 -46.74 -22.68 -10.87
CA HIS F 60 -47.11 -21.45 -11.53
C HIS F 60 -48.21 -20.72 -10.76
N THR F 61 -48.18 -19.40 -10.82
CA THR F 61 -49.23 -18.56 -10.26
C THR F 61 -49.19 -17.21 -10.97
N THR F 62 -50.06 -16.30 -10.56
CA THR F 62 -50.09 -14.95 -11.09
C THR F 62 -49.90 -13.94 -9.96
N ALA F 63 -49.50 -12.73 -10.35
CA ALA F 63 -49.38 -11.64 -9.39
C ALA F 63 -50.69 -11.37 -8.67
N PHE F 64 -51.81 -11.57 -9.37
CA PHE F 64 -53.11 -11.36 -8.73
C PHE F 64 -53.32 -12.32 -7.57
N HIS F 65 -52.88 -13.57 -7.73
CA HIS F 65 -52.98 -14.53 -6.64
C HIS F 65 -52.08 -14.14 -5.47
N LEU F 66 -50.83 -13.76 -5.75
CA LEU F 66 -49.94 -13.30 -4.68
C LEU F 66 -50.53 -12.14 -3.90
N HIS F 67 -51.33 -11.30 -4.58
CA HIS F 67 -51.93 -10.12 -3.96
C HIS F 67 -53.14 -10.47 -3.09
N ARG F 68 -53.67 -11.68 -3.19
CA ARG F 68 -55.04 -11.94 -2.77
C ARG F 68 -55.20 -12.54 -1.37
N ARG F 69 -54.31 -13.42 -0.90
CA ARG F 69 -53.11 -14.07 -1.42
C ARG F 69 -53.33 -15.57 -1.58
N SER F 70 -53.60 -16.02 -2.80
CA SER F 70 -54.13 -17.37 -2.98
C SER F 70 -53.98 -17.94 -4.38
N GLY F 71 -52.79 -18.39 -4.77
CA GLY F 71 -51.52 -18.32 -4.08
C GLY F 71 -50.96 -19.56 -3.43
N PRO F 72 -49.86 -20.10 -3.98
CA PRO F 72 -49.07 -21.08 -3.22
C PRO F 72 -48.61 -20.46 -1.92
N ALA F 73 -48.77 -21.19 -0.82
CA ALA F 73 -48.53 -20.61 0.50
C ALA F 73 -47.06 -20.22 0.71
N GLU F 74 -46.12 -20.98 0.14
CA GLU F 74 -44.71 -20.67 0.37
C GLU F 74 -44.26 -19.39 -0.33
N LEU F 75 -45.14 -18.74 -1.09
CA LEU F 75 -44.85 -17.46 -1.71
C LEU F 75 -45.35 -16.29 -0.89
N ASN F 76 -46.12 -16.55 0.16
CA ASN F 76 -46.62 -15.50 1.03
C ASN F 76 -45.54 -15.05 2.00
N ARG F 77 -45.52 -13.76 2.28
CA ARG F 77 -44.64 -13.20 3.29
C ARG F 77 -45.47 -12.58 4.40
N ASP F 78 -44.86 -12.44 5.57
CA ASP F 78 -45.52 -11.86 6.73
C ASP F 78 -44.69 -10.70 7.24
N HIS F 79 -45.37 -9.74 7.86
CA HIS F 79 -44.73 -8.59 8.47
C HIS F 79 -44.57 -8.80 9.96
N LEU F 80 -43.34 -8.59 10.46
CA LEU F 80 -43.08 -8.51 11.88
C LEU F 80 -43.11 -7.05 12.30
N THR F 81 -43.97 -6.72 13.25
CA THR F 81 -44.08 -5.33 13.69
C THR F 81 -42.79 -4.91 14.39
N THR F 82 -42.43 -3.64 14.21
CA THR F 82 -41.36 -3.04 14.98
C THR F 82 -41.80 -2.63 16.38
N GLY F 83 -43.09 -2.74 16.69
CA GLY F 83 -43.63 -2.26 17.93
C GLY F 83 -44.09 -0.81 17.90
N CYS F 84 -43.68 -0.04 16.90
CA CYS F 84 -44.06 1.34 16.74
C CYS F 84 -44.86 1.49 15.45
N GLN F 85 -46.02 2.13 15.54
CA GLN F 85 -46.89 2.28 14.38
C GLN F 85 -46.27 3.18 13.32
N GLN F 86 -45.51 4.20 13.73
CA GLN F 86 -44.90 5.10 12.76
C GLN F 86 -43.81 4.39 11.96
N LEU F 87 -42.97 3.59 12.63
CA LEU F 87 -41.93 2.86 11.91
C LEU F 87 -42.53 1.80 10.98
N ASP F 88 -43.62 1.15 11.41
CA ASP F 88 -44.25 0.13 10.57
C ASP F 88 -44.73 0.71 9.24
N SER F 89 -45.33 1.91 9.28
CA SER F 89 -45.83 2.52 8.04
C SER F 89 -44.68 2.93 7.14
N PHE F 90 -43.57 3.41 7.72
CA PHE F 90 -42.38 3.71 6.93
C PHE F 90 -41.87 2.48 6.20
N LEU F 91 -42.03 1.30 6.80
CA LEU F 91 -41.60 0.04 6.21
C LEU F 91 -42.73 -0.70 5.49
N ARG F 92 -43.87 -0.04 5.28
CA ARG F 92 -45.02 -0.63 4.59
C ARG F 92 -45.47 -1.93 5.25
N GLY F 93 -45.48 -1.94 6.59
CA GLY F 93 -45.95 -3.10 7.30
C GLY F 93 -45.02 -3.56 8.41
N GLY F 94 -43.72 -3.35 8.21
CA GLY F 94 -42.72 -3.81 9.15
C GLY F 94 -41.70 -4.72 8.49
N ILE F 95 -41.06 -5.58 9.28
CA ILE F 95 -40.01 -6.45 8.76
C ILE F 95 -40.64 -7.60 7.99
N LEU F 96 -40.16 -7.85 6.78
CA LEU F 96 -40.68 -8.91 5.94
C LEU F 96 -39.95 -10.22 6.20
N THR F 97 -40.72 -11.31 6.29
CA THR F 97 -40.14 -12.63 6.37
C THR F 97 -39.61 -13.06 4.99
N ARG F 98 -38.79 -14.11 4.99
CA ARG F 98 -38.14 -14.63 3.78
C ARG F 98 -37.30 -13.56 3.08
N THR F 99 -36.78 -12.59 3.84
CA THR F 99 -35.93 -11.55 3.28
C THR F 99 -34.69 -11.37 4.14
N LEU F 100 -33.66 -10.81 3.53
CA LEU F 100 -32.46 -10.38 4.26
C LEU F 100 -32.53 -8.86 4.42
N THR F 101 -32.71 -8.40 5.66
CA THR F 101 -32.74 -6.98 5.98
C THR F 101 -31.41 -6.61 6.61
N GLU F 102 -30.72 -5.63 6.03
CA GLU F 102 -29.48 -5.12 6.61
C GLU F 102 -29.77 -3.78 7.28
N ILE F 103 -29.35 -3.67 8.53
CA ILE F 103 -29.49 -2.44 9.30
C ILE F 103 -28.08 -1.91 9.54
N ALA F 104 -27.64 -0.97 8.72
CA ALA F 104 -26.36 -0.32 8.91
C ALA F 104 -26.53 0.96 9.73
N GLY F 105 -25.44 1.41 10.31
CA GLY F 105 -25.47 2.65 11.06
C GLY F 105 -24.16 2.86 11.81
N GLU F 106 -23.99 4.09 12.28
CA GLU F 106 -22.80 4.46 13.04
C GLU F 106 -22.79 3.75 14.39
N SER F 107 -21.71 3.97 15.15
CA SER F 107 -21.39 3.18 16.33
C SER F 107 -22.39 3.30 17.47
N ALA F 108 -23.29 4.27 17.47
CA ALA F 108 -24.24 4.43 18.56
C ALA F 108 -25.52 5.05 18.01
N SER F 109 -26.08 4.44 16.97
CA SER F 109 -27.24 4.95 16.28
C SER F 109 -28.55 4.27 16.66
N GLY F 110 -28.49 3.20 17.44
CA GLY F 110 -29.69 2.50 17.85
C GLY F 110 -29.91 1.15 17.20
N LYS F 111 -28.92 0.64 16.46
CA LYS F 111 -29.09 -0.63 15.75
C LYS F 111 -29.43 -1.76 16.71
N THR F 112 -28.71 -1.85 17.82
CA THR F 112 -28.93 -2.94 18.78
C THR F 112 -30.27 -2.78 19.48
N GLN F 113 -30.62 -1.55 19.90
CA GLN F 113 -31.91 -1.31 20.53
C GLN F 113 -33.05 -1.80 19.64
N LEU F 114 -32.99 -1.46 18.35
CA LEU F 114 -34.02 -1.89 17.41
C LEU F 114 -34.13 -3.41 17.37
N CYS F 115 -33.00 -4.10 17.28
CA CYS F 115 -33.00 -5.56 17.18
C CYS F 115 -33.50 -6.21 18.47
N MET F 116 -33.07 -5.71 19.62
CA MET F 116 -33.57 -6.26 20.88
C MET F 116 -35.08 -6.08 20.97
N GLN F 117 -35.58 -4.96 20.45
CA GLN F 117 -37.02 -4.74 20.42
C GLN F 117 -37.72 -5.74 19.52
N LEU F 118 -37.08 -6.11 18.40
CA LEU F 118 -37.66 -7.11 17.50
C LEU F 118 -37.62 -8.50 18.11
N CYS F 119 -36.63 -8.79 18.95
CA CYS F 119 -36.62 -10.03 19.71
C CYS F 119 -37.82 -10.11 20.65
N LEU F 120 -38.38 -8.98 21.03
CA LEU F 120 -39.58 -8.96 21.87
C LEU F 120 -40.84 -9.08 21.02
N THR F 121 -40.95 -8.28 19.97
CA THR F 121 -42.17 -8.25 19.16
C THR F 121 -42.39 -9.56 18.41
N VAL F 122 -41.31 -10.28 18.11
CA VAL F 122 -41.46 -11.55 17.39
C VAL F 122 -42.26 -12.55 18.21
N GLN F 123 -42.25 -12.41 19.53
CA GLN F 123 -42.93 -13.33 20.41
C GLN F 123 -44.39 -13.00 20.64
N LEU F 124 -44.84 -11.81 20.23
CA LEU F 124 -46.25 -11.50 20.31
C LEU F 124 -47.03 -12.38 19.34
N PRO F 125 -48.32 -12.62 19.62
CA PRO F 125 -49.13 -13.37 18.66
C PRO F 125 -49.29 -12.60 17.35
N GLU F 126 -49.63 -13.35 16.30
CA GLU F 126 -49.74 -12.76 14.98
C GLU F 126 -50.77 -11.63 14.94
N GLN F 127 -51.81 -11.71 15.79
CA GLN F 127 -52.82 -10.67 15.83
C GLN F 127 -52.24 -9.33 16.29
N MET F 128 -51.15 -9.34 17.04
CA MET F 128 -50.53 -8.11 17.53
C MET F 128 -49.35 -7.66 16.67
N GLY F 129 -49.09 -8.35 15.57
CA GLY F 129 -47.99 -8.01 14.69
C GLY F 129 -46.77 -8.88 14.85
N GLY F 130 -46.82 -9.88 15.73
CA GLY F 130 -45.71 -10.78 15.93
C GLY F 130 -45.78 -11.99 15.01
N LEU F 131 -44.85 -12.92 15.22
CA LEU F 131 -44.84 -14.18 14.50
C LEU F 131 -45.01 -15.38 15.43
N GLY F 132 -45.23 -15.16 16.72
CA GLY F 132 -45.42 -16.23 17.67
C GLY F 132 -44.22 -17.17 17.78
N GLY F 133 -43.04 -16.60 17.99
CA GLY F 133 -41.85 -17.42 18.07
C GLY F 133 -40.71 -16.67 18.73
N GLY F 134 -39.59 -17.37 18.87
CA GLY F 134 -38.41 -16.84 19.51
C GLY F 134 -37.46 -16.18 18.54
N ALA F 135 -36.24 -15.95 19.00
CA ALA F 135 -35.23 -15.28 18.20
C ALA F 135 -33.85 -15.84 18.50
N VAL F 136 -32.98 -15.80 17.50
CA VAL F 136 -31.57 -16.12 17.67
C VAL F 136 -30.77 -14.85 17.43
N TYR F 137 -29.98 -14.45 18.42
CA TYR F 137 -29.14 -13.27 18.31
C TYR F 137 -27.70 -13.76 18.28
N ILE F 138 -27.08 -13.69 17.10
CA ILE F 138 -25.71 -14.16 16.94
C ILE F 138 -24.79 -12.96 17.12
N CYS F 139 -24.04 -12.96 18.21
CA CYS F 139 -23.17 -11.86 18.58
C CYS F 139 -21.73 -12.23 18.24
N THR F 140 -21.01 -11.29 17.65
CA THR F 140 -19.63 -11.54 17.27
C THR F 140 -18.62 -10.77 18.10
N GLU F 141 -19.05 -9.79 18.89
CA GLU F 141 -18.14 -8.90 19.57
C GLU F 141 -18.26 -9.00 21.09
N ASP F 142 -18.71 -7.92 21.73
CA ASP F 142 -18.74 -7.83 23.17
C ASP F 142 -19.84 -8.74 23.73
N VAL F 143 -19.93 -8.78 25.07
CA VAL F 143 -20.97 -9.55 25.71
C VAL F 143 -22.32 -8.95 25.37
N PHE F 144 -23.34 -9.79 25.31
CA PHE F 144 -24.69 -9.31 25.06
C PHE F 144 -25.16 -8.41 26.20
N PRO F 145 -25.87 -7.32 25.89
CA PRO F 145 -26.39 -6.45 26.97
C PRO F 145 -27.65 -7.03 27.59
N ASN F 146 -27.45 -8.07 28.41
CA ASN F 146 -28.58 -8.75 29.05
C ASN F 146 -29.31 -7.79 29.97
N LYS F 147 -28.56 -6.87 30.58
CA LYS F 147 -29.10 -5.84 31.45
C LYS F 147 -30.09 -4.94 30.73
N ARG F 148 -29.75 -4.53 29.50
CA ARG F 148 -30.65 -3.67 28.75
C ARG F 148 -31.89 -4.43 28.29
N LEU F 149 -31.72 -5.70 27.91
CA LEU F 149 -32.85 -6.49 27.43
C LEU F 149 -33.89 -6.70 28.53
N VAL F 150 -33.44 -7.08 29.73
CA VAL F 150 -34.38 -7.33 30.83
C VAL F 150 -35.10 -6.05 31.22
N GLN F 151 -34.43 -4.90 31.11
CA GLN F 151 -35.11 -3.64 31.35
C GLN F 151 -36.23 -3.40 30.34
N MET F 152 -35.98 -3.71 29.07
CA MET F 152 -36.99 -3.53 28.04
C MET F 152 -38.18 -4.46 28.27
N ILE F 153 -37.92 -5.70 28.69
CA ILE F 153 -39.00 -6.64 28.93
C ILE F 153 -39.91 -6.16 30.06
N SER F 154 -39.32 -5.73 31.16
CA SER F 154 -40.11 -5.24 32.29
C SER F 154 -40.95 -4.03 31.90
N GLN F 155 -40.35 -3.09 31.16
CA GLN F 155 -41.11 -1.94 30.69
C GLN F 155 -42.27 -2.36 29.79
N LEU F 156 -42.09 -3.40 28.99
CA LEU F 156 -43.18 -3.86 28.13
C LEU F 156 -44.29 -4.50 28.95
N LYS F 157 -43.93 -5.35 29.93
CA LYS F 157 -44.93 -5.96 30.79
C LYS F 157 -45.65 -4.93 31.65
N GLN F 158 -44.93 -3.89 32.08
CA GLN F 158 -45.55 -2.86 32.92
C GLN F 158 -46.60 -2.07 32.16
N ARG F 159 -46.31 -1.68 30.92
CA ARG F 159 -47.20 -0.86 30.12
C ARG F 159 -48.18 -1.69 29.28
N ALA F 160 -48.08 -3.01 29.33
CA ALA F 160 -48.96 -3.84 28.52
C ALA F 160 -50.38 -3.85 29.10
N HIS F 161 -51.34 -3.68 28.20
CA HIS F 161 -52.75 -3.63 28.54
C HIS F 161 -53.45 -4.96 28.30
N ASP F 162 -52.67 -6.04 28.11
CA ASP F 162 -53.20 -7.37 27.85
C ASP F 162 -52.56 -8.39 28.78
N VAL F 163 -53.38 -9.29 29.33
CA VAL F 163 -52.85 -10.39 30.12
C VAL F 163 -52.03 -11.34 29.26
N LYS F 164 -52.38 -11.47 27.97
CA LYS F 164 -51.61 -12.33 27.07
C LYS F 164 -50.15 -11.92 27.00
N VAL F 165 -49.87 -10.62 27.07
CA VAL F 165 -48.50 -10.13 27.02
C VAL F 165 -47.77 -10.40 28.35
N LYS F 166 -48.47 -10.24 29.48
CA LYS F 166 -47.79 -10.36 30.77
C LYS F 166 -47.26 -11.75 31.04
N ASP F 167 -47.92 -12.79 30.55
CA ASP F 167 -47.51 -14.16 30.84
C ASP F 167 -46.52 -14.73 29.82
N ILE F 168 -45.97 -13.93 28.92
CA ILE F 168 -44.89 -14.36 28.04
C ILE F 168 -43.56 -14.16 28.74
N CYS F 169 -42.74 -15.20 28.76
CA CYS F 169 -41.37 -15.11 29.28
C CYS F 169 -40.45 -14.92 28.08
N PHE F 170 -40.15 -13.66 27.76
CA PHE F 170 -39.39 -13.34 26.57
C PHE F 170 -37.97 -13.88 26.65
N THR F 171 -37.34 -13.78 27.83
CA THR F 171 -35.95 -14.19 27.97
C THR F 171 -35.76 -15.68 27.69
N ASP F 172 -36.80 -16.49 27.90
CA ASP F 172 -36.68 -17.92 27.68
C ASP F 172 -36.61 -18.26 26.21
N ASN F 173 -37.02 -17.34 25.33
CA ASN F 173 -37.09 -17.60 23.90
C ASN F 173 -36.16 -16.72 23.09
N ILE F 174 -35.19 -16.05 23.72
CA ILE F 174 -34.20 -15.25 23.02
C ILE F 174 -32.87 -15.97 23.21
N PHE F 175 -32.36 -16.54 22.12
CA PHE F 175 -31.20 -17.42 22.16
C PHE F 175 -29.97 -16.68 21.64
N ILE F 176 -28.99 -16.48 22.51
CA ILE F 176 -27.78 -15.75 22.17
C ILE F 176 -26.70 -16.73 21.73
N GLU F 177 -26.14 -16.51 20.55
CA GLU F 177 -25.00 -17.26 20.05
C GLU F 177 -23.80 -16.33 19.92
N HIS F 178 -22.61 -16.90 20.03
CA HIS F 178 -21.38 -16.18 19.79
C HIS F 178 -20.59 -16.85 18.66
N ALA F 179 -19.88 -16.03 17.91
CA ALA F 179 -19.06 -16.50 16.79
C ALA F 179 -17.79 -15.68 16.78
N ALA F 180 -16.64 -16.34 16.94
CA ALA F 180 -15.38 -15.62 17.04
C ALA F 180 -14.81 -15.28 15.68
N GLU F 181 -15.00 -16.15 14.69
CA GLU F 181 -14.50 -15.94 13.34
C GLU F 181 -15.59 -16.24 12.34
N LEU F 182 -15.30 -15.92 11.08
CA LEU F 182 -16.28 -16.08 10.02
C LEU F 182 -16.67 -17.54 9.84
N ASP F 183 -15.70 -18.45 9.99
CA ASP F 183 -16.01 -19.87 9.91
C ASP F 183 -16.89 -20.32 11.07
N ASP F 184 -16.63 -19.78 12.26
CA ASP F 184 -17.48 -20.08 13.40
C ASP F 184 -18.89 -19.57 13.17
N LEU F 185 -19.01 -18.38 12.57
CA LEU F 185 -20.32 -17.86 12.20
C LEU F 185 -21.02 -18.79 11.21
N HIS F 186 -20.25 -19.32 10.25
CA HIS F 186 -20.83 -20.25 9.28
C HIS F 186 -21.32 -21.52 9.97
N TYR F 187 -20.60 -21.98 10.99
CA TYR F 187 -21.05 -23.14 11.76
C TYR F 187 -22.39 -22.85 12.44
N CYS F 188 -22.50 -21.70 13.11
CA CYS F 188 -23.76 -21.35 13.77
C CYS F 188 -24.91 -21.26 12.77
N VAL F 189 -24.67 -20.63 11.62
CA VAL F 189 -25.72 -20.42 10.64
C VAL F 189 -26.15 -21.74 10.01
N SER F 190 -25.20 -22.60 9.65
CA SER F 190 -25.53 -23.81 8.91
C SER F 190 -25.93 -24.97 9.81
N LYS F 191 -25.46 -25.01 11.05
CA LYS F 191 -25.74 -26.15 11.94
C LYS F 191 -26.53 -25.77 13.18
N LYS F 192 -26.16 -24.70 13.88
CA LYS F 192 -26.85 -24.36 15.12
C LYS F 192 -28.22 -23.74 14.85
N VAL F 193 -28.26 -22.72 13.99
CA VAL F 193 -29.50 -21.98 13.76
C VAL F 193 -30.63 -22.89 13.26
N PRO F 194 -30.41 -23.79 12.30
CA PRO F 194 -31.54 -24.64 11.86
C PRO F 194 -32.13 -25.48 12.98
N VAL F 195 -31.32 -25.89 13.96
CA VAL F 195 -31.85 -26.60 15.12
C VAL F 195 -32.84 -25.73 15.88
N LEU F 196 -32.45 -24.47 16.16
CA LEU F 196 -33.34 -23.56 16.85
C LEU F 196 -34.57 -23.26 16.00
N LEU F 197 -34.40 -23.15 14.68
CA LEU F 197 -35.53 -22.92 13.80
C LEU F 197 -36.47 -24.12 13.74
N ALA F 198 -35.92 -25.33 13.84
CA ALA F 198 -36.71 -26.55 13.73
C ALA F 198 -37.22 -27.04 15.07
N GLN F 199 -36.37 -27.03 16.11
CA GLN F 199 -36.71 -27.68 17.37
C GLN F 199 -37.21 -26.73 18.45
N ARG F 200 -36.86 -25.43 18.38
CA ARG F 200 -37.29 -24.47 19.39
C ARG F 200 -38.20 -23.38 18.82
N HIS F 201 -38.67 -23.54 17.59
CA HIS F 201 -39.65 -22.62 17.00
C HIS F 201 -39.19 -21.16 17.04
N VAL F 202 -37.94 -20.95 16.65
CA VAL F 202 -37.44 -19.59 16.48
C VAL F 202 -37.99 -19.00 15.18
N LYS F 203 -38.41 -17.74 15.24
CA LYS F 203 -39.01 -17.07 14.10
C LYS F 203 -38.26 -15.80 13.69
N LEU F 204 -37.01 -15.64 14.12
CA LEU F 204 -36.25 -14.43 13.79
C LEU F 204 -34.77 -14.70 13.98
N ILE F 205 -33.97 -14.30 12.99
CA ILE F 205 -32.52 -14.48 13.02
C ILE F 205 -31.84 -13.11 12.96
N ILE F 206 -30.95 -12.84 13.91
CA ILE F 206 -30.20 -11.58 13.96
C ILE F 206 -28.72 -11.91 14.02
N ILE F 207 -27.93 -11.24 13.17
CA ILE F 207 -26.48 -11.41 13.14
C ILE F 207 -25.82 -10.04 13.28
N ASP F 208 -24.91 -9.93 14.26
CA ASP F 208 -24.29 -8.64 14.60
C ASP F 208 -22.87 -8.93 15.11
N SER F 209 -21.87 -8.68 14.27
CA SER F 209 -21.92 -8.14 12.92
C SER F 209 -21.07 -8.98 11.96
N ILE F 210 -21.60 -9.29 10.78
CA ILE F 210 -20.84 -10.09 9.83
C ILE F 210 -19.74 -9.24 9.17
N ALA F 211 -19.98 -7.95 9.00
CA ALA F 211 -18.95 -7.08 8.44
C ALA F 211 -17.79 -6.90 9.41
N ALA F 212 -18.08 -6.87 10.71
CA ALA F 212 -17.01 -6.81 11.71
C ALA F 212 -16.14 -8.05 11.64
N LEU F 213 -16.76 -9.23 11.55
CA LEU F 213 -16.01 -10.47 11.44
C LEU F 213 -15.17 -10.50 10.17
N PHE F 214 -15.77 -10.13 9.04
CA PHE F 214 -15.09 -10.21 7.75
C PHE F 214 -13.82 -9.37 7.73
N ARG F 215 -13.77 -8.29 8.50
CA ARG F 215 -12.64 -7.38 8.50
C ARG F 215 -11.74 -7.53 9.72
N CYS F 216 -12.04 -8.47 10.61
CA CYS F 216 -11.23 -8.63 11.81
C CYS F 216 -9.88 -9.25 11.45
N GLU F 217 -8.83 -8.79 12.14
CA GLU F 217 -7.46 -9.14 11.80
C GLU F 217 -7.02 -10.34 12.64
N HIS F 218 -7.22 -11.54 12.10
CA HIS F 218 -6.61 -12.76 12.63
C HIS F 218 -6.27 -13.62 11.41
N ASP F 219 -4.99 -13.61 11.03
CA ASP F 219 -4.54 -14.01 9.70
C ASP F 219 -4.75 -15.48 9.39
N SER F 220 -5.55 -16.19 10.19
CA SER F 220 -5.84 -17.58 9.89
C SER F 220 -6.68 -17.74 8.62
N GLN F 221 -7.45 -16.72 8.25
CA GLN F 221 -8.31 -16.77 7.08
C GLN F 221 -7.83 -15.78 6.03
N SER F 222 -7.68 -16.26 4.80
CA SER F 222 -7.22 -15.42 3.70
C SER F 222 -8.40 -14.68 3.07
N LEU F 223 -8.07 -13.71 2.23
CA LEU F 223 -9.10 -12.93 1.55
C LEU F 223 -9.96 -13.81 0.67
N GLN F 224 -9.34 -14.72 -0.10
CA GLN F 224 -10.11 -15.68 -0.88
C GLN F 224 -11.02 -16.52 0.01
N GLU F 225 -10.59 -16.81 1.24
CA GLU F 225 -11.39 -17.63 2.14
C GLU F 225 -12.55 -16.86 2.73
N ARG F 226 -12.32 -15.62 3.17
CA ARG F 226 -13.41 -14.82 3.72
C ARG F 226 -14.50 -14.58 2.68
N ALA F 227 -14.11 -14.39 1.41
CA ALA F 227 -15.08 -14.16 0.36
C ALA F 227 -15.95 -15.39 0.14
N ARG F 228 -15.34 -16.58 0.18
CA ARG F 228 -16.12 -17.81 0.06
C ARG F 228 -17.03 -18.01 1.26
N LEU F 229 -16.53 -17.69 2.46
CA LEU F 229 -17.36 -17.78 3.66
C LEU F 229 -18.51 -16.79 3.61
N MET F 230 -18.24 -15.55 3.17
CA MET F 230 -19.30 -14.57 3.01
C MET F 230 -20.43 -15.11 2.13
N GLN F 231 -20.07 -15.59 0.94
CA GLN F 231 -21.07 -16.16 0.04
C GLN F 231 -21.84 -17.30 0.70
N LEU F 232 -21.14 -18.16 1.44
CA LEU F 232 -21.79 -19.30 2.08
C LEU F 232 -22.75 -18.86 3.17
N ILE F 233 -22.33 -17.90 4.01
CA ILE F 233 -23.19 -17.43 5.09
C ILE F 233 -24.40 -16.70 4.53
N ALA F 234 -24.19 -15.85 3.52
CA ALA F 234 -25.29 -15.08 2.94
C ALA F 234 -26.33 -15.99 2.27
N SER F 235 -25.86 -16.97 1.50
CA SER F 235 -26.80 -17.89 0.84
C SER F 235 -27.60 -18.70 1.86
N LYS F 236 -26.92 -19.21 2.90
CA LYS F 236 -27.61 -20.01 3.90
C LYS F 236 -28.67 -19.19 4.64
N LEU F 237 -28.38 -17.92 4.92
CA LEU F 237 -29.36 -17.06 5.59
C LEU F 237 -30.61 -16.90 4.74
N LEU F 238 -30.44 -16.62 3.46
CA LEU F 238 -31.59 -16.50 2.56
C LEU F 238 -32.35 -17.82 2.47
N GLN F 239 -31.62 -18.94 2.38
CA GLN F 239 -32.28 -20.23 2.29
C GLN F 239 -33.06 -20.56 3.57
N LEU F 240 -32.50 -20.22 4.73
CA LEU F 240 -33.23 -20.44 5.98
C LEU F 240 -34.41 -19.50 6.09
N ALA F 241 -34.24 -18.23 5.68
CA ALA F 241 -35.35 -17.28 5.73
C ALA F 241 -36.51 -17.75 4.87
N ASN F 242 -36.22 -18.21 3.65
CA ASN F 242 -37.28 -18.68 2.76
C ASN F 242 -37.90 -19.96 3.28
N GLN F 243 -37.08 -20.92 3.73
CA GLN F 243 -37.59 -22.24 4.09
C GLN F 243 -38.50 -22.18 5.31
N PHE F 244 -38.14 -21.38 6.32
CA PHE F 244 -38.87 -21.34 7.57
C PHE F 244 -39.78 -20.11 7.72
N ASN F 245 -39.86 -19.27 6.68
CA ASN F 245 -40.70 -18.07 6.70
C ASN F 245 -40.37 -17.17 7.89
N VAL F 246 -39.10 -16.77 7.96
CA VAL F 246 -38.63 -15.94 9.07
C VAL F 246 -37.82 -14.78 8.51
N PRO F 247 -37.75 -13.64 9.20
CA PRO F 247 -36.85 -12.57 8.78
C PRO F 247 -35.41 -12.84 9.23
N ALA F 248 -34.47 -12.53 8.33
CA ALA F 248 -33.05 -12.55 8.64
C ALA F 248 -32.54 -11.11 8.64
N ILE F 249 -31.92 -10.69 9.74
CA ILE F 249 -31.49 -9.32 9.95
C ILE F 249 -30.00 -9.31 10.25
N CYS F 250 -29.24 -8.57 9.45
CA CYS F 250 -27.81 -8.41 9.66
C CYS F 250 -27.54 -6.96 10.08
N VAL F 251 -26.94 -6.78 11.24
CA VAL F 251 -26.51 -5.47 11.72
C VAL F 251 -25.05 -5.27 11.33
N ASN F 252 -24.73 -4.05 10.90
CA ASN F 252 -23.40 -3.77 10.37
C ASN F 252 -23.03 -2.31 10.63
N GLN F 253 -21.74 -2.07 10.85
CA GLN F 253 -21.24 -0.71 10.90
C GLN F 253 -21.24 -0.14 9.49
N VAL F 254 -21.85 1.04 9.33
CA VAL F 254 -21.97 1.64 8.01
C VAL F 254 -20.58 1.84 7.40
N SER F 255 -19.59 2.14 8.24
CA SER F 255 -18.22 2.26 7.78
C SER F 255 -17.67 0.94 7.26
N ASP F 256 -18.35 -0.18 7.49
CA ASP F 256 -17.88 -1.49 7.08
C ASP F 256 -18.54 -2.02 5.82
N VAL F 257 -19.63 -1.40 5.34
CA VAL F 257 -20.31 -1.84 4.14
C VAL F 257 -20.45 -0.74 3.10
N VAL F 258 -20.02 0.48 3.41
CA VAL F 258 -20.09 1.60 2.47
C VAL F 258 -18.71 2.24 2.39
N GLU F 259 -18.17 2.35 1.18
CA GLU F 259 -16.87 2.97 0.97
C GLU F 259 -16.96 4.47 1.26
N GLN F 260 -15.88 5.03 1.80
CA GLN F 260 -15.85 6.40 2.27
C GLN F 260 -14.88 7.23 1.44
N HIS F 261 -15.09 8.55 1.45
CA HIS F 261 -14.54 9.40 0.42
C HIS F 261 -13.03 9.59 0.55
N PRO F 262 -12.33 9.85 -0.58
CA PRO F 262 -10.86 9.93 -0.58
C PRO F 262 -10.23 10.92 0.39
N SER F 263 -11.00 11.83 0.97
CA SER F 263 -10.45 12.66 2.04
C SER F 263 -10.30 11.84 3.31
N LEU F 264 -11.26 10.95 3.58
CA LEU F 264 -11.18 10.08 4.76
C LEU F 264 -9.94 9.20 4.71
N LEU F 265 -9.57 8.73 3.52
CA LEU F 265 -8.35 7.94 3.36
C LEU F 265 -7.14 8.75 3.81
N HIS F 266 -6.00 8.07 4.00
CA HIS F 266 -5.69 6.64 3.95
C HIS F 266 -6.50 5.91 4.99
N GLN F 267 -6.80 4.64 4.72
CA GLN F 267 -7.83 3.94 5.50
C GLN F 267 -7.49 3.96 7.00
N ARG F 268 -6.38 3.36 7.42
CA ARG F 268 -5.46 2.37 6.85
C ARG F 268 -5.78 1.07 7.57
N LYS F 269 -6.90 0.48 7.20
CA LYS F 269 -7.29 -0.85 7.62
C LYS F 269 -7.10 -1.78 6.44
N VAL F 270 -6.38 -2.88 6.67
CA VAL F 270 -5.89 -3.66 5.53
C VAL F 270 -7.03 -4.40 4.84
N ILE F 271 -8.07 -4.79 5.57
CA ILE F 271 -9.14 -5.58 4.96
C ILE F 271 -10.19 -4.65 4.35
N PRO F 272 -10.54 -4.84 3.07
CA PRO F 272 -11.50 -3.93 2.43
C PRO F 272 -12.90 -4.11 3.00
N THR F 273 -13.76 -3.15 2.68
CA THR F 273 -15.12 -3.13 3.17
C THR F 273 -15.99 -4.15 2.42
N LEU F 274 -17.08 -4.56 3.07
CA LEU F 274 -18.08 -5.44 2.49
C LEU F 274 -18.63 -4.86 1.18
N GLY F 275 -18.08 -5.33 0.06
CA GLY F 275 -18.39 -4.86 -1.27
C GLY F 275 -19.77 -5.11 -1.82
N ILE F 276 -19.88 -4.97 -3.16
CA ILE F 276 -21.15 -5.10 -3.86
C ILE F 276 -21.64 -6.55 -3.85
N SER F 277 -20.72 -7.51 -3.75
CA SER F 277 -21.13 -8.91 -3.67
C SER F 277 -21.99 -9.17 -2.44
N TRP F 278 -21.67 -8.54 -1.31
CA TRP F 278 -22.54 -8.64 -0.14
C TRP F 278 -23.88 -7.96 -0.39
N ALA F 279 -23.85 -6.72 -0.92
CA ALA F 279 -25.07 -5.98 -1.17
C ALA F 279 -26.03 -6.74 -2.10
N ASN F 280 -25.49 -7.51 -3.04
CA ASN F 280 -26.33 -8.29 -3.95
C ASN F 280 -27.17 -9.33 -3.22
N HIS F 281 -26.86 -9.65 -1.97
CA HIS F 281 -27.67 -10.57 -1.19
C HIS F 281 -28.69 -9.86 -0.32
N VAL F 282 -28.55 -8.57 -0.12
CA VAL F 282 -29.41 -7.83 0.80
C VAL F 282 -30.69 -7.44 0.06
N THR F 283 -31.83 -7.81 0.65
CA THR F 283 -33.12 -7.41 0.08
C THR F 283 -33.42 -5.95 0.39
N VAL F 284 -33.27 -5.56 1.64
CA VAL F 284 -33.57 -4.21 2.09
C VAL F 284 -32.42 -3.74 2.98
N ARG F 285 -31.85 -2.58 2.65
CA ARG F 285 -30.79 -2.00 3.47
C ARG F 285 -31.24 -0.66 4.01
N LEU F 286 -31.27 -0.55 5.33
CA LEU F 286 -31.61 0.66 6.06
C LEU F 286 -30.36 1.23 6.70
N MET F 287 -30.38 2.54 6.93
CA MET F 287 -29.28 3.22 7.61
C MET F 287 -29.85 4.08 8.73
N LEU F 288 -29.27 3.94 9.93
CA LEU F 288 -29.65 4.76 11.07
C LEU F 288 -28.54 5.76 11.34
N MET F 289 -28.91 7.02 11.51
CA MET F 289 -27.96 8.08 11.80
C MET F 289 -28.49 8.95 12.94
N ARG F 290 -27.55 9.62 13.61
CA ARG F 290 -27.87 10.64 14.59
C ARG F 290 -28.00 11.98 13.89
N THR F 291 -28.80 12.87 14.47
CA THR F 291 -28.88 14.25 14.02
C THR F 291 -28.44 15.17 15.15
N ASN F 292 -28.25 16.44 14.81
CA ASN F 292 -27.88 17.42 15.82
C ASN F 292 -29.07 17.86 16.66
N TYR F 293 -30.29 17.63 16.18
CA TYR F 293 -31.46 18.09 16.89
C TYR F 293 -31.69 17.23 18.13
N LYS F 294 -32.22 17.85 19.17
CA LYS F 294 -32.50 17.16 20.43
C LYS F 294 -33.94 17.41 20.82
N LEU F 295 -34.50 16.43 21.53
CA LEU F 295 -35.90 16.50 21.93
C LEU F 295 -35.94 16.48 23.46
N PRO F 296 -36.54 17.48 24.10
CA PRO F 296 -36.59 17.49 25.57
C PRO F 296 -37.61 16.51 26.15
N VAL F 297 -37.15 15.70 27.09
CA VAL F 297 -38.00 14.85 27.92
C VAL F 297 -37.74 15.26 29.35
N GLN F 298 -38.79 15.48 30.13
CA GLN F 298 -38.59 15.78 31.53
C GLN F 298 -38.32 14.46 32.24
N GLN F 299 -37.14 14.33 32.85
CA GLN F 299 -36.80 13.17 33.68
C GLN F 299 -37.11 11.84 32.98
N LYS F 300 -37.18 10.74 33.74
CA LYS F 300 -37.42 9.42 33.17
C LYS F 300 -38.51 8.63 33.89
N ASN F 301 -39.10 9.16 34.95
CA ASN F 301 -40.12 8.45 35.74
C ASN F 301 -39.49 7.19 36.32
N ILE F 302 -40.24 6.07 36.33
CA ILE F 302 -39.92 4.82 37.02
C ILE F 302 -39.97 5.04 38.53
N GLU F 303 -41.15 5.29 39.06
CA GLU F 303 -42.40 5.57 38.36
C GLU F 303 -43.10 6.74 39.02
N GLY F 304 -43.59 7.68 38.21
CA GLY F 304 -44.35 8.77 38.75
C GLY F 304 -43.50 9.80 39.47
N ASP F 305 -42.29 10.05 38.97
CA ASP F 305 -41.43 11.04 39.62
C ASP F 305 -41.28 12.25 38.72
N VAL F 306 -40.63 13.28 39.26
CA VAL F 306 -40.35 14.51 38.54
C VAL F 306 -39.03 15.05 39.07
N ILE F 307 -38.04 15.15 38.19
CA ILE F 307 -36.72 15.65 38.59
C ILE F 307 -36.34 16.88 37.79
N GLY F 308 -36.29 16.75 36.47
CA GLY F 308 -35.88 17.88 35.64
C GLY F 308 -35.81 17.50 34.18
N SER F 309 -35.40 18.48 33.38
CA SER F 309 -35.31 18.31 31.93
C SER F 309 -34.20 17.34 31.55
N LEU F 310 -34.49 16.46 30.59
CA LEU F 310 -33.50 15.60 29.95
C LEU F 310 -33.59 15.77 28.45
N ASP F 311 -32.51 15.39 27.76
CA ASP F 311 -32.44 15.46 26.31
C ASP F 311 -32.36 14.06 25.70
N VAL F 312 -33.16 13.81 24.67
CA VAL F 312 -32.95 12.64 23.81
C VAL F 312 -32.60 13.14 22.43
N GLN F 313 -31.66 12.47 21.78
CA GLN F 313 -31.24 12.84 20.45
C GLN F 313 -32.23 12.33 19.42
N ILE F 314 -32.58 13.18 18.46
CA ILE F 314 -33.44 12.77 17.36
C ILE F 314 -32.59 12.05 16.33
N ARG F 315 -33.06 10.87 15.90
CA ARG F 315 -32.33 10.03 14.96
C ARG F 315 -33.17 9.80 13.72
N THR F 316 -32.49 9.49 12.62
CA THR F 316 -33.16 9.25 11.34
C THR F 316 -32.91 7.82 10.88
N MET F 317 -33.89 7.29 10.16
CA MET F 317 -33.79 6.01 9.47
C MET F 317 -34.04 6.25 7.99
N GLU F 318 -33.16 5.72 7.16
CA GLU F 318 -33.21 5.96 5.73
C GLU F 318 -33.18 4.62 5.01
N VAL F 319 -33.96 4.51 3.95
CA VAL F 319 -33.94 3.33 3.08
C VAL F 319 -32.88 3.58 2.02
N LEU F 320 -31.75 2.88 2.14
CA LEU F 320 -30.71 2.99 1.12
C LEU F 320 -31.14 2.27 -0.16
N PHE F 321 -31.70 1.07 -0.01
CA PHE F 321 -32.42 0.46 -1.12
C PHE F 321 -33.39 -0.57 -0.58
N ALA F 322 -34.48 -0.77 -1.32
CA ALA F 322 -35.51 -1.77 -1.05
C ALA F 322 -36.37 -1.89 -2.30
N PRO F 323 -36.84 -3.10 -2.63
CA PRO F 323 -37.63 -3.27 -3.86
C PRO F 323 -38.96 -2.53 -3.85
N HIS F 324 -39.47 -2.14 -2.68
CA HIS F 324 -40.79 -1.57 -2.57
C HIS F 324 -40.86 -0.29 -1.75
N LEU F 325 -39.73 0.22 -1.25
CA LEU F 325 -39.75 1.43 -0.44
C LEU F 325 -39.01 2.56 -1.13
N PRO F 326 -39.49 3.80 -1.00
CA PRO F 326 -38.72 4.94 -1.52
C PRO F 326 -37.52 5.22 -0.63
N ASN F 327 -36.59 6.01 -1.19
CA ASN F 327 -35.41 6.45 -0.44
C ASN F 327 -35.83 7.60 0.49
N SER F 328 -36.63 7.25 1.48
CA SER F 328 -37.24 8.20 2.39
C SER F 328 -36.52 8.21 3.73
N LEU F 329 -36.91 9.16 4.58
CA LEU F 329 -36.36 9.30 5.91
C LEU F 329 -37.49 9.30 6.93
N CYS F 330 -37.19 8.76 8.11
CA CYS F 330 -38.15 8.70 9.20
C CYS F 330 -37.41 8.94 10.51
N ARG F 331 -38.01 9.74 11.38
CA ARG F 331 -37.38 10.07 12.65
C ARG F 331 -37.78 9.07 13.72
N PHE F 332 -36.87 8.88 14.68
CA PHE F 332 -37.16 8.04 15.84
C PHE F 332 -36.23 8.46 16.97
N ILE F 333 -36.56 7.97 18.17
CA ILE F 333 -35.78 8.23 19.37
C ILE F 333 -35.61 6.91 20.11
N VAL F 334 -34.72 6.93 21.10
CA VAL F 334 -34.49 5.79 21.97
C VAL F 334 -34.68 6.21 23.42
N ASP F 335 -35.47 5.45 24.17
CA ASP F 335 -35.69 5.66 25.60
C ASP F 335 -35.66 4.28 26.26
N GLN F 336 -36.20 4.16 27.48
CA GLN F 336 -36.19 2.88 28.19
C GLN F 336 -37.03 1.83 27.48
N ASP F 337 -38.19 2.25 26.98
CA ASP F 337 -39.08 1.29 26.37
C ASP F 337 -38.44 0.76 25.10
N GLY F 338 -37.60 1.56 24.48
CA GLY F 338 -36.94 1.16 23.27
C GLY F 338 -37.00 2.23 22.19
N VAL F 339 -37.29 1.79 20.98
CA VAL F 339 -37.29 2.63 19.80
C VAL F 339 -38.71 3.11 19.55
N LYS F 340 -38.89 4.43 19.48
CA LYS F 340 -40.18 5.04 19.21
C LYS F 340 -40.04 6.03 18.07
N GLY F 341 -41.00 6.00 17.13
CA GLY F 341 -41.03 6.96 16.06
C GLY F 341 -41.56 8.30 16.50
N LEU F 342 -41.46 9.28 15.60
CA LEU F 342 -41.89 10.63 15.91
C LEU F 342 -43.06 11.05 15.01
N PRO F 343 -44.14 11.60 15.58
CA PRO F 343 -45.33 11.91 14.77
C PRO F 343 -45.19 13.20 13.99
N ALA F 344 -46.25 14.02 14.03
CA ALA F 344 -46.26 15.31 13.35
C ALA F 344 -47.35 16.22 13.93
PB ADP G . 29.44 -24.72 17.89
O1B ADP G . 30.61 -23.78 18.10
O2B ADP G . 29.24 -25.18 16.47
O3B ADP G . 29.33 -25.81 18.93
PA ADP G . 28.18 -22.46 19.04
O1A ADP G . 28.48 -21.33 18.09
O2A ADP G . 29.00 -22.68 20.28
O3A ADP G . 28.14 -23.81 18.17
O5' ADP G . 26.63 -22.40 19.46
C5' ADP G . 25.73 -21.50 18.82
C4' ADP G . 24.37 -21.67 19.48
O4' ADP G . 24.34 -20.96 20.71
C3' ADP G . 23.23 -21.12 18.65
O3' ADP G . 22.68 -22.11 17.77
C2' ADP G . 22.22 -20.70 19.70
O2' ADP G . 21.37 -21.80 20.01
C1' ADP G . 23.07 -20.37 20.92
N9 ADP G . 23.20 -18.89 20.94
C8 ADP G . 24.12 -18.19 20.27
N7 ADP G . 23.96 -16.85 20.49
C5 ADP G . 22.92 -16.70 21.32
C6 ADP G . 22.23 -15.57 21.95
N6 ADP G . 22.64 -14.29 21.73
N1 ADP G . 21.18 -15.84 22.78
C2 ADP G . 20.78 -17.10 23.01
N3 ADP G . 21.36 -18.18 22.46
C4 ADP G . 22.42 -18.05 21.62
BE BEF H . 31.49 -23.51 17.04
F1 BEF H . 31.32 -24.43 15.84
F2 BEF H . 33.01 -23.72 17.51
F3 BEF H . 31.35 -21.98 16.71
PB ADP I . 13.70 -20.58 -4.15
O1B ADP I . 14.97 -20.13 -4.82
O2B ADP I . 12.77 -21.34 -5.07
O3B ADP I . 13.89 -21.20 -2.80
PA ADP I . 12.63 -18.07 -4.87
O1A ADP I . 13.56 -16.91 -4.61
O2A ADP I . 12.54 -18.71 -6.24
O3A ADP I . 12.92 -19.22 -3.79
O5' ADP I . 11.17 -17.62 -4.41
C5' ADP I . 10.03 -18.04 -5.15
C4' ADP I . 8.80 -17.62 -4.37
O4' ADP I . 8.77 -16.20 -4.30
C3' ADP I . 7.54 -18.08 -5.05
O3' ADP I . 6.72 -18.80 -4.12
C2' ADP I . 6.82 -16.81 -5.48
O2' ADP I . 5.44 -16.88 -5.15
C1' ADP I . 7.50 -15.70 -4.70
N9 ADP I . 7.66 -14.48 -5.51
C8 ADP I . 8.52 -14.31 -6.55
N7 ADP I . 8.39 -13.06 -7.07
C5 ADP I . 7.45 -12.40 -6.36
C6 ADP I . 6.84 -11.06 -6.38
N6 ADP I . 7.21 -10.13 -7.29
N1 ADP I . 5.88 -10.80 -5.46
C2 ADP I . 5.49 -11.72 -4.56
N3 ADP I . 6.00 -12.96 -4.49
C4 ADP I . 6.97 -13.35 -5.35
BE BEF J . 15.58 -20.84 -5.87
F1 BEF J . 15.33 -22.32 -6.07
F2 BEF J . 17.13 -20.72 -5.48
F3 BEF J . 15.35 -19.95 -7.16
PB ADP K . 2.20 35.74 -9.73
O1B ADP K . 2.19 37.04 -8.96
O2B ADP K . 1.00 35.54 -10.61
O3B ADP K . 2.55 34.52 -8.89
PA ADP K . 4.85 35.22 -10.57
O1A ADP K . 5.30 35.55 -9.16
O2A ADP K . 4.76 33.78 -11.00
O3A ADP K . 3.42 35.92 -10.77
O5' ADP K . 5.83 36.02 -11.58
C5' ADP K . 5.87 35.75 -12.97
C4' ADP K . 6.76 36.79 -13.64
O4' ADP K . 8.08 36.78 -13.08
C3' ADP K . 6.98 36.55 -15.12
O3' ADP K . 5.92 37.05 -15.93
C2' ADP K . 8.28 37.30 -15.37
O2' ADP K . 7.97 38.68 -15.55
C1' ADP K . 9.04 37.12 -14.08
N9 ADP K . 9.99 36.00 -14.32
C8 ADP K . 9.72 34.71 -14.09
N7 ADP K . 10.78 33.92 -14.43
C5 ADP K . 11.74 34.73 -14.89
C6 ADP K . 13.11 34.54 -15.41
N6 ADP K . 13.64 33.30 -15.50
N1 ADP K . 13.80 35.64 -15.79
C2 ADP K . 13.26 36.87 -15.70
N3 ADP K . 12.02 37.11 -15.24
C4 ADP K . 11.23 36.10 -14.82
BE BEF L . 1.86 33.30 -8.75
F1 BEF L . 0.51 33.53 -9.41
F2 BEF L . 1.53 32.36 -7.50
F3 BEF L . 2.88 32.48 -9.64
PB ADP M . -6.10 30.78 -35.47
O1B ADP M . -5.67 31.85 -34.49
O2B ADP M . -6.78 29.59 -34.84
O3B ADP M . -6.79 31.30 -36.70
PA ADP M . -4.63 29.17 -37.25
O1A ADP M . -5.97 29.14 -37.95
O2A ADP M . -4.02 27.90 -36.73
O3A ADP M . -4.71 30.23 -36.04
O5' ADP M . -3.59 29.91 -38.22
C5' ADP M . -4.03 30.41 -39.48
C4' ADP M . -2.88 31.09 -40.21
O4' ADP M . -1.91 30.10 -40.57
C3' ADP M . -3.35 31.76 -41.49
O3' ADP M . -2.92 33.13 -41.49
C2' ADP M . -2.66 31.02 -42.62
O2' ADP M . -2.10 31.96 -43.55
C1' ADP M . -1.56 30.22 -41.95
N9 ADP M . -1.43 28.86 -42.55
C8 ADP M . -2.33 27.88 -42.47
N7 ADP M . -1.90 26.76 -43.11
C5 ADP M . -0.68 27.04 -43.62
C6 ADP M . 0.34 26.31 -44.41
N6 ADP M . 0.14 25.03 -44.80
N1 ADP M . 1.48 26.97 -44.73
C2 ADP M . 1.68 28.24 -44.35
N3 ADP M . 0.81 28.96 -43.63
C4 ADP M . -0.38 28.42 -43.24
BE BEF N . -8.07 29.58 -34.27
F1 BEF N . -8.87 30.84 -34.52
F2 BEF N . -8.24 29.28 -32.70
F3 BEF N . -8.59 28.30 -35.02
PB ADP O . -32.10 -3.50 -7.93
O1B ADP O . -31.44 -2.88 -9.13
O2B ADP O . -33.09 -4.59 -8.25
O3B ADP O . -31.15 -3.85 -6.80
PA ADP O . -34.57 -2.19 -7.37
O1A ADP O . -35.03 -2.37 -8.79
O2A ADP O . -35.12 -3.07 -6.26
O3A ADP O . -32.96 -2.29 -7.30
O5' ADP O . -34.76 -0.64 -6.97
C5' ADP O . -35.20 -0.23 -5.68
C4' ADP O . -35.25 1.30 -5.67
O4' ADP O . -36.45 1.73 -6.33
C3' ADP O . -35.32 1.90 -4.27
O3' ADP O . -34.01 2.22 -3.77
C2' ADP O . -36.13 3.16 -4.48
O2' ADP O . -35.26 4.26 -4.78
C1' ADP O . -37.01 2.87 -5.68
N9 ADP O . -38.34 2.52 -5.16
C8 ADP O . -38.74 1.30 -4.81
N7 ADP O . -40.02 1.30 -4.35
C5 ADP O . -40.46 2.57 -4.41
C6 ADP O . -41.72 3.28 -4.08
N6 ADP O . -42.79 2.61 -3.59
N1 ADP O . -41.76 4.61 -4.30
C2 ADP O . -40.71 5.28 -4.79
N3 ADP O . -39.54 4.70 -5.10
C4 ADP O . -39.35 3.38 -4.94
BE BEF P . -32.96 -5.89 -7.74
F1 BEF P . -31.66 -6.21 -7.02
F2 BEF P . -33.09 -7.01 -8.87
F3 BEF P . -34.24 -6.02 -6.83
PB ADP Q . -25.37 0.50 18.23
O1B ADP Q . -25.57 1.34 16.99
O2B ADP Q . -23.94 0.33 18.66
O3B ADP Q . -26.16 -0.78 18.22
PA ADP Q . -27.19 0.92 20.37
O1A ADP Q . -28.28 0.26 19.57
O2A ADP Q . -26.55 0.20 21.53
O3A ADP Q . -26.01 1.41 19.39
O5' ADP Q . -27.75 2.35 20.87
C5' ADP Q . -27.10 3.06 21.92
C4' ADP Q . -27.72 4.45 21.97
O4' ADP Q . -29.05 4.35 22.47
C3' ADP Q . -26.93 5.39 22.87
O3' ADP Q . -26.37 6.46 22.11
C2' ADP Q . -27.96 5.95 23.84
O2' ADP Q . -27.99 7.37 23.75
C1' ADP Q . -29.30 5.36 23.44
N9 ADP Q . -29.99 4.77 24.61
C8 ADP Q . -29.83 3.50 25.05
N7 ADP Q . -30.61 3.26 26.14
C5 ADP Q . -31.28 4.40 26.41
C6 ADP Q . -32.27 4.84 27.42
N6 ADP Q . -32.69 3.99 28.39
N1 ADP Q . -32.72 6.11 27.35
C2 ADP Q . -32.30 6.96 26.40
N3 ADP Q . -31.41 6.62 25.45
C4 ADP Q . -30.87 5.39 25.40
#